data_9IVS
#
_entry.id   9IVS
#
_cell.length_a   1.00
_cell.length_b   1.00
_cell.length_c   1.00
_cell.angle_alpha   90.00
_cell.angle_beta   90.00
_cell.angle_gamma   90.00
#
_symmetry.space_group_name_H-M   'P 1'
#
loop_
_entity.id
_entity.type
_entity.pdbx_description
1 polymer 'Ras GTPase-activating protein-binding protein 1'
2 polymer 'Polyprotein P1234'
#
loop_
_entity_poly.entity_id
_entity_poly.type
_entity_poly.pdbx_seq_one_letter_code
_entity_poly.pdbx_strand_id
1 'polypeptide(L)'
;GASMVMEKPSPLLVGREFVRQYYTLLNQAPDMLHRFYGKNSSYVHGGLDSNGKPADAVYGQKEIHRKVMSQNFTNCHTKI
RHVDAHATLNDGVVVQVMGLLSNNNQALRRFMQTFVLAPEGSVANKFYVHNDIFRYQDEVF
;
A,C,D,B,P,N,M,O,T,R,Q,S,E,G,H,F
2 'polypeptide(L)' GPLGSETFPITFGDFNDGEIESLSSELLTFGDFLPGEVDDLTDSDWSTHHHHHH L,I,V,U,X,W,J,K
#
# COMPACT_ATOMS: atom_id res chain seq x y z
N LYS A 8 37.44 1.82 35.34
CA LYS A 8 36.69 0.70 34.71
C LYS A 8 35.82 1.25 33.57
N PRO A 9 35.96 0.85 32.28
CA PRO A 9 35.07 1.38 31.24
C PRO A 9 33.63 0.90 31.45
N SER A 10 32.66 1.74 31.09
CA SER A 10 31.22 1.36 31.24
C SER A 10 30.92 0.18 30.31
N PRO A 11 29.98 -0.71 30.67
CA PRO A 11 29.62 -1.83 29.80
C PRO A 11 29.09 -1.27 28.47
N LEU A 12 28.33 -0.18 28.53
CA LEU A 12 27.79 0.47 27.30
C LEU A 12 28.95 0.75 26.34
N LEU A 13 30.07 1.24 26.87
CA LEU A 13 31.21 1.59 26.03
C LEU A 13 31.90 0.36 25.49
N VAL A 14 32.14 -0.63 26.35
CA VAL A 14 32.81 -1.85 25.91
C VAL A 14 31.98 -2.57 24.86
N GLY A 15 30.67 -2.68 25.10
CA GLY A 15 29.82 -3.34 24.13
C GLY A 15 29.78 -2.62 22.79
N ARG A 16 29.70 -1.29 22.82
CA ARG A 16 29.67 -0.54 21.56
C ARG A 16 30.97 -0.71 20.79
N GLU A 17 32.10 -0.62 21.49
CA GLU A 17 33.38 -0.79 20.81
C GLU A 17 33.50 -2.18 20.23
N PHE A 18 33.10 -3.22 20.98
CA PHE A 18 33.20 -4.56 20.44
C PHE A 18 32.27 -4.75 19.26
N VAL A 19 31.06 -4.18 19.31
CA VAL A 19 30.15 -4.32 18.19
C VAL A 19 30.75 -3.69 16.95
N ARG A 20 31.32 -2.50 17.10
CA ARG A 20 31.94 -1.80 15.95
C ARG A 20 33.07 -2.66 15.38
N GLN A 21 33.97 -3.15 16.25
CA GLN A 21 35.12 -3.91 15.76
C GLN A 21 34.68 -5.22 15.13
N TYR A 22 33.73 -5.92 15.73
CA TYR A 22 33.30 -7.21 15.22
C TYR A 22 32.61 -7.07 13.88
N TYR A 23 31.66 -6.14 13.76
CA TYR A 23 30.93 -6.02 12.52
C TYR A 23 31.69 -5.24 11.46
N THR A 24 32.86 -4.70 11.79
CA THR A 24 33.76 -4.24 10.74
C THR A 24 34.70 -5.34 10.28
N LEU A 25 35.28 -6.08 11.21
CA LEU A 25 36.18 -7.17 10.85
C LEU A 25 35.43 -8.29 10.13
N LEU A 26 34.15 -8.45 10.41
CA LEU A 26 33.36 -9.44 9.69
C LEU A 26 33.26 -9.08 8.22
N ASN A 27 33.08 -7.79 7.92
CA ASN A 27 33.06 -7.35 6.54
C ASN A 27 34.44 -7.48 5.90
N GLN A 28 35.47 -6.98 6.58
CA GLN A 28 36.77 -6.86 5.92
C GLN A 28 37.53 -8.18 5.87
N ALA A 29 37.85 -8.75 7.03
CA ALA A 29 38.68 -9.94 7.11
C ALA A 29 37.96 -11.00 7.95
N PRO A 30 37.01 -11.72 7.35
CA PRO A 30 36.29 -12.74 8.11
C PRO A 30 37.18 -13.84 8.66
N ASP A 31 38.26 -14.17 7.96
CA ASP A 31 39.16 -15.22 8.43
C ASP A 31 39.85 -14.85 9.73
N MET A 32 39.92 -13.57 10.07
CA MET A 32 40.55 -13.11 11.30
C MET A 32 39.57 -13.02 12.46
N LEU A 33 38.32 -13.43 12.27
CA LEU A 33 37.35 -13.39 13.36
C LEU A 33 37.68 -14.40 14.44
N HIS A 34 38.38 -15.48 14.09
CA HIS A 34 38.64 -16.54 15.05
C HIS A 34 39.50 -16.06 16.21
N ARG A 35 40.16 -14.92 16.07
CA ARG A 35 41.00 -14.39 17.13
C ARG A 35 40.25 -13.52 18.13
N PHE A 36 38.97 -13.26 17.89
CA PHE A 36 38.14 -12.62 18.91
C PHE A 36 37.89 -13.56 20.08
N TYR A 37 37.67 -14.83 19.80
CA TYR A 37 37.28 -15.79 20.81
C TYR A 37 38.50 -16.31 21.56
N GLY A 38 38.27 -17.26 22.45
CA GLY A 38 39.35 -17.90 23.17
C GLY A 38 39.10 -19.37 23.34
N LYS A 39 39.88 -20.02 24.21
CA LYS A 39 39.62 -21.42 24.53
C LYS A 39 38.28 -21.55 25.22
N ASN A 40 37.62 -22.67 24.97
CA ASN A 40 36.30 -23.01 25.52
C ASN A 40 35.34 -21.81 25.44
N SER A 41 35.03 -21.43 24.21
CA SER A 41 34.06 -20.40 23.91
C SER A 41 32.99 -20.95 22.99
N SER A 42 31.74 -20.55 23.23
CA SER A 42 30.62 -21.07 22.45
C SER A 42 30.32 -20.15 21.27
N TYR A 43 30.11 -20.74 20.11
CA TYR A 43 29.84 -20.01 18.86
C TYR A 43 28.74 -20.75 18.12
N VAL A 44 27.50 -20.30 18.32
CA VAL A 44 26.31 -21.00 17.77
C VAL A 44 25.91 -20.43 16.40
N HIS A 45 26.62 -19.42 15.90
CA HIS A 45 26.25 -18.78 14.61
C HIS A 45 25.92 -19.86 13.57
N GLY A 46 24.74 -19.79 12.95
CA GLY A 46 24.31 -20.77 11.99
C GLY A 46 22.82 -20.70 11.72
N GLY A 47 22.16 -21.85 11.72
CA GLY A 47 20.73 -21.90 11.48
C GLY A 47 20.15 -23.29 11.65
N LEU A 48 19.22 -23.66 10.79
CA LEU A 48 18.57 -24.96 10.87
C LEU A 48 19.47 -26.03 10.28
N ASP A 49 19.66 -27.11 11.04
CA ASP A 49 20.53 -28.23 10.57
C ASP A 49 19.68 -29.22 9.80
N SER A 50 20.26 -30.36 9.41
CA SER A 50 19.52 -31.38 8.68
C SER A 50 18.41 -31.99 9.54
N ASN A 51 18.68 -32.11 10.84
CA ASN A 51 17.67 -32.69 11.77
C ASN A 51 16.67 -31.59 12.15
N GLY A 52 16.70 -30.46 11.45
CA GLY A 52 15.81 -29.34 11.77
C GLY A 52 15.99 -28.90 13.22
N LYS A 53 17.22 -28.50 13.58
CA LYS A 53 17.50 -28.08 14.97
C LYS A 53 18.38 -26.82 14.99
N PRO A 54 18.41 -25.98 16.06
CA PRO A 54 19.31 -24.83 16.11
C PRO A 54 20.76 -25.27 15.87
N ALA A 55 21.55 -24.43 15.20
CA ALA A 55 22.97 -24.77 14.95
C ALA A 55 23.67 -25.14 16.26
N ASP A 56 24.51 -26.19 16.22
CA ASP A 56 25.25 -26.62 17.44
C ASP A 56 26.31 -25.57 17.80
N ALA A 57 26.78 -25.58 19.04
CA ALA A 57 27.84 -24.64 19.46
C ALA A 57 29.21 -25.24 19.12
N VAL A 58 30.08 -24.45 18.48
CA VAL A 58 31.46 -24.96 18.23
C VAL A 58 32.38 -24.35 19.30
N TYR A 59 33.23 -25.18 19.91
CA TYR A 59 34.08 -24.65 20.98
C TYR A 59 35.54 -24.68 20.53
N GLY A 60 36.29 -23.66 20.95
CA GLY A 60 37.69 -23.59 20.62
C GLY A 60 37.94 -22.86 19.32
N GLN A 61 39.08 -22.14 19.25
CA GLN A 61 39.38 -21.36 18.05
C GLN A 61 39.44 -22.24 16.81
N LYS A 62 39.85 -23.50 16.99
CA LYS A 62 39.93 -24.44 15.84
C LYS A 62 38.54 -24.58 15.19
N GLU A 63 37.52 -24.96 15.98
CA GLU A 63 36.19 -25.18 15.42
C GLU A 63 35.55 -23.86 15.04
N ILE A 64 35.84 -22.80 15.79
CA ILE A 64 35.24 -21.50 15.47
C ILE A 64 35.71 -21.03 14.11
N HIS A 65 37.01 -21.08 13.85
CA HIS A 65 37.52 -20.68 12.54
C HIS A 65 36.97 -21.57 11.45
N ARG A 66 36.91 -22.88 11.70
CA ARG A 66 36.38 -23.78 10.68
C ARG A 66 34.94 -23.44 10.33
N LYS A 67 34.10 -23.21 11.35
CA LYS A 67 32.71 -22.84 11.11
C LYS A 67 32.61 -21.50 10.41
N VAL A 68 33.43 -20.53 10.81
CA VAL A 68 33.40 -19.21 10.19
C VAL A 68 33.73 -19.31 8.71
N MET A 69 34.77 -20.07 8.37
CA MET A 69 35.11 -20.25 6.96
C MET A 69 34.02 -21.01 6.22
N SER A 70 33.34 -21.94 6.90
CA SER A 70 32.24 -22.63 6.26
C SER A 70 31.09 -21.68 5.93
N GLN A 71 30.84 -20.69 6.80
CA GLN A 71 29.76 -19.75 6.53
C GLN A 71 29.98 -18.96 5.25
N ASN A 72 31.23 -18.80 4.82
CA ASN A 72 31.57 -18.10 3.57
C ASN A 72 31.05 -16.65 3.59
N PHE A 73 31.60 -15.87 4.51
CA PHE A 73 31.25 -14.46 4.64
C PHE A 73 31.97 -13.66 3.57
N THR A 74 31.30 -13.46 2.44
CA THR A 74 31.82 -12.59 1.39
C THR A 74 31.08 -11.27 1.43
N ASN A 75 31.87 -10.18 1.51
CA ASN A 75 31.32 -8.80 1.50
C ASN A 75 30.12 -8.78 2.42
N CYS A 76 30.35 -9.12 3.68
CA CYS A 76 29.16 -9.22 4.58
C CYS A 76 28.78 -7.84 5.10
N HIS A 77 27.61 -7.33 4.73
CA HIS A 77 27.19 -5.99 5.11
C HIS A 77 26.23 -6.06 6.28
N THR A 78 26.39 -5.15 7.23
CA THR A 78 25.64 -5.18 8.47
C THR A 78 25.12 -3.78 8.80
N LYS A 79 23.84 -3.69 9.12
CA LYS A 79 23.20 -2.44 9.55
C LYS A 79 22.68 -2.66 10.96
N ILE A 80 23.31 -2.01 11.94
CA ILE A 80 23.00 -2.22 13.35
C ILE A 80 21.79 -1.37 13.72
N ARG A 81 20.65 -2.00 13.92
CA ARG A 81 19.48 -1.24 14.37
C ARG A 81 19.59 -0.86 15.83
N HIS A 82 20.05 -1.77 16.67
CA HIS A 82 20.15 -1.49 18.10
C HIS A 82 21.26 -2.30 18.74
N VAL A 83 21.97 -1.68 19.67
CA VAL A 83 22.96 -2.36 20.50
C VAL A 83 22.63 -2.04 21.96
N ASP A 84 22.51 -3.07 22.77
CA ASP A 84 22.26 -2.92 24.20
C ASP A 84 23.37 -3.66 24.93
N ALA A 85 23.99 -2.99 25.89
CA ALA A 85 25.06 -3.59 26.66
C ALA A 85 24.74 -3.47 28.15
N HIS A 86 25.01 -4.53 28.89
CA HIS A 86 24.74 -4.55 30.33
C HIS A 86 25.85 -5.32 31.03
N ALA A 87 26.28 -4.80 32.18
CA ALA A 87 27.26 -5.52 32.98
C ALA A 87 26.67 -6.83 33.49
N THR A 88 27.52 -7.83 33.62
CA THR A 88 27.08 -9.14 34.05
C THR A 88 28.17 -9.79 34.90
N LEU A 89 27.89 -11.02 35.34
CA LEU A 89 28.71 -11.72 36.33
C LEU A 89 30.17 -11.81 35.89
N ASN A 90 31.04 -11.97 36.89
CA ASN A 90 32.49 -12.03 36.69
C ASN A 90 33.03 -10.80 35.96
N ASP A 91 32.39 -9.65 36.19
CA ASP A 91 32.72 -8.40 35.50
C ASP A 91 32.73 -8.67 34.00
N GLY A 92 31.68 -9.32 33.52
CA GLY A 92 31.48 -9.54 32.11
C GLY A 92 30.58 -8.50 31.51
N VAL A 93 30.40 -8.58 30.18
CA VAL A 93 29.46 -7.73 29.48
C VAL A 93 28.55 -8.60 28.64
N VAL A 94 27.26 -8.31 28.65
CA VAL A 94 26.27 -8.99 27.83
C VAL A 94 25.72 -7.98 26.85
N VAL A 95 25.84 -8.29 25.57
CA VAL A 95 25.47 -7.37 24.49
C VAL A 95 24.43 -8.06 23.63
N GLN A 96 23.28 -7.42 23.47
CA GLN A 96 22.28 -7.84 22.52
C GLN A 96 22.27 -6.86 21.36
N VAL A 97 22.64 -7.37 20.18
CA VAL A 97 22.70 -6.51 18.96
C VAL A 97 21.68 -7.01 17.95
N MET A 98 20.75 -6.15 17.55
CA MET A 98 19.72 -6.49 16.58
C MET A 98 19.89 -5.63 15.34
N GLY A 99 19.64 -6.22 14.18
CA GLY A 99 19.81 -5.46 12.95
C GLY A 99 19.61 -6.25 11.68
N LEU A 100 20.29 -5.83 10.62
CA LEU A 100 20.17 -6.42 9.30
C LEU A 100 21.53 -6.93 8.84
N LEU A 101 21.52 -8.10 8.20
CA LEU A 101 22.77 -8.77 7.73
C LEU A 101 22.56 -9.20 6.28
N SER A 102 23.54 -9.00 5.41
CA SER A 102 23.45 -9.44 4.01
C SER A 102 24.81 -9.96 3.58
N ASN A 103 24.88 -11.25 3.27
CA ASN A 103 26.10 -11.87 2.78
C ASN A 103 26.10 -11.89 1.27
N ASN A 104 27.25 -11.59 0.67
CA ASN A 104 27.41 -11.55 -0.78
C ASN A 104 26.44 -10.58 -1.43
N ASN A 105 26.23 -9.43 -0.78
CA ASN A 105 25.36 -8.36 -1.36
C ASN A 105 23.98 -8.90 -1.71
N GLN A 106 23.44 -9.82 -0.91
CA GLN A 106 22.09 -10.33 -1.12
C GLN A 106 21.09 -9.51 -0.32
N ALA A 107 19.87 -10.01 -0.22
CA ALA A 107 18.82 -9.31 0.51
C ALA A 107 19.13 -9.26 2.00
N LEU A 108 18.90 -8.09 2.60
CA LEU A 108 19.18 -7.91 4.02
C LEU A 108 18.13 -8.65 4.85
N ARG A 109 18.61 -9.47 5.79
CA ARG A 109 17.74 -10.25 6.66
C ARG A 109 17.90 -9.80 8.09
N ARG A 110 16.78 -9.78 8.82
CA ARG A 110 16.79 -9.38 10.22
C ARG A 110 17.46 -10.45 11.07
N PHE A 111 18.26 -10.00 12.03
CA PHE A 111 19.05 -10.92 12.84
C PHE A 111 19.23 -10.33 14.23
N MET A 112 19.53 -11.21 15.17
CA MET A 112 20.07 -10.85 16.47
C MET A 112 21.34 -11.62 16.76
N GLN A 113 22.14 -11.05 17.64
CA GLN A 113 23.32 -11.71 18.17
C GLN A 113 23.48 -11.33 19.63
N THR A 114 23.79 -12.33 20.44
CA THR A 114 24.05 -12.16 21.86
C THR A 114 25.52 -12.48 22.10
N PHE A 115 26.24 -11.51 22.65
CA PHE A 115 27.64 -11.66 22.99
C PHE A 115 27.77 -11.64 24.50
N VAL A 116 28.43 -12.64 25.05
CA VAL A 116 28.89 -12.61 26.43
C VAL A 116 30.41 -12.52 26.37
N LEU A 117 30.93 -11.38 26.82
CA LEU A 117 32.36 -11.08 26.80
C LEU A 117 32.88 -11.19 28.23
N ALA A 118 33.86 -12.05 28.43
CA ALA A 118 34.59 -12.25 29.67
C ALA A 118 35.95 -11.58 29.61
N PRO A 119 36.45 -11.04 30.73
CA PRO A 119 37.72 -10.32 30.70
C PRO A 119 38.89 -11.24 30.99
N GLU A 120 39.95 -11.13 30.17
CA GLU A 120 41.15 -11.99 30.36
C GLU A 120 41.61 -11.91 31.83
N GLY A 121 42.18 -12.99 32.37
CA GLY A 121 42.51 -13.03 33.81
C GLY A 121 43.50 -11.98 34.29
N SER A 122 44.58 -11.73 33.55
CA SER A 122 45.60 -10.79 34.09
C SER A 122 46.01 -9.73 33.07
N VAL A 123 45.07 -8.83 32.72
CA VAL A 123 45.38 -7.71 31.79
C VAL A 123 44.29 -6.65 31.97
N ALA A 124 44.53 -5.41 31.55
CA ALA A 124 43.55 -4.32 31.75
C ALA A 124 42.82 -4.03 30.44
N ASN A 125 41.49 -3.95 30.49
CA ASN A 125 40.67 -3.62 29.29
C ASN A 125 40.91 -4.66 28.19
N LYS A 126 40.76 -5.95 28.50
CA LYS A 126 40.89 -6.96 27.47
C LYS A 126 39.74 -7.95 27.61
N PHE A 127 39.01 -8.17 26.52
CA PHE A 127 37.85 -9.04 26.54
C PHE A 127 37.92 -10.04 25.40
N TYR A 128 37.49 -11.27 25.69
CA TYR A 128 37.33 -12.32 24.68
C TYR A 128 35.90 -12.81 24.75
N VAL A 129 35.33 -13.11 23.59
CA VAL A 129 33.91 -13.44 23.56
C VAL A 129 33.73 -14.84 24.08
N HIS A 130 33.12 -14.97 25.25
CA HIS A 130 32.86 -16.29 25.81
C HIS A 130 31.67 -16.95 25.11
N ASN A 131 30.65 -16.17 24.77
CA ASN A 131 29.46 -16.71 24.13
C ASN A 131 29.08 -15.84 22.94
N ASP A 132 28.76 -16.49 21.82
CA ASP A 132 28.34 -15.79 20.60
C ASP A 132 27.17 -16.56 20.00
N ILE A 133 25.96 -16.06 20.20
CA ILE A 133 24.74 -16.73 19.75
C ILE A 133 24.10 -15.87 18.68
N PHE A 134 23.88 -16.45 17.50
CA PHE A 134 23.35 -15.70 16.37
C PHE A 134 22.08 -16.37 15.87
N ARG A 135 21.08 -15.57 15.54
CA ARG A 135 19.87 -16.12 14.93
C ARG A 135 19.26 -15.12 13.96
N TYR A 136 18.84 -15.63 12.81
CA TYR A 136 18.02 -14.84 11.90
C TYR A 136 16.59 -14.82 12.39
N GLN A 137 15.79 -13.97 11.75
CA GLN A 137 14.38 -13.86 12.09
C GLN A 137 13.51 -14.74 11.19
N ASP A 138 13.82 -14.79 9.90
CA ASP A 138 13.00 -15.54 8.95
C ASP A 138 13.07 -17.04 9.21
N GLU A 139 14.23 -17.55 9.62
CA GLU A 139 14.37 -18.98 9.87
C GLU A 139 13.51 -19.47 11.02
N VAL A 140 13.00 -18.57 11.87
CA VAL A 140 12.22 -18.94 13.04
C VAL A 140 10.74 -18.63 12.87
N PHE A 141 10.42 -17.43 12.40
CA PHE A 141 9.02 -17.04 12.20
C PHE A 141 8.53 -17.45 10.82
N MET B 4 5.54 -25.27 26.69
CA MET B 4 4.16 -25.53 27.09
C MET B 4 3.71 -24.58 28.20
N VAL B 5 3.72 -23.28 27.90
CA VAL B 5 3.25 -22.29 28.86
C VAL B 5 1.78 -22.52 29.16
N MET B 6 1.41 -22.46 30.44
CA MET B 6 0.04 -22.77 30.81
C MET B 6 -0.92 -21.66 30.38
N GLU B 7 -0.58 -20.40 30.65
CA GLU B 7 -1.26 -19.26 30.03
C GLU B 7 -2.76 -19.28 30.35
N LYS B 8 -3.07 -18.97 31.61
CA LYS B 8 -4.42 -18.90 32.16
C LYS B 8 -5.41 -18.36 31.13
N PRO B 9 -6.52 -19.06 30.91
CA PRO B 9 -7.31 -18.84 29.70
C PRO B 9 -7.88 -17.43 29.59
N SER B 10 -8.01 -16.97 28.35
CA SER B 10 -8.54 -15.65 28.08
C SER B 10 -10.05 -15.62 28.31
N PRO B 11 -10.62 -14.43 28.54
CA PRO B 11 -12.07 -14.34 28.73
C PRO B 11 -12.87 -14.87 27.57
N LEU B 12 -12.38 -14.70 26.34
CA LEU B 12 -13.13 -15.18 25.17
C LEU B 12 -13.28 -16.69 25.21
N LEU B 13 -12.16 -17.41 25.40
CA LEU B 13 -12.22 -18.87 25.46
C LEU B 13 -13.03 -19.32 26.67
N VAL B 14 -12.84 -18.65 27.82
CA VAL B 14 -13.59 -19.01 29.01
C VAL B 14 -15.09 -18.91 28.75
N GLY B 15 -15.53 -17.81 28.14
CA GLY B 15 -16.94 -17.65 27.87
C GLY B 15 -17.48 -18.63 26.86
N ARG B 16 -16.71 -18.88 25.79
CA ARG B 16 -17.17 -19.84 24.78
C ARG B 16 -17.37 -21.21 25.40
N GLU B 17 -16.39 -21.66 26.17
CA GLU B 17 -16.50 -23.01 26.72
C GLU B 17 -17.57 -23.03 27.82
N PHE B 18 -17.77 -21.93 28.54
CA PHE B 18 -18.87 -21.87 29.48
C PHE B 18 -20.21 -22.02 28.78
N VAL B 19 -20.40 -21.33 27.66
CA VAL B 19 -21.64 -21.46 26.92
C VAL B 19 -21.84 -22.90 26.49
N ARG B 20 -20.77 -23.50 25.97
CA ARG B 20 -20.85 -24.93 25.54
C ARG B 20 -21.34 -25.75 26.73
N GLN B 21 -20.66 -25.66 27.88
CA GLN B 21 -21.02 -26.47 29.04
C GLN B 21 -22.44 -26.19 29.51
N TYR B 22 -22.82 -24.92 29.58
CA TYR B 22 -24.15 -24.55 30.03
C TYR B 22 -25.22 -25.21 29.18
N TYR B 23 -25.12 -25.05 27.87
CA TYR B 23 -26.20 -25.55 27.03
C TYR B 23 -26.14 -27.06 26.88
N THR B 24 -24.96 -27.68 26.91
CA THR B 24 -24.90 -29.13 26.92
C THR B 24 -25.54 -29.70 28.18
N LEU B 25 -25.24 -29.12 29.34
CA LEU B 25 -25.82 -29.58 30.60
C LEU B 25 -27.32 -29.36 30.60
N LEU B 26 -27.78 -28.22 30.10
CA LEU B 26 -29.22 -27.97 30.03
C LEU B 26 -29.90 -28.98 29.12
N ASN B 27 -29.29 -29.27 27.97
CA ASN B 27 -29.88 -30.23 27.04
C ASN B 27 -29.95 -31.62 27.65
N GLN B 28 -28.90 -32.04 28.37
CA GLN B 28 -28.85 -33.41 28.84
C GLN B 28 -29.46 -33.58 30.23
N ALA B 29 -28.94 -32.86 31.22
CA ALA B 29 -29.37 -32.99 32.61
C ALA B 29 -29.73 -31.62 33.18
N PRO B 30 -30.86 -31.05 32.74
CA PRO B 30 -31.21 -29.70 33.18
C PRO B 30 -31.47 -29.59 34.67
N ASP B 31 -31.76 -30.69 35.36
CA ASP B 31 -32.06 -30.62 36.78
C ASP B 31 -30.89 -30.12 37.60
N MET B 32 -29.67 -30.24 37.07
CA MET B 32 -28.45 -29.83 37.81
C MET B 32 -28.00 -28.43 37.36
N LEU B 33 -28.74 -27.80 36.45
CA LEU B 33 -28.37 -26.46 35.99
C LEU B 33 -28.27 -25.47 37.14
N HIS B 34 -28.99 -25.71 38.24
CA HIS B 34 -28.94 -24.81 39.38
C HIS B 34 -27.54 -24.66 39.94
N ARG B 35 -26.67 -25.67 39.75
CA ARG B 35 -25.35 -25.64 40.35
C ARG B 35 -24.41 -24.68 39.66
N PHE B 36 -24.81 -24.09 38.54
CA PHE B 36 -23.97 -23.12 37.83
C PHE B 36 -23.89 -21.79 38.57
N TYR B 37 -24.90 -21.46 39.37
CA TYR B 37 -25.02 -20.13 39.93
C TYR B 37 -24.46 -20.08 41.34
N GLY B 38 -24.64 -18.94 42.02
CA GLY B 38 -24.15 -18.73 43.36
C GLY B 38 -25.18 -18.15 44.30
N LYS B 39 -24.75 -17.73 45.50
CA LYS B 39 -25.72 -17.23 46.51
C LYS B 39 -26.37 -15.93 46.03
N ASN B 40 -25.60 -15.06 45.35
CA ASN B 40 -26.13 -13.77 44.94
C ASN B 40 -26.23 -13.69 43.43
N SER B 41 -26.75 -14.76 42.81
CA SER B 41 -26.91 -14.80 41.36
C SER B 41 -28.32 -14.41 41.00
N SER B 42 -28.44 -13.46 40.08
CA SER B 42 -29.72 -13.05 39.54
C SER B 42 -29.98 -13.77 38.22
N TYR B 43 -31.22 -14.16 37.99
CA TYR B 43 -31.59 -14.99 36.87
C TYR B 43 -32.94 -14.54 36.35
N VAL B 44 -33.03 -14.30 35.05
CA VAL B 44 -34.30 -14.15 34.35
C VAL B 44 -34.27 -15.05 33.12
N HIS B 45 -35.37 -15.78 32.91
CA HIS B 45 -35.53 -16.63 31.75
C HIS B 45 -36.79 -16.20 31.02
N GLY B 46 -36.78 -16.35 29.70
CA GLY B 46 -37.89 -15.93 28.88
C GLY B 46 -39.22 -16.43 29.38
N GLY B 47 -40.08 -15.51 29.82
CA GLY B 47 -41.36 -15.88 30.37
C GLY B 47 -42.29 -14.71 30.55
N LEU B 48 -43.59 -14.97 30.51
CA LEU B 48 -44.61 -13.93 30.60
C LEU B 48 -45.37 -14.05 31.91
N ASP B 49 -45.61 -12.92 32.55
CA ASP B 49 -46.37 -12.90 33.79
C ASP B 49 -47.87 -13.00 33.48
N SER B 50 -48.70 -12.92 34.51
CA SER B 50 -50.14 -12.97 34.31
C SER B 50 -50.64 -11.78 33.51
N ASN B 51 -50.12 -10.58 33.80
CA ASN B 51 -50.58 -9.38 33.12
C ASN B 51 -50.20 -9.43 31.64
N GLY B 52 -48.98 -9.85 31.32
CA GLY B 52 -48.52 -9.80 29.95
C GLY B 52 -47.23 -9.04 29.75
N LYS B 53 -46.41 -8.95 30.78
CA LYS B 53 -45.10 -8.32 30.73
C LYS B 53 -44.02 -9.34 31.02
N PRO B 54 -42.76 -9.06 30.68
CA PRO B 54 -41.68 -9.99 31.01
C PRO B 54 -41.59 -10.22 32.51
N ALA B 55 -41.23 -11.45 32.88
CA ALA B 55 -41.18 -11.84 34.28
C ALA B 55 -40.05 -11.12 35.01
N ASP B 56 -40.15 -11.13 36.34
CA ASP B 56 -39.16 -10.46 37.18
C ASP B 56 -37.92 -11.35 37.35
N ALA B 57 -37.03 -10.92 38.23
CA ALA B 57 -35.76 -11.61 38.43
C ALA B 57 -35.81 -12.50 39.67
N VAL B 58 -34.94 -13.50 39.69
CA VAL B 58 -34.83 -14.46 40.77
C VAL B 58 -33.39 -14.42 41.27
N TYR B 59 -33.20 -14.04 42.54
CA TYR B 59 -31.87 -13.81 43.10
C TYR B 59 -31.59 -14.85 44.19
N GLY B 60 -30.87 -15.91 43.86
CA GLY B 60 -30.49 -16.84 44.89
C GLY B 60 -30.11 -18.21 44.33
N GLN B 61 -30.28 -19.22 45.19
CA GLN B 61 -29.99 -20.62 44.85
C GLN B 61 -31.22 -21.52 44.88
N LYS B 62 -31.89 -21.61 46.03
CA LYS B 62 -32.99 -22.56 46.15
C LYS B 62 -34.17 -22.14 45.28
N GLU B 63 -34.48 -20.84 45.27
CA GLU B 63 -35.62 -20.37 44.49
C GLU B 63 -35.35 -20.37 42.99
N ILE B 64 -34.12 -20.08 42.55
CA ILE B 64 -33.82 -20.26 41.14
C ILE B 64 -33.86 -21.74 40.79
N HIS B 65 -33.43 -22.61 41.70
CA HIS B 65 -33.55 -24.04 41.46
C HIS B 65 -35.00 -24.43 41.21
N ARG B 66 -35.87 -24.05 42.15
CA ARG B 66 -37.32 -24.41 42.03
C ARG B 66 -37.91 -23.75 40.77
N LYS B 67 -37.45 -22.54 40.42
CA LYS B 67 -37.91 -21.89 39.20
C LYS B 67 -37.50 -22.69 37.96
N VAL B 68 -36.28 -23.22 37.95
CA VAL B 68 -35.83 -24.03 36.83
C VAL B 68 -36.65 -25.30 36.73
N MET B 69 -36.94 -25.94 37.87
CA MET B 69 -37.83 -27.10 37.84
C MET B 69 -39.22 -26.72 37.33
N SER B 70 -39.73 -25.56 37.73
CA SER B 70 -41.03 -25.11 37.24
C SER B 70 -41.01 -24.94 35.73
N GLN B 71 -39.96 -24.33 35.20
CA GLN B 71 -39.78 -24.22 33.75
C GLN B 71 -39.34 -25.59 33.25
N ASN B 72 -40.31 -26.47 32.99
CA ASN B 72 -39.99 -27.87 32.60
C ASN B 72 -38.92 -27.86 31.51
N PHE B 73 -37.93 -28.75 31.61
CA PHE B 73 -36.86 -28.83 30.57
C PHE B 73 -36.70 -30.28 30.10
N THR B 74 -37.32 -30.64 28.97
CA THR B 74 -37.16 -31.97 28.43
C THR B 74 -36.53 -31.88 27.05
N ASN B 75 -35.49 -32.67 26.83
CA ASN B 75 -34.77 -32.81 25.56
C ASN B 75 -34.67 -31.47 24.81
N CYS B 76 -34.25 -30.43 25.52
CA CYS B 76 -34.13 -29.12 24.91
C CYS B 76 -33.02 -29.11 23.86
N HIS B 77 -33.33 -28.57 22.69
CA HIS B 77 -32.37 -28.46 21.60
C HIS B 77 -32.00 -26.99 21.44
N THR B 78 -30.69 -26.71 21.59
CA THR B 78 -30.18 -25.32 21.51
C THR B 78 -29.12 -25.19 20.42
N LYS B 79 -29.23 -24.17 19.59
CA LYS B 79 -28.27 -23.88 18.52
C LYS B 79 -27.75 -22.47 18.74
N ILE B 80 -26.53 -22.36 19.26
CA ILE B 80 -25.98 -21.07 19.65
C ILE B 80 -25.30 -20.46 18.43
N ARG B 81 -25.86 -19.38 17.90
CA ARG B 81 -25.32 -18.76 16.70
C ARG B 81 -24.41 -17.58 16.99
N HIS B 82 -24.25 -17.19 18.25
CA HIS B 82 -23.31 -16.14 18.57
C HIS B 82 -22.93 -16.22 20.04
N VAL B 83 -21.63 -16.31 20.31
CA VAL B 83 -21.08 -16.14 21.65
C VAL B 83 -19.96 -15.12 21.56
N ASP B 84 -20.07 -14.06 22.38
CA ASP B 84 -19.05 -12.98 22.41
C ASP B 84 -18.72 -12.69 23.87
N ALA B 85 -17.48 -12.92 24.29
CA ALA B 85 -17.10 -12.74 25.68
C ALA B 85 -16.07 -11.64 25.81
N HIS B 86 -16.07 -10.98 26.97
CA HIS B 86 -15.15 -9.89 27.25
C HIS B 86 -14.86 -9.88 28.73
N ALA B 87 -13.75 -9.22 29.09
CA ALA B 87 -13.36 -9.13 30.49
C ALA B 87 -14.11 -8.01 31.19
N THR B 88 -14.25 -8.13 32.50
CA THR B 88 -14.97 -7.15 33.30
C THR B 88 -14.42 -7.14 34.71
N LEU B 89 -14.98 -6.24 35.53
CA LEU B 89 -14.46 -5.94 36.86
C LEU B 89 -14.20 -7.21 37.66
N ASN B 90 -13.21 -7.12 38.57
CA ASN B 90 -12.89 -8.27 39.46
C ASN B 90 -12.65 -9.53 38.62
N ASP B 91 -11.91 -9.39 37.51
CA ASP B 91 -11.57 -10.53 36.67
C ASP B 91 -12.83 -11.34 36.34
N GLY B 92 -13.93 -10.65 36.10
CA GLY B 92 -15.12 -11.30 35.64
C GLY B 92 -15.15 -11.39 34.12
N VAL B 93 -16.16 -12.08 33.61
CA VAL B 93 -16.35 -12.17 32.17
C VAL B 93 -17.80 -11.90 31.84
N VAL B 94 -18.05 -10.95 30.94
CA VAL B 94 -19.38 -10.66 30.44
C VAL B 94 -19.54 -11.34 29.09
N VAL B 95 -20.63 -12.08 28.92
CA VAL B 95 -20.84 -12.93 27.77
C VAL B 95 -22.16 -12.55 27.11
N GLN B 96 -22.14 -12.41 25.79
CA GLN B 96 -23.32 -12.08 25.01
C GLN B 96 -23.61 -13.25 24.09
N VAL B 97 -24.82 -13.77 24.13
CA VAL B 97 -25.17 -15.00 23.42
C VAL B 97 -26.48 -14.78 22.66
N MET B 98 -26.51 -15.27 21.43
CA MET B 98 -27.74 -15.27 20.64
C MET B 98 -27.87 -16.62 19.95
N GLY B 99 -29.10 -17.06 19.75
CA GLY B 99 -29.29 -18.32 19.04
C GLY B 99 -30.74 -18.76 19.01
N LEU B 100 -30.93 -20.08 18.96
CA LEU B 100 -32.25 -20.70 18.93
C LEU B 100 -32.36 -21.72 20.05
N LEU B 101 -33.54 -21.81 20.65
CA LEU B 101 -33.80 -22.78 21.70
C LEU B 101 -35.20 -23.35 21.52
N SER B 102 -35.32 -24.67 21.73
CA SER B 102 -36.60 -25.36 21.73
C SER B 102 -36.67 -26.27 22.94
N ASN B 103 -37.79 -26.25 23.65
CA ASN B 103 -37.98 -27.04 24.86
C ASN B 103 -39.26 -27.85 24.71
N ASN B 104 -39.11 -29.17 24.61
CA ASN B 104 -40.19 -30.13 24.36
C ASN B 104 -40.66 -30.12 22.90
N ASN B 105 -39.74 -29.83 21.97
CA ASN B 105 -39.93 -30.06 20.54
C ASN B 105 -41.04 -29.20 19.94
N GLN B 106 -40.89 -27.88 20.06
CA GLN B 106 -41.69 -26.92 19.32
C GLN B 106 -40.78 -26.15 18.36
N ALA B 107 -41.34 -25.14 17.70
CA ALA B 107 -40.57 -24.34 16.77
C ALA B 107 -39.39 -23.68 17.45
N LEU B 108 -38.26 -23.65 16.76
CA LEU B 108 -37.05 -23.03 17.30
C LEU B 108 -37.29 -21.57 17.63
N ARG B 109 -37.24 -21.23 18.91
CA ARG B 109 -37.49 -19.86 19.36
C ARG B 109 -36.19 -19.09 19.40
N ARG B 110 -36.16 -17.94 18.74
CA ARG B 110 -35.00 -17.07 18.78
C ARG B 110 -34.82 -16.54 20.20
N PHE B 111 -33.62 -16.73 20.76
CA PHE B 111 -33.32 -16.33 22.12
C PHE B 111 -32.09 -15.45 22.15
N MET B 112 -32.07 -14.55 23.13
CA MET B 112 -30.99 -13.58 23.32
C MET B 112 -30.68 -13.51 24.80
N GLN B 113 -29.39 -13.58 25.14
CA GLN B 113 -28.99 -13.83 26.51
C GLN B 113 -27.71 -13.07 26.82
N THR B 114 -27.56 -12.71 28.10
CA THR B 114 -26.36 -12.08 28.61
C THR B 114 -25.98 -12.78 29.91
N PHE B 115 -24.78 -13.34 29.95
CA PHE B 115 -24.20 -13.94 31.14
C PHE B 115 -23.19 -12.99 31.74
N VAL B 116 -23.07 -13.03 33.06
CA VAL B 116 -21.95 -12.42 33.76
C VAL B 116 -21.40 -13.48 34.70
N LEU B 117 -20.13 -13.84 34.50
CA LEU B 117 -19.45 -14.87 35.26
C LEU B 117 -18.47 -14.19 36.19
N ALA B 118 -18.49 -14.59 37.46
CA ALA B 118 -17.58 -13.99 38.41
C ALA B 118 -16.69 -15.06 39.03
N PRO B 119 -15.46 -14.70 39.41
CA PRO B 119 -14.59 -15.67 40.07
C PRO B 119 -15.18 -16.13 41.38
N GLU B 120 -15.03 -17.42 41.67
CA GLU B 120 -15.52 -17.92 42.96
C GLU B 120 -14.61 -17.49 44.09
N GLY B 121 -13.32 -17.34 43.83
CA GLY B 121 -12.37 -17.10 44.90
C GLY B 121 -11.28 -18.16 45.01
N SER B 122 -11.32 -18.92 46.12
CA SER B 122 -10.24 -19.92 46.40
C SER B 122 -9.77 -20.67 45.16
N VAL B 123 -10.65 -21.48 44.56
CA VAL B 123 -10.23 -22.32 43.44
C VAL B 123 -9.89 -21.41 42.26
N ALA B 124 -8.68 -21.56 41.74
CA ALA B 124 -8.27 -20.79 40.59
C ALA B 124 -8.98 -21.29 39.33
N ASN B 125 -9.17 -20.37 38.38
CA ASN B 125 -9.82 -20.67 37.11
C ASN B 125 -11.20 -21.30 37.31
N LYS B 126 -11.93 -20.80 38.31
CA LYS B 126 -13.28 -21.27 38.57
C LYS B 126 -14.22 -20.07 38.64
N PHE B 127 -15.31 -20.13 37.92
CA PHE B 127 -16.28 -19.05 37.86
C PHE B 127 -17.67 -19.58 38.14
N TYR B 128 -18.54 -18.67 38.59
CA TYR B 128 -19.96 -19.01 38.84
C TYR B 128 -20.78 -17.96 38.08
N VAL B 129 -22.00 -18.28 37.70
CA VAL B 129 -22.85 -17.39 36.91
C VAL B 129 -23.47 -16.39 37.87
N HIS B 130 -22.85 -15.22 38.00
CA HIS B 130 -23.41 -14.16 38.83
C HIS B 130 -24.66 -13.55 38.22
N ASN B 131 -24.75 -13.49 36.89
CA ASN B 131 -25.93 -12.91 36.26
C ASN B 131 -26.34 -13.69 35.02
N ASP B 132 -27.65 -13.88 34.87
CA ASP B 132 -28.22 -14.58 33.71
C ASP B 132 -29.44 -13.81 33.24
N ILE B 133 -29.42 -13.35 31.99
CA ILE B 133 -30.54 -12.61 31.41
C ILE B 133 -30.87 -13.27 30.07
N PHE B 134 -31.91 -14.10 30.05
CA PHE B 134 -32.32 -14.86 28.86
C PHE B 134 -33.73 -14.45 28.50
N ARG B 135 -33.93 -14.05 27.25
CA ARG B 135 -35.27 -13.68 26.79
C ARG B 135 -35.48 -14.12 25.34
N TYR B 136 -36.67 -14.63 25.05
CA TYR B 136 -37.05 -14.93 23.68
C TYR B 136 -37.47 -13.66 22.96
N GLN B 137 -37.12 -13.58 21.68
CA GLN B 137 -37.45 -12.39 20.91
C GLN B 137 -38.95 -12.23 20.73
N ASP B 138 -39.67 -13.34 20.58
CA ASP B 138 -41.12 -13.28 20.39
C ASP B 138 -41.80 -12.65 21.59
N GLU B 139 -41.38 -13.04 22.81
CA GLU B 139 -42.03 -12.54 24.01
C GLU B 139 -41.80 -11.06 24.25
N VAL B 140 -40.88 -10.43 23.52
CA VAL B 140 -40.69 -9.01 23.60
C VAL B 140 -41.07 -8.28 22.32
N PHE B 141 -40.71 -8.82 21.16
CA PHE B 141 -41.00 -8.17 19.88
C PHE B 141 -42.44 -8.44 19.45
N LYS C 8 -28.38 4.63 47.92
CA LYS C 8 -27.96 3.83 46.77
C LYS C 8 -29.07 3.74 45.73
N PRO C 9 -28.78 4.14 44.50
CA PRO C 9 -29.80 4.09 43.45
C PRO C 9 -30.13 2.66 43.06
N SER C 10 -31.36 2.46 42.59
CA SER C 10 -31.81 1.14 42.19
C SER C 10 -31.13 0.71 40.90
N PRO C 11 -30.73 -0.57 40.78
CA PRO C 11 -30.13 -1.02 39.52
C PRO C 11 -31.03 -0.84 38.32
N LEU C 12 -32.32 -1.16 38.46
CA LEU C 12 -33.24 -0.95 37.34
C LEU C 12 -33.35 0.52 37.00
N LEU C 13 -33.41 1.39 38.01
CA LEU C 13 -33.52 2.81 37.76
C LEU C 13 -32.31 3.34 37.02
N VAL C 14 -31.11 2.95 37.46
CA VAL C 14 -29.91 3.46 36.79
C VAL C 14 -29.80 2.88 35.39
N GLY C 15 -30.20 1.62 35.20
CA GLY C 15 -30.20 1.05 33.86
C GLY C 15 -31.11 1.81 32.92
N ARG C 16 -32.33 2.11 33.38
CA ARG C 16 -33.26 2.86 32.54
C ARG C 16 -32.73 4.25 32.24
N GLU C 17 -32.21 4.94 33.26
CA GLU C 17 -31.69 6.29 33.04
C GLU C 17 -30.54 6.27 32.04
N PHE C 18 -29.62 5.32 32.19
CA PHE C 18 -28.50 5.25 31.26
C PHE C 18 -28.97 4.94 29.86
N VAL C 19 -29.93 4.02 29.71
CA VAL C 19 -30.33 3.65 28.36
C VAL C 19 -30.97 4.83 27.65
N ARG C 20 -31.83 5.57 28.36
CA ARG C 20 -32.50 6.73 27.72
C ARG C 20 -31.44 7.79 27.39
N GLN C 21 -30.52 8.06 28.31
CA GLN C 21 -29.51 9.10 28.08
C GLN C 21 -28.58 8.72 26.94
N TYR C 22 -28.12 7.46 26.93
CA TYR C 22 -27.17 7.01 25.92
C TYR C 22 -27.79 7.03 24.54
N TYR C 23 -29.02 6.56 24.40
CA TYR C 23 -29.61 6.55 23.07
C TYR C 23 -30.01 7.96 22.62
N THR C 24 -30.38 8.84 23.56
CA THR C 24 -30.61 10.23 23.17
C THR C 24 -29.34 10.88 22.67
N LEU C 25 -28.21 10.64 23.35
CA LEU C 25 -26.94 11.18 22.87
C LEU C 25 -26.56 10.60 21.52
N LEU C 26 -26.76 9.29 21.34
CA LEU C 26 -26.43 8.65 20.07
C LEU C 26 -27.26 9.22 18.93
N ASN C 27 -28.55 9.44 19.16
CA ASN C 27 -29.40 10.00 18.13
C ASN C 27 -29.08 11.46 17.85
N GLN C 28 -28.74 12.22 18.89
CA GLN C 28 -28.62 13.67 18.73
C GLN C 28 -27.19 14.09 18.38
N ALA C 29 -26.23 13.77 19.23
CA ALA C 29 -24.85 14.21 19.06
C ALA C 29 -23.90 13.03 19.19
N PRO C 30 -23.65 12.33 18.09
CA PRO C 30 -22.72 11.18 18.15
C PRO C 30 -21.28 11.57 18.45
N ASP C 31 -20.93 12.84 18.24
CA ASP C 31 -19.52 13.27 18.43
C ASP C 31 -19.07 12.97 19.85
N MET C 32 -19.85 13.43 20.85
CA MET C 32 -19.46 13.28 22.28
C MET C 32 -20.00 11.96 22.84
N LEU C 33 -20.16 10.94 22.01
CA LEU C 33 -20.57 9.63 22.51
C LEU C 33 -19.48 8.99 23.36
N HIS C 34 -18.22 9.33 23.12
CA HIS C 34 -17.12 8.74 23.87
C HIS C 34 -17.12 9.17 25.33
N ARG C 35 -17.81 10.26 25.65
CA ARG C 35 -17.75 10.79 27.05
C ARG C 35 -18.35 9.78 28.03
N PHE C 36 -19.17 8.83 27.55
CA PHE C 36 -19.72 7.81 28.43
C PHE C 36 -18.65 6.84 28.92
N TYR C 37 -17.52 6.82 28.24
CA TYR C 37 -16.48 5.81 28.59
C TYR C 37 -15.31 6.51 29.25
N GLY C 38 -14.28 5.74 29.62
CA GLY C 38 -13.06 6.27 30.18
C GLY C 38 -11.83 5.46 29.81
N LYS C 39 -11.06 5.12 30.84
CA LYS C 39 -9.85 4.30 30.62
C LYS C 39 -10.18 2.85 30.97
N ASN C 40 -9.54 1.90 30.30
CA ASN C 40 -9.73 0.47 30.53
C ASN C 40 -11.17 0.03 30.27
N SER C 41 -11.83 0.67 29.31
CA SER C 41 -13.20 0.32 28.92
C SER C 41 -13.18 -0.35 27.56
N SER C 42 -13.86 -1.48 27.46
CA SER C 42 -13.91 -2.26 26.24
C SER C 42 -15.15 -1.90 25.43
N TYR C 43 -14.96 -1.66 24.13
CA TYR C 43 -16.03 -1.27 23.23
C TYR C 43 -15.96 -2.14 21.99
N VAL C 44 -16.94 -3.05 21.86
CA VAL C 44 -17.04 -3.92 20.65
C VAL C 44 -18.41 -3.62 20.04
N HIS C 45 -18.45 -3.11 18.81
CA HIS C 45 -19.71 -2.69 18.20
C HIS C 45 -19.58 -2.90 16.69
N GLY C 46 -20.04 -4.05 16.21
CA GLY C 46 -20.01 -4.37 14.80
C GLY C 46 -18.70 -4.06 14.11
N GLY C 47 -18.75 -3.16 13.13
CA GLY C 47 -17.55 -2.66 12.49
C GLY C 47 -17.12 -3.50 11.30
N LEU C 48 -16.13 -2.96 10.57
CA LEU C 48 -15.58 -3.63 9.41
C LEU C 48 -14.06 -3.50 9.43
N ASP C 49 -13.37 -4.62 9.22
CA ASP C 49 -11.92 -4.61 9.03
C ASP C 49 -11.55 -4.62 7.55
N SER C 50 -11.97 -5.67 6.83
CA SER C 50 -11.79 -5.72 5.39
C SER C 50 -13.07 -6.17 4.71
N ASN C 51 -13.89 -6.94 5.43
CA ASN C 51 -15.13 -7.48 4.90
C ASN C 51 -16.36 -7.19 5.75
N GLY C 52 -16.19 -6.63 6.94
CA GLY C 52 -17.30 -6.39 7.86
C GLY C 52 -17.47 -7.47 8.91
N LYS C 53 -16.91 -8.65 8.68
CA LYS C 53 -16.98 -9.75 9.63
C LYS C 53 -15.97 -9.61 10.77
N PRO C 54 -14.69 -9.29 10.50
CA PRO C 54 -13.75 -9.16 11.62
C PRO C 54 -14.07 -7.96 12.49
N ALA C 55 -14.59 -8.21 13.68
CA ALA C 55 -14.95 -7.16 14.63
C ALA C 55 -13.92 -7.14 15.75
N ASP C 56 -13.33 -5.97 15.98
CA ASP C 56 -12.27 -5.82 16.95
C ASP C 56 -12.70 -4.85 18.04
N ALA C 57 -12.52 -5.26 19.29
CA ALA C 57 -12.77 -4.38 20.42
C ALA C 57 -11.71 -3.30 20.49
N VAL C 58 -12.10 -2.13 20.99
CA VAL C 58 -11.19 -1.01 21.16
C VAL C 58 -11.30 -0.52 22.59
N TYR C 59 -10.24 0.12 23.07
CA TYR C 59 -10.13 0.51 24.47
C TYR C 59 -9.72 1.98 24.57
N GLY C 60 -10.15 2.61 25.65
CA GLY C 60 -9.83 4.00 25.90
C GLY C 60 -10.71 4.95 25.13
N GLN C 61 -10.83 6.17 25.65
CA GLN C 61 -11.67 7.17 25.01
C GLN C 61 -11.15 7.51 23.61
N LYS C 62 -9.83 7.58 23.45
CA LYS C 62 -9.22 7.79 22.14
C LYS C 62 -9.79 6.83 21.09
N GLU C 63 -9.53 5.53 21.29
CA GLU C 63 -9.97 4.52 20.29
C GLU C 63 -11.49 4.47 20.20
N ILE C 64 -12.19 4.58 21.34
CA ILE C 64 -13.64 4.47 21.31
C ILE C 64 -14.24 5.59 20.47
N HIS C 65 -13.77 6.82 20.66
CA HIS C 65 -14.26 7.91 19.84
C HIS C 65 -13.89 7.73 18.38
N ARG C 66 -12.66 7.25 18.11
CA ARG C 66 -12.29 7.03 16.72
C ARG C 66 -13.19 6.00 16.06
N LYS C 67 -13.48 4.90 16.77
CA LYS C 67 -14.36 3.89 16.21
C LYS C 67 -15.78 4.41 16.03
N VAL C 68 -16.28 5.18 16.99
CA VAL C 68 -17.63 5.72 16.88
C VAL C 68 -17.72 6.67 15.70
N MET C 69 -16.68 7.49 15.50
CA MET C 69 -16.69 8.40 14.37
C MET C 69 -16.52 7.68 13.05
N SER C 70 -15.74 6.59 13.02
CA SER C 70 -15.67 5.78 11.83
C SER C 70 -17.02 5.18 11.48
N GLN C 71 -17.77 4.73 12.50
CA GLN C 71 -19.12 4.24 12.27
C GLN C 71 -20.01 5.38 11.77
N ASN C 72 -19.84 6.57 12.35
CA ASN C 72 -20.55 7.78 11.85
C ASN C 72 -22.07 7.62 11.82
N PHE C 73 -22.70 7.32 12.97
CA PHE C 73 -24.14 7.34 13.01
C PHE C 73 -24.67 8.70 12.61
N THR C 74 -25.61 8.78 11.67
CA THR C 74 -26.18 10.12 11.36
C THR C 74 -27.47 10.33 12.17
N ASN C 75 -28.61 10.43 11.50
CA ASN C 75 -29.88 10.52 12.25
C ASN C 75 -30.32 9.08 12.52
N CYS C 76 -30.06 8.59 13.72
CA CYS C 76 -30.39 7.17 14.04
C CYS C 76 -31.57 7.15 15.00
N HIS C 77 -32.72 6.62 14.56
CA HIS C 77 -33.89 6.49 15.44
C HIS C 77 -33.84 5.16 16.18
N THR C 78 -33.56 5.19 17.48
CA THR C 78 -33.44 3.93 18.26
C THR C 78 -34.73 3.70 19.04
N LYS C 79 -35.51 2.70 18.64
CA LYS C 79 -36.77 2.40 19.31
C LYS C 79 -36.47 1.29 20.30
N ILE C 80 -36.49 1.61 21.59
CA ILE C 80 -36.11 0.66 22.62
C ILE C 80 -37.29 -0.24 22.91
N ARG C 81 -37.10 -1.55 22.72
CA ARG C 81 -38.17 -2.55 22.94
C ARG C 81 -38.07 -3.06 24.38
N HIS C 82 -36.87 -3.39 24.85
CA HIS C 82 -36.76 -3.98 26.18
C HIS C 82 -35.44 -3.58 26.82
N VAL C 83 -35.44 -3.50 28.15
CA VAL C 83 -34.26 -3.13 28.93
C VAL C 83 -34.23 -3.99 30.18
N ASP C 84 -33.08 -4.60 30.47
CA ASP C 84 -32.91 -5.43 31.69
C ASP C 84 -31.65 -4.95 32.44
N ALA C 85 -31.80 -4.51 33.68
CA ALA C 85 -30.70 -4.01 34.49
C ALA C 85 -30.54 -4.86 35.72
N HIS C 86 -29.29 -5.15 36.08
CA HIS C 86 -29.02 -6.01 37.24
C HIS C 86 -27.74 -5.57 37.90
N ALA C 87 -27.49 -6.12 39.08
CA ALA C 87 -26.35 -5.75 39.91
C ALA C 87 -25.23 -6.77 39.76
N THR C 88 -24.12 -6.34 39.18
CA THR C 88 -22.97 -7.27 38.98
C THR C 88 -22.08 -7.19 40.23
N LEU C 89 -20.76 -7.15 40.04
CA LEU C 89 -19.85 -7.16 41.21
C LEU C 89 -19.57 -5.73 41.66
N ASN C 90 -18.97 -5.54 42.84
CA ASN C 90 -18.54 -4.23 43.37
C ASN C 90 -19.52 -3.12 43.00
N ASP C 91 -20.81 -3.40 43.19
CA ASP C 91 -21.87 -2.42 42.97
C ASP C 91 -21.87 -1.88 41.54
N GLY C 92 -21.44 -2.70 40.59
CA GLY C 92 -21.60 -2.36 39.19
C GLY C 92 -22.98 -2.73 38.68
N VAL C 93 -23.33 -2.17 37.52
CA VAL C 93 -24.62 -2.43 36.90
C VAL C 93 -24.39 -3.04 35.53
N VAL C 94 -25.16 -4.07 35.20
CA VAL C 94 -25.14 -4.70 33.89
C VAL C 94 -26.48 -4.42 33.22
N VAL C 95 -26.43 -3.90 31.99
CA VAL C 95 -27.61 -3.54 31.24
C VAL C 95 -27.60 -4.33 29.95
N GLN C 96 -28.73 -4.96 29.62
CA GLN C 96 -28.91 -5.66 28.35
C GLN C 96 -30.16 -5.11 27.70
N VAL C 97 -30.02 -4.61 26.48
CA VAL C 97 -31.05 -3.81 25.82
C VAL C 97 -31.39 -4.43 24.48
N MET C 98 -32.68 -4.53 24.18
CA MET C 98 -33.19 -4.91 22.87
C MET C 98 -33.90 -3.73 22.26
N GLY C 99 -33.72 -3.55 20.96
CA GLY C 99 -34.41 -2.49 20.28
C GLY C 99 -34.25 -2.58 18.78
N LEU C 100 -34.77 -1.57 18.09
CA LEU C 100 -34.66 -1.43 16.66
C LEU C 100 -33.79 -0.21 16.35
N LEU C 101 -32.76 -0.41 15.54
CA LEU C 101 -31.83 0.65 15.17
C LEU C 101 -31.95 0.93 13.68
N SER C 102 -32.14 2.20 13.33
CA SER C 102 -32.17 2.64 11.94
C SER C 102 -31.11 3.72 11.77
N ASN C 103 -30.06 3.40 11.01
CA ASN C 103 -28.96 4.33 10.77
C ASN C 103 -29.01 4.84 9.34
N ASN C 104 -28.73 6.13 9.17
CA ASN C 104 -28.77 6.78 7.87
C ASN C 104 -30.14 6.63 7.22
N ASN C 105 -31.19 6.64 8.03
CA ASN C 105 -32.57 6.52 7.55
C ASN C 105 -32.77 5.23 6.75
N GLN C 106 -32.08 4.18 7.16
CA GLN C 106 -32.23 2.87 6.51
C GLN C 106 -33.32 2.08 7.22
N ALA C 107 -33.43 0.80 6.90
CA ALA C 107 -34.47 -0.03 7.49
C ALA C 107 -34.19 -0.30 8.96
N LEU C 108 -35.26 -0.43 9.73
CA LEU C 108 -35.14 -0.77 11.14
C LEU C 108 -34.64 -2.20 11.29
N ARG C 109 -33.59 -2.37 12.09
CA ARG C 109 -32.98 -3.69 12.30
C ARG C 109 -32.85 -3.95 13.79
N ARG C 110 -33.14 -5.18 14.19
CA ARG C 110 -33.06 -5.55 15.60
C ARG C 110 -31.61 -5.63 16.06
N PHE C 111 -31.41 -5.44 17.36
CA PHE C 111 -30.06 -5.48 17.90
C PHE C 111 -30.10 -5.85 19.37
N MET C 112 -28.93 -6.21 19.89
CA MET C 112 -28.71 -6.28 21.33
C MET C 112 -27.49 -5.43 21.69
N GLN C 113 -27.56 -4.81 22.85
CA GLN C 113 -26.46 -4.02 23.39
C GLN C 113 -26.35 -4.32 24.87
N THR C 114 -25.30 -5.03 25.26
CA THR C 114 -25.04 -5.34 26.65
C THR C 114 -24.01 -4.37 27.19
N PHE C 115 -24.40 -3.62 28.22
CA PHE C 115 -23.53 -2.69 28.91
C PHE C 115 -23.16 -3.26 30.28
N VAL C 116 -21.93 -3.05 30.68
CA VAL C 116 -21.49 -3.25 32.05
C VAL C 116 -20.95 -1.91 32.53
N LEU C 117 -21.63 -1.31 33.49
CA LEU C 117 -21.31 0.02 33.98
C LEU C 117 -20.65 -0.08 35.34
N ALA C 118 -19.61 0.71 35.54
CA ALA C 118 -18.97 0.75 36.84
C ALA C 118 -19.06 2.14 37.44
N PRO C 119 -19.21 2.25 38.76
CA PRO C 119 -19.15 3.56 39.40
C PRO C 119 -17.76 4.17 39.26
N GLU C 120 -17.70 5.49 39.08
CA GLU C 120 -16.40 6.18 38.98
C GLU C 120 -15.68 6.06 40.33
N GLY C 121 -16.40 6.26 41.44
CA GLY C 121 -15.79 6.15 42.74
C GLY C 121 -15.76 7.45 43.53
N SER C 122 -15.48 8.56 42.84
CA SER C 122 -15.40 9.85 43.52
C SER C 122 -16.79 10.42 43.78
N VAL C 123 -17.55 10.63 42.72
CA VAL C 123 -18.89 11.20 42.83
C VAL C 123 -19.90 10.06 42.94
N ALA C 124 -20.77 10.13 43.94
CA ALA C 124 -21.80 9.11 44.11
C ALA C 124 -22.85 9.23 43.00
N ASN C 125 -23.49 8.10 42.71
CA ASN C 125 -24.51 8.02 41.65
C ASN C 125 -23.95 8.46 40.31
N LYS C 126 -22.71 8.06 40.03
CA LYS C 126 -22.06 8.35 38.77
C LYS C 126 -21.49 7.06 38.20
N PHE C 127 -21.74 6.82 36.92
CA PHE C 127 -21.30 5.59 36.28
C PHE C 127 -20.68 5.91 34.93
N TYR C 128 -19.78 5.02 34.50
CA TYR C 128 -19.15 5.10 33.19
C TYR C 128 -19.21 3.73 32.54
N VAL C 129 -19.28 3.71 31.21
CA VAL C 129 -19.45 2.46 30.47
C VAL C 129 -18.14 1.70 30.46
N HIS C 130 -18.04 0.69 31.33
CA HIS C 130 -16.83 -0.13 31.36
C HIS C 130 -16.80 -1.13 30.22
N ASN C 131 -17.95 -1.71 29.86
CA ASN C 131 -17.99 -2.69 28.79
C ASN C 131 -19.21 -2.45 27.92
N ASP C 132 -19.01 -2.44 26.60
CA ASP C 132 -20.08 -2.10 25.67
C ASP C 132 -20.03 -3.08 24.51
N ILE C 133 -20.90 -4.09 24.55
CA ILE C 133 -20.93 -5.16 23.56
C ILE C 133 -22.22 -5.01 22.75
N PHE C 134 -22.10 -4.51 21.52
CA PHE C 134 -23.23 -4.33 20.64
C PHE C 134 -23.18 -5.35 19.52
N ARG C 135 -24.35 -5.85 19.12
CA ARG C 135 -24.42 -6.80 18.02
C ARG C 135 -25.77 -6.69 17.33
N TYR C 136 -25.74 -6.42 16.03
CA TYR C 136 -26.94 -6.46 15.22
C TYR C 136 -27.47 -7.88 15.14
N GLN C 137 -28.78 -8.03 15.24
CA GLN C 137 -29.37 -9.35 15.17
C GLN C 137 -29.27 -9.94 13.76
N ASP C 138 -29.23 -9.09 12.75
CA ASP C 138 -29.10 -9.56 11.37
C ASP C 138 -27.64 -9.61 10.93
N GLU C 139 -26.81 -10.24 11.76
CA GLU C 139 -25.44 -10.55 11.41
C GLU C 139 -25.23 -12.02 11.71
N VAL C 140 -25.94 -12.50 12.72
CA VAL C 140 -26.10 -13.92 12.98
C VAL C 140 -27.51 -14.30 12.54
N PHE C 141 -27.73 -15.61 12.35
CA PHE C 141 -29.02 -16.12 11.85
C PHE C 141 -29.18 -15.70 10.38
N LYS D 8 24.30 -32.00 37.89
CA LYS D 8 24.45 -30.82 37.04
C LYS D 8 23.56 -30.93 35.80
N PRO D 9 22.36 -30.37 35.87
CA PRO D 9 21.46 -30.41 34.72
C PRO D 9 22.02 -29.63 33.54
N SER D 10 21.60 -30.05 32.35
CA SER D 10 22.10 -29.43 31.13
C SER D 10 21.62 -27.98 31.04
N PRO D 11 22.47 -27.08 30.54
CA PRO D 11 22.03 -25.68 30.39
C PRO D 11 20.85 -25.52 29.47
N LEU D 12 20.72 -26.38 28.45
CA LEU D 12 19.56 -26.31 27.58
C LEU D 12 18.27 -26.53 28.36
N LEU D 13 18.22 -27.59 29.17
CA LEU D 13 17.04 -27.83 29.99
C LEU D 13 16.83 -26.72 31.00
N VAL D 14 17.92 -26.22 31.58
CA VAL D 14 17.80 -25.13 32.57
C VAL D 14 17.12 -23.93 31.94
N GLY D 15 17.63 -23.52 30.76
CA GLY D 15 17.06 -22.36 30.09
C GLY D 15 15.63 -22.58 29.65
N ARG D 16 15.32 -23.79 29.14
CA ARG D 16 13.96 -24.07 28.70
C ARG D 16 12.99 -24.01 29.87
N GLU D 17 13.34 -24.63 31.00
CA GLU D 17 12.47 -24.60 32.16
C GLU D 17 12.30 -23.18 32.68
N PHE D 18 13.38 -22.40 32.72
CA PHE D 18 13.23 -21.02 33.17
C PHE D 18 12.33 -20.23 32.23
N VAL D 19 12.46 -20.43 30.92
CA VAL D 19 11.64 -19.70 29.98
C VAL D 19 10.17 -20.02 30.21
N ARG D 20 9.86 -21.31 30.38
CA ARG D 20 8.48 -21.70 30.62
C ARG D 20 7.95 -21.07 31.91
N GLN D 21 8.73 -21.12 32.99
CA GLN D 21 8.27 -20.55 34.24
C GLN D 21 8.10 -19.04 34.16
N TYR D 22 9.03 -18.36 33.50
CA TYR D 22 8.97 -16.90 33.40
C TYR D 22 7.76 -16.46 32.61
N TYR D 23 7.50 -17.09 31.47
CA TYR D 23 6.36 -16.68 30.69
C TYR D 23 5.05 -17.21 31.25
N THR D 24 5.09 -18.19 32.15
CA THR D 24 3.90 -18.53 32.91
C THR D 24 3.57 -17.45 33.93
N LEU D 25 4.59 -16.99 34.67
CA LEU D 25 4.34 -15.95 35.67
C LEU D 25 4.14 -14.58 35.05
N LEU D 26 4.48 -14.41 33.79
CA LEU D 26 4.24 -13.13 33.15
C LEU D 26 2.75 -12.82 33.09
N ASN D 27 1.92 -13.85 32.97
CA ASN D 27 0.48 -13.63 32.90
C ASN D 27 -0.30 -14.23 34.07
N GLN D 28 0.11 -15.39 34.59
CA GLN D 28 -0.63 -15.98 35.70
C GLN D 28 -0.58 -15.10 36.93
N ALA D 29 0.58 -14.55 37.25
CA ALA D 29 0.74 -13.74 38.45
C ALA D 29 1.93 -12.81 38.31
N PRO D 30 1.78 -11.71 37.55
CA PRO D 30 2.93 -10.80 37.36
C PRO D 30 3.33 -10.05 38.62
N ASP D 31 2.57 -10.19 39.71
CA ASP D 31 2.94 -9.50 40.95
C ASP D 31 4.28 -9.97 41.46
N MET D 32 4.52 -11.29 41.37
CA MET D 32 5.76 -11.88 41.96
C MET D 32 6.84 -12.08 40.90
N LEU D 33 6.77 -11.39 39.76
CA LEU D 33 7.84 -11.51 38.78
C LEU D 33 9.16 -10.95 39.30
N HIS D 34 9.10 -10.04 40.27
CA HIS D 34 10.32 -9.45 40.82
C HIS D 34 11.18 -10.50 41.51
N ARG D 35 10.55 -11.59 41.96
CA ARG D 35 11.29 -12.64 42.71
C ARG D 35 12.31 -13.32 41.81
N PHE D 36 12.26 -13.09 40.49
CA PHE D 36 13.21 -13.84 39.63
C PHE D 36 14.57 -13.13 39.63
N TYR D 37 14.69 -11.96 40.27
CA TYR D 37 15.91 -11.18 40.16
C TYR D 37 16.57 -10.99 41.52
N GLY D 38 17.79 -10.46 41.50
CA GLY D 38 18.58 -10.28 42.70
C GLY D 38 18.91 -8.84 43.00
N LYS D 39 19.82 -8.61 43.95
CA LYS D 39 20.14 -7.22 44.37
C LYS D 39 20.79 -6.44 43.22
N ASN D 40 21.54 -7.13 42.36
CA ASN D 40 22.25 -6.47 41.26
C ASN D 40 21.83 -7.15 39.96
N SER D 41 20.71 -6.67 39.40
CA SER D 41 20.15 -7.24 38.19
C SER D 41 19.73 -6.13 37.26
N SER D 42 19.96 -6.37 35.96
CA SER D 42 19.56 -5.38 34.93
C SER D 42 18.24 -5.84 34.32
N TYR D 43 17.39 -4.88 33.95
CA TYR D 43 16.09 -5.18 33.38
C TYR D 43 15.73 -4.11 32.36
N VAL D 44 15.43 -4.52 31.14
CA VAL D 44 14.80 -3.65 30.15
C VAL D 44 13.75 -4.45 29.40
N HIS D 45 12.58 -3.84 29.19
CA HIS D 45 11.45 -4.52 28.56
C HIS D 45 10.85 -3.66 27.45
N GLY D 46 11.69 -3.14 26.56
CA GLY D 46 11.21 -2.54 25.33
C GLY D 46 10.35 -1.30 25.52
N GLY D 47 10.96 -0.22 26.00
CA GLY D 47 10.25 1.02 26.15
C GLY D 47 10.81 2.12 25.28
N LEU D 48 9.99 3.12 24.97
CA LEU D 48 10.40 4.27 24.20
C LEU D 48 10.22 5.53 25.03
N ASP D 49 11.17 6.46 24.89
CA ASP D 49 11.11 7.74 25.58
C ASP D 49 10.59 8.81 24.63
N SER D 50 10.59 10.05 25.09
CA SER D 50 10.12 11.16 24.25
C SER D 50 10.97 11.30 23.01
N ASN D 51 12.29 11.16 23.16
CA ASN D 51 13.20 11.31 22.04
C ASN D 51 13.16 10.13 21.07
N GLY D 52 12.55 9.01 21.47
CA GLY D 52 12.44 7.85 20.62
C GLY D 52 13.53 6.83 20.79
N LYS D 53 14.56 7.11 21.59
CA LYS D 53 15.55 6.10 21.89
C LYS D 53 14.92 5.02 22.77
N PRO D 54 15.38 3.78 22.65
CA PRO D 54 14.86 2.71 23.51
C PRO D 54 15.12 3.02 24.98
N ALA D 55 14.17 2.62 25.82
CA ALA D 55 14.26 2.93 27.24
C ALA D 55 15.48 2.31 27.87
N ASP D 56 16.10 3.06 28.77
CA ASP D 56 17.31 2.57 29.47
C ASP D 56 16.89 1.51 30.50
N ALA D 57 17.75 0.53 30.74
CA ALA D 57 17.47 -0.53 31.69
C ALA D 57 17.52 0.02 33.11
N VAL D 58 16.90 -0.72 34.02
CA VAL D 58 16.89 -0.36 35.44
C VAL D 58 17.67 -1.42 36.21
N TYR D 59 18.02 -1.08 37.44
CA TYR D 59 18.85 -1.94 38.27
C TYR D 59 18.26 -2.03 39.67
N GLY D 60 18.45 -3.18 40.30
CA GLY D 60 17.94 -3.41 41.63
C GLY D 60 16.59 -4.12 41.62
N GLN D 61 16.40 -5.04 42.56
CA GLN D 61 15.18 -5.83 42.58
C GLN D 61 13.94 -4.97 42.76
N LYS D 62 14.03 -3.99 43.65
CA LYS D 62 12.84 -3.12 43.94
C LYS D 62 12.52 -2.26 42.72
N GLU D 63 13.54 -1.77 42.02
CA GLU D 63 13.30 -0.94 40.80
C GLU D 63 12.75 -1.85 39.70
N ILE D 64 13.19 -3.10 39.62
CA ILE D 64 12.64 -4.03 38.64
C ILE D 64 11.17 -4.28 38.92
N HIS D 65 10.83 -4.46 40.19
CA HIS D 65 9.43 -4.63 40.57
C HIS D 65 8.60 -3.42 40.19
N ARG D 66 9.13 -2.23 40.45
CA ARG D 66 8.43 -0.98 40.09
C ARG D 66 8.19 -0.97 38.58
N LYS D 67 9.24 -1.26 37.80
CA LYS D 67 9.11 -1.19 36.35
C LYS D 67 8.09 -2.21 35.84
N VAL D 68 8.08 -3.41 36.42
CA VAL D 68 7.09 -4.40 36.05
C VAL D 68 5.68 -3.88 36.34
N MET D 69 5.49 -3.29 37.52
CA MET D 69 4.16 -2.77 37.86
C MET D 69 3.74 -1.65 36.91
N SER D 70 4.69 -0.80 36.53
CA SER D 70 4.39 0.24 35.55
C SER D 70 4.00 -0.35 34.21
N GLN D 71 4.69 -1.43 33.81
CA GLN D 71 4.33 -2.11 32.57
C GLN D 71 2.95 -2.72 32.64
N ASN D 72 2.51 -3.12 33.84
CA ASN D 72 1.17 -3.65 34.11
C ASN D 72 0.75 -4.69 33.07
N PHE D 73 1.46 -5.81 33.09
CA PHE D 73 1.13 -6.93 32.23
C PHE D 73 -0.20 -7.54 32.65
N THR D 74 -1.18 -7.54 31.76
CA THR D 74 -2.50 -8.09 32.02
C THR D 74 -2.75 -9.22 31.04
N ASN D 75 -2.66 -10.46 31.53
CA ASN D 75 -2.97 -11.66 30.74
C ASN D 75 -2.12 -11.69 29.46
N CYS D 76 -0.81 -11.68 29.66
CA CYS D 76 0.13 -11.69 28.54
C CYS D 76 0.15 -13.06 27.89
N HIS D 77 -0.38 -13.14 26.68
CA HIS D 77 -0.33 -14.37 25.89
C HIS D 77 0.95 -14.38 25.08
N THR D 78 1.74 -15.44 25.24
CA THR D 78 3.07 -15.52 24.63
C THR D 78 3.22 -16.82 23.87
N LYS D 79 3.70 -16.72 22.64
CA LYS D 79 4.05 -17.87 21.81
C LYS D 79 5.56 -17.84 21.63
N ILE D 80 6.25 -18.82 22.19
CA ILE D 80 7.70 -18.85 22.23
C ILE D 80 8.17 -19.61 20.97
N ARG D 81 8.67 -18.87 19.99
CA ARG D 81 9.06 -19.50 18.74
C ARG D 81 10.40 -20.22 18.87
N HIS D 82 11.36 -19.64 19.59
CA HIS D 82 12.68 -20.28 19.68
C HIS D 82 13.35 -19.95 21.00
N VAL D 83 14.01 -20.96 21.57
CA VAL D 83 14.84 -20.82 22.77
C VAL D 83 16.20 -21.42 22.49
N ASP D 84 17.25 -20.76 22.98
CA ASP D 84 18.61 -21.26 22.85
C ASP D 84 19.36 -20.93 24.13
N ALA D 85 19.63 -21.93 24.95
CA ALA D 85 20.33 -21.75 26.22
C ALA D 85 21.70 -22.40 26.14
N HIS D 86 22.69 -21.73 26.72
CA HIS D 86 24.06 -22.22 26.65
C HIS D 86 24.84 -21.81 27.90
N ALA D 87 25.96 -22.48 28.12
CA ALA D 87 26.79 -22.23 29.29
C ALA D 87 27.50 -20.88 29.17
N THR D 88 27.97 -20.39 30.32
CA THR D 88 28.57 -19.07 30.43
C THR D 88 29.50 -19.14 31.65
N LEU D 89 29.92 -17.99 32.16
CA LEU D 89 30.86 -17.96 33.29
C LEU D 89 30.28 -18.65 34.52
N ASN D 90 31.17 -19.34 35.23
CA ASN D 90 30.89 -20.07 36.48
C ASN D 90 29.52 -20.72 36.47
N ASP D 91 29.30 -21.60 35.48
CA ASP D 91 28.04 -22.39 35.40
C ASP D 91 26.82 -21.50 35.15
N GLY D 92 27.01 -20.21 34.87
CA GLY D 92 25.87 -19.40 34.50
C GLY D 92 25.32 -19.81 33.16
N VAL D 93 24.12 -19.35 32.85
CA VAL D 93 23.45 -19.73 31.61
C VAL D 93 22.99 -18.47 30.90
N VAL D 94 23.19 -18.41 29.59
CA VAL D 94 22.64 -17.36 28.74
C VAL D 94 21.54 -17.98 27.90
N VAL D 95 20.38 -17.33 27.88
CA VAL D 95 19.21 -17.80 27.16
C VAL D 95 18.86 -16.74 26.13
N GLN D 96 18.64 -17.17 24.90
CA GLN D 96 18.20 -16.28 23.83
C GLN D 96 16.87 -16.78 23.30
N VAL D 97 15.83 -15.95 23.47
CA VAL D 97 14.46 -16.37 23.11
C VAL D 97 13.82 -15.41 22.10
N MET D 98 13.12 -15.94 21.12
CA MET D 98 12.43 -15.19 20.08
C MET D 98 10.98 -15.64 20.06
N GLY D 99 10.05 -14.71 19.86
CA GLY D 99 8.67 -15.12 19.82
C GLY D 99 7.71 -13.98 19.64
N LEU D 100 6.47 -14.20 20.10
CA LEU D 100 5.40 -13.23 20.00
C LEU D 100 4.76 -13.06 21.38
N LEU D 101 4.46 -11.81 21.74
CA LEU D 101 3.86 -11.52 23.07
C LEU D 101 2.76 -10.46 22.90
N SER D 102 1.62 -10.63 23.57
CA SER D 102 0.52 -9.69 23.49
C SER D 102 -0.13 -9.55 24.86
N ASN D 103 -0.18 -8.33 25.37
CA ASN D 103 -0.82 -8.05 26.63
C ASN D 103 -2.20 -7.45 26.40
N ASN D 104 -3.07 -7.62 27.40
CA ASN D 104 -4.45 -7.13 27.35
C ASN D 104 -5.23 -7.76 26.20
N ASN D 105 -4.87 -8.99 25.85
CA ASN D 105 -5.55 -9.76 24.80
C ASN D 105 -5.55 -9.02 23.47
N GLN D 106 -4.56 -8.16 23.25
CA GLN D 106 -4.47 -7.38 22.03
C GLN D 106 -3.67 -8.16 20.98
N ALA D 107 -3.29 -7.48 19.90
CA ALA D 107 -2.57 -8.13 18.82
C ALA D 107 -1.18 -8.57 19.27
N LEU D 108 -0.73 -9.70 18.72
CA LEU D 108 0.60 -10.22 19.04
C LEU D 108 1.67 -9.31 18.45
N ARG D 109 2.80 -9.20 19.16
CA ARG D 109 3.92 -8.41 18.71
C ARG D 109 5.19 -9.25 18.77
N ARG D 110 5.99 -9.18 17.71
CA ARG D 110 7.25 -9.90 17.66
C ARG D 110 8.23 -9.34 18.68
N PHE D 111 8.92 -10.25 19.37
CA PHE D 111 9.84 -9.83 20.43
C PHE D 111 11.10 -10.69 20.42
N MET D 112 12.17 -10.07 20.90
CA MET D 112 13.52 -10.62 20.94
C MET D 112 14.07 -10.43 22.35
N GLN D 113 14.55 -11.53 22.93
CA GLN D 113 14.94 -11.43 24.36
C GLN D 113 16.20 -12.21 24.70
N THR D 114 16.95 -11.72 25.69
CA THR D 114 18.13 -12.38 26.22
C THR D 114 18.09 -12.37 27.75
N PHE D 115 18.23 -13.54 28.34
CA PHE D 115 18.32 -13.73 29.78
C PHE D 115 19.73 -14.14 30.14
N VAL D 116 20.21 -13.67 31.28
CA VAL D 116 21.47 -14.14 31.87
C VAL D 116 21.17 -14.55 33.30
N LEU D 117 21.33 -15.83 33.59
CA LEU D 117 21.03 -16.42 34.88
C LEU D 117 22.31 -16.84 35.56
N ALA D 118 22.52 -16.37 36.79
CA ALA D 118 23.71 -16.70 37.54
C ALA D 118 23.35 -17.58 38.74
N PRO D 119 24.11 -18.63 39.00
CA PRO D 119 23.82 -19.49 40.14
C PRO D 119 23.95 -18.73 41.46
N GLU D 120 23.15 -19.12 42.45
CA GLU D 120 23.17 -18.41 43.76
C GLU D 120 24.42 -18.81 44.57
N GLY D 121 24.99 -20.00 44.32
CA GLY D 121 26.18 -20.42 45.01
C GLY D 121 25.95 -20.92 46.42
N SER D 122 24.72 -20.84 46.92
CA SER D 122 24.37 -21.33 48.24
C SER D 122 23.42 -22.52 48.20
N VAL D 123 22.52 -22.56 47.22
CA VAL D 123 21.56 -23.63 47.05
C VAL D 123 21.83 -24.31 45.71
N ALA D 124 21.87 -25.64 45.71
CA ALA D 124 22.14 -26.37 44.49
C ALA D 124 21.03 -26.14 43.47
N ASN D 125 21.43 -25.98 42.21
CA ASN D 125 20.51 -25.78 41.09
C ASN D 125 19.60 -24.58 41.33
N LYS D 126 20.16 -23.53 41.93
CA LYS D 126 19.43 -22.29 42.18
C LYS D 126 19.90 -21.24 41.18
N PHE D 127 18.94 -20.57 40.54
CA PHE D 127 19.26 -19.56 39.54
C PHE D 127 18.42 -18.32 39.79
N TYR D 128 18.95 -17.18 39.37
CA TYR D 128 18.24 -15.91 39.43
C TYR D 128 18.58 -15.12 38.17
N VAL D 129 17.65 -14.26 37.77
CA VAL D 129 17.82 -13.51 36.53
C VAL D 129 18.78 -12.36 36.81
N HIS D 130 20.05 -12.56 36.51
CA HIS D 130 21.00 -11.45 36.59
C HIS D 130 20.66 -10.37 35.57
N ASN D 131 20.35 -10.76 34.34
CA ASN D 131 20.13 -9.76 33.31
C ASN D 131 18.94 -10.15 32.44
N ASP D 132 18.15 -9.15 32.05
CA ASP D 132 16.96 -9.35 31.25
C ASP D 132 16.90 -8.24 30.21
N ILE D 133 17.00 -8.62 28.93
CA ILE D 133 16.92 -7.69 27.82
C ILE D 133 15.75 -8.11 26.95
N PHE D 134 14.78 -7.21 26.76
CA PHE D 134 13.59 -7.49 25.98
C PHE D 134 13.40 -6.35 25.00
N ARG D 135 13.15 -6.68 23.74
CA ARG D 135 12.94 -5.66 22.72
C ARG D 135 11.84 -6.11 21.76
N TYR D 136 10.80 -5.29 21.64
CA TYR D 136 9.82 -5.50 20.60
C TYR D 136 10.40 -5.11 19.26
N GLN D 137 10.16 -5.93 18.24
CA GLN D 137 10.76 -5.68 16.93
C GLN D 137 10.26 -4.37 16.34
N ASP D 138 8.96 -4.08 16.48
CA ASP D 138 8.38 -2.92 15.82
C ASP D 138 9.01 -1.62 16.32
N GLU D 139 9.37 -1.56 17.59
CA GLU D 139 9.84 -0.30 18.17
C GLU D 139 11.21 0.10 17.67
N VAL D 140 12.07 -0.88 17.35
CA VAL D 140 13.46 -0.64 17.02
C VAL D 140 13.71 -0.78 15.52
N PHE D 141 13.23 -1.87 14.92
CA PHE D 141 13.47 -2.12 13.51
C PHE D 141 12.72 -1.14 12.61
N PRO E 9 36.04 24.85 29.55
CA PRO E 9 34.89 23.94 29.53
C PRO E 9 33.91 24.26 28.40
N ILE E 10 34.39 24.16 27.17
CA ILE E 10 33.55 24.49 26.00
C ILE E 10 32.96 23.18 25.50
N THR E 11 31.68 23.00 25.80
CA THR E 11 30.94 21.83 25.34
C THR E 11 29.80 22.26 24.42
N PHE E 12 29.19 21.26 23.78
CA PHE E 12 28.09 21.55 22.83
C PHE E 12 26.87 20.73 23.22
N GLY E 13 25.69 21.15 22.77
CA GLY E 13 24.46 20.42 23.01
C GLY E 13 24.11 20.29 24.48
N ASP E 14 24.27 19.09 25.02
CA ASP E 14 24.01 18.84 26.43
C ASP E 14 25.17 18.15 27.14
N PHE E 15 26.24 17.82 26.42
CA PHE E 15 27.36 17.11 27.04
C PHE E 15 28.08 18.00 28.05
N ASN E 16 28.64 17.36 29.07
CA ASN E 16 29.56 18.05 29.96
C ASN E 16 30.98 17.85 29.43
N ASP E 17 31.98 18.17 30.24
CA ASP E 17 33.37 18.09 29.81
C ASP E 17 33.82 16.64 29.80
N GLY E 18 33.84 16.03 28.62
CA GLY E 18 34.60 14.82 28.40
C GLY E 18 33.85 13.50 28.45
N GLU E 19 32.52 13.50 28.52
CA GLU E 19 31.82 12.23 28.46
C GLU E 19 32.03 11.55 27.11
N ILE E 20 32.08 12.35 26.04
CA ILE E 20 32.40 11.81 24.72
C ILE E 20 33.84 11.33 24.65
N GLU E 21 34.76 11.99 25.36
CA GLU E 21 36.17 11.53 25.40
C GLU E 21 36.21 10.16 26.09
N SER E 22 35.44 9.98 27.17
CA SER E 22 35.36 8.67 27.81
C SER E 22 34.73 7.64 26.89
N LEU E 23 33.69 8.04 26.14
CA LEU E 23 33.07 7.17 25.15
C LEU E 23 34.00 6.86 23.99
N SER E 24 35.09 7.60 23.84
CA SER E 24 36.12 7.29 22.85
C SER E 24 37.25 6.56 23.58
N SER E 25 37.17 5.23 23.60
CA SER E 25 38.14 4.39 24.30
C SER E 25 39.13 3.83 23.28
N GLU E 26 40.35 4.35 23.29
CA GLU E 26 41.38 3.91 22.37
C GLU E 26 42.18 2.73 22.90
N LEU E 27 42.16 2.53 24.23
CA LEU E 27 43.00 1.46 24.86
C LEU E 27 42.24 0.14 24.90
N LEU E 28 40.96 0.13 24.51
CA LEU E 28 40.16 -1.08 24.55
C LEU E 28 40.57 -2.03 23.42
N THR E 29 40.82 -3.29 23.77
CA THR E 29 41.17 -4.31 22.80
C THR E 29 40.31 -5.54 23.02
N PHE E 30 40.11 -6.31 21.95
CA PHE E 30 39.34 -7.54 21.99
C PHE E 30 40.13 -8.65 21.33
N GLY E 31 40.12 -9.83 21.94
CA GLY E 31 40.93 -10.91 21.43
C GLY E 31 42.41 -10.58 21.59
N ASP E 32 43.22 -11.20 20.74
CA ASP E 32 44.66 -10.94 20.74
C ASP E 32 45.04 -9.77 19.83
N PHE E 33 44.08 -9.11 19.21
CA PHE E 33 44.38 -7.98 18.34
C PHE E 33 45.07 -6.87 19.11
N LEU E 34 46.13 -6.33 18.52
CA LEU E 34 46.87 -5.25 19.15
C LEU E 34 46.07 -3.96 19.04
N PRO E 35 46.25 -3.04 20.00
CA PRO E 35 45.51 -1.77 19.98
C PRO E 35 45.65 -1.04 18.65
N GLY E 36 44.54 -0.86 17.93
CA GLY E 36 44.56 -0.22 16.65
C GLY E 36 44.94 -1.12 15.50
N GLU E 37 45.24 -2.39 15.74
CA GLU E 37 45.58 -3.26 14.62
C GLU E 37 44.37 -3.43 13.71
N VAL E 38 43.18 -3.61 14.30
CA VAL E 38 41.97 -3.77 13.50
C VAL E 38 41.70 -2.54 12.65
N ASP E 39 41.84 -1.36 13.26
CA ASP E 39 41.62 -0.10 12.51
C ASP E 39 42.60 -0.07 11.33
N ASP E 40 43.85 -0.46 11.57
CA ASP E 40 44.85 -0.53 10.50
C ASP E 40 44.39 -1.43 9.35
N LEU E 41 43.91 -2.64 9.67
CA LEU E 41 43.47 -3.54 8.60
C LEU E 41 42.31 -2.95 7.81
N THR E 42 41.34 -2.34 8.49
CA THR E 42 40.17 -1.85 7.77
C THR E 42 40.47 -0.59 6.95
N ASP E 43 41.39 0.26 7.41
CA ASP E 43 41.62 1.54 6.69
C ASP E 43 42.68 1.36 5.61
N SER E 44 43.86 0.83 5.96
CA SER E 44 44.97 0.66 5.03
C SER E 44 45.12 -0.82 4.70
N ASP E 45 45.07 -1.15 3.41
CA ASP E 45 45.18 -2.57 2.98
C ASP E 45 46.62 -2.86 2.56
N PRO F 9 16.16 -31.60 42.39
CA PRO F 9 15.27 -30.46 42.51
C PRO F 9 15.88 -29.15 42.00
N ILE F 10 15.40 -28.68 40.86
CA ILE F 10 15.92 -27.48 40.21
C ILE F 10 14.87 -26.38 40.27
N THR F 11 15.25 -25.23 40.79
CA THR F 11 14.32 -24.12 40.98
C THR F 11 14.95 -22.83 40.46
N PHE F 12 14.10 -21.84 40.21
CA PHE F 12 14.52 -20.51 39.76
C PHE F 12 13.94 -19.47 40.71
N GLY F 13 14.76 -18.48 41.08
CA GLY F 13 14.29 -17.43 41.95
C GLY F 13 14.03 -17.92 43.36
N ASP F 14 13.18 -17.18 44.09
CA ASP F 14 12.85 -17.55 45.48
C ASP F 14 11.75 -18.62 45.49
N PHE F 15 11.23 -19.01 44.33
CA PHE F 15 10.14 -19.95 44.30
C PHE F 15 10.58 -21.32 44.79
N ASN F 16 9.76 -21.91 45.66
CA ASN F 16 10.03 -23.24 46.19
C ASN F 16 9.82 -24.27 45.09
N ASP F 17 10.43 -25.44 45.29
CA ASP F 17 10.27 -26.55 44.37
C ASP F 17 8.81 -26.96 44.27
N GLY F 18 8.31 -27.08 43.04
CA GLY F 18 6.94 -27.48 42.80
C GLY F 18 5.91 -26.40 43.03
N GLU F 19 6.33 -25.26 43.58
CA GLU F 19 5.40 -24.12 43.80
C GLU F 19 4.83 -23.66 42.46
N ILE F 20 5.64 -23.68 41.41
CA ILE F 20 5.21 -23.20 40.10
C ILE F 20 4.09 -24.09 39.57
N GLU F 21 4.26 -25.41 39.71
CA GLU F 21 3.22 -26.33 39.25
C GLU F 21 1.97 -26.23 40.14
N SER F 22 2.15 -26.05 41.44
CA SER F 22 0.99 -25.86 42.31
C SER F 22 0.19 -24.63 41.90
N LEU F 23 0.87 -23.52 41.58
CA LEU F 23 0.16 -22.29 41.25
C LEU F 23 -0.50 -22.38 39.88
N SER F 24 0.22 -22.88 38.87
CA SER F 24 -0.33 -22.82 37.48
C SER F 24 -0.92 -24.14 36.97
N SER F 25 -1.09 -25.14 37.84
CA SER F 25 -1.58 -26.43 37.39
C SER F 25 -3.10 -26.57 37.48
N GLU F 26 -3.80 -25.55 37.95
CA GLU F 26 -5.24 -25.67 38.07
C GLU F 26 -5.93 -25.65 36.72
N LEU F 27 -6.89 -26.55 36.54
CA LEU F 27 -7.62 -26.66 35.29
C LEU F 27 -8.84 -25.74 35.29
N LEU F 28 -9.32 -25.44 34.10
CA LEU F 28 -10.46 -24.55 33.94
C LEU F 28 -11.73 -25.28 34.35
N THR F 29 -12.48 -24.69 35.28
CA THR F 29 -13.61 -25.32 35.93
C THR F 29 -14.73 -24.30 36.10
N PHE F 30 -15.98 -24.77 36.08
CA PHE F 30 -17.12 -23.90 36.24
C PHE F 30 -18.04 -24.43 37.32
N GLY F 31 -18.69 -23.51 38.03
CA GLY F 31 -19.63 -23.88 39.07
C GLY F 31 -18.99 -24.72 40.14
N ASP F 32 -19.79 -25.62 40.72
CA ASP F 32 -19.29 -26.58 41.70
C ASP F 32 -18.69 -27.80 41.00
N PHE F 33 -19.15 -28.07 39.79
CA PHE F 33 -18.70 -29.27 39.02
C PHE F 33 -17.18 -29.41 39.00
N LEU F 34 -16.66 -30.53 39.50
CA LEU F 34 -15.25 -30.83 39.44
C LEU F 34 -14.81 -30.94 37.98
N PRO F 35 -13.54 -30.68 37.67
CA PRO F 35 -13.10 -30.67 36.27
C PRO F 35 -13.25 -32.05 35.64
N GLY F 36 -14.03 -32.11 34.57
CA GLY F 36 -14.35 -33.35 33.91
C GLY F 36 -15.64 -34.00 34.37
N GLU F 37 -16.25 -33.51 35.45
CA GLU F 37 -17.52 -34.09 35.90
C GLU F 37 -18.61 -33.86 34.86
N VAL F 38 -18.65 -32.66 34.27
CA VAL F 38 -19.67 -32.38 33.26
C VAL F 38 -19.52 -33.31 32.06
N ASP F 39 -18.34 -33.91 31.93
CA ASP F 39 -18.08 -34.76 30.74
C ASP F 39 -18.74 -36.13 30.88
N ASP F 40 -18.83 -36.65 32.11
CA ASP F 40 -19.38 -38.01 32.36
C ASP F 40 -20.85 -38.07 31.94
N LEU F 41 -21.66 -37.13 32.41
CA LEU F 41 -23.11 -37.08 32.08
C LEU F 41 -23.26 -37.09 30.57
N THR F 42 -22.53 -36.21 29.88
CA THR F 42 -22.54 -36.19 28.43
C THR F 42 -22.04 -37.50 27.86
N ASP F 43 -20.96 -38.05 28.45
CA ASP F 43 -20.43 -39.32 27.99
C ASP F 43 -21.36 -40.48 28.28
N SER F 44 -22.28 -40.32 29.24
CA SER F 44 -23.24 -41.39 29.53
C SER F 44 -24.12 -41.66 28.33
N ASP F 45 -24.56 -40.61 27.64
CA ASP F 45 -25.33 -40.75 26.42
C ASP F 45 -24.43 -40.61 25.19
N TRP F 46 -25.00 -40.86 24.03
CA TRP F 46 -24.26 -40.79 22.78
C TRP F 46 -25.09 -40.12 21.69
N LYS G 8 -23.78 -43.70 -13.79
CA LYS G 8 -22.70 -43.37 -12.81
C LYS G 8 -22.68 -41.85 -12.61
N PRO G 9 -22.87 -41.27 -11.39
CA PRO G 9 -22.77 -39.82 -11.25
C PRO G 9 -21.32 -39.34 -11.48
N SER G 10 -21.19 -38.14 -12.05
CA SER G 10 -19.85 -37.56 -12.36
C SER G 10 -19.04 -37.38 -11.07
N PRO G 11 -17.73 -37.74 -11.00
CA PRO G 11 -16.94 -37.46 -9.80
C PRO G 11 -17.07 -35.98 -9.44
N LEU G 12 -17.03 -35.09 -10.43
CA LEU G 12 -17.11 -33.66 -10.16
C LEU G 12 -18.45 -33.31 -9.52
N LEU G 13 -19.54 -33.87 -10.04
CA LEU G 13 -20.85 -33.65 -9.45
C LEU G 13 -20.92 -34.15 -8.02
N VAL G 14 -20.42 -35.36 -7.77
CA VAL G 14 -20.47 -35.92 -6.42
C VAL G 14 -19.69 -35.03 -5.46
N GLY G 15 -18.49 -34.63 -5.86
CA GLY G 15 -17.69 -33.78 -5.00
C GLY G 15 -18.35 -32.44 -4.72
N ARG G 16 -18.90 -31.80 -5.75
CA ARG G 16 -19.52 -30.49 -5.56
C ARG G 16 -20.75 -30.58 -4.67
N GLU G 17 -21.62 -31.56 -4.92
CA GLU G 17 -22.81 -31.70 -4.09
C GLU G 17 -22.43 -32.02 -2.65
N PHE G 18 -21.43 -32.88 -2.45
CA PHE G 18 -21.03 -33.18 -1.08
C PHE G 18 -20.45 -31.96 -0.40
N VAL G 19 -19.65 -31.16 -1.12
CA VAL G 19 -19.08 -29.97 -0.51
C VAL G 19 -20.20 -29.03 -0.07
N ARG G 20 -21.17 -28.83 -0.96
CA ARG G 20 -22.31 -27.92 -0.64
C ARG G 20 -23.04 -28.44 0.60
N GLN G 21 -23.40 -29.74 0.61
CA GLN G 21 -24.17 -30.29 1.71
C GLN G 21 -23.37 -30.26 3.01
N TYR G 22 -22.09 -30.63 2.94
CA TYR G 22 -21.27 -30.68 4.15
C TYR G 22 -21.11 -29.32 4.77
N TYR G 23 -20.81 -28.30 3.97
CA TYR G 23 -20.55 -27.01 4.58
C TYR G 23 -21.83 -26.33 5.03
N THR G 24 -22.93 -26.52 4.30
CA THR G 24 -24.21 -26.00 4.78
C THR G 24 -24.61 -26.67 6.09
N LEU G 25 -24.47 -28.00 6.18
CA LEU G 25 -24.81 -28.71 7.41
C LEU G 25 -23.88 -28.32 8.54
N LEU G 26 -22.61 -28.04 8.20
CA LEU G 26 -21.62 -27.61 9.22
C LEU G 26 -22.09 -26.28 9.81
N ASN G 27 -22.46 -25.33 8.94
CA ASN G 27 -22.89 -24.03 9.43
C ASN G 27 -24.18 -24.15 10.25
N GLN G 28 -25.15 -24.93 9.77
CA GLN G 28 -26.47 -24.93 10.40
C GLN G 28 -26.51 -25.83 11.64
N ALA G 29 -26.28 -27.12 11.47
CA ALA G 29 -26.44 -28.10 12.54
C ALA G 29 -25.18 -28.95 12.66
N PRO G 30 -24.11 -28.39 13.25
CA PRO G 30 -22.86 -29.14 13.34
C PRO G 30 -22.95 -30.41 14.16
N ASP G 31 -23.93 -30.53 15.06
CA ASP G 31 -24.06 -31.73 15.85
C ASP G 31 -24.44 -32.93 15.00
N MET G 32 -25.11 -32.69 13.87
CA MET G 32 -25.53 -33.74 12.96
C MET G 32 -24.45 -34.07 11.93
N LEU G 33 -23.20 -33.66 12.16
CA LEU G 33 -22.14 -33.93 11.21
C LEU G 33 -21.67 -35.38 11.27
N HIS G 34 -21.82 -36.03 12.42
CA HIS G 34 -21.35 -37.41 12.57
C HIS G 34 -22.07 -38.37 11.65
N ARG G 35 -23.22 -37.97 11.11
CA ARG G 35 -23.97 -38.84 10.20
C ARG G 35 -23.29 -38.98 8.85
N PHE G 36 -22.40 -38.04 8.50
CA PHE G 36 -21.71 -38.08 7.18
C PHE G 36 -20.67 -39.20 7.13
N TYR G 37 -20.07 -39.56 8.28
CA TYR G 37 -19.04 -40.58 8.32
C TYR G 37 -19.65 -41.95 8.58
N GLY G 38 -18.84 -42.97 8.35
CA GLY G 38 -19.26 -44.33 8.65
C GLY G 38 -18.33 -44.98 9.65
N LYS G 39 -18.47 -46.29 9.83
CA LYS G 39 -17.55 -47.03 10.67
C LYS G 39 -16.16 -47.00 10.06
N ASN G 40 -15.15 -46.99 10.93
CA ASN G 40 -13.73 -46.91 10.56
C ASN G 40 -13.48 -45.87 9.47
N SER G 41 -13.73 -44.62 9.81
CA SER G 41 -13.44 -43.48 8.96
C SER G 41 -12.53 -42.52 9.69
N SER G 42 -11.57 -41.95 8.97
CA SER G 42 -10.58 -41.07 9.59
C SER G 42 -11.04 -39.62 9.53
N TYR G 43 -10.89 -38.91 10.63
CA TYR G 43 -11.27 -37.50 10.74
C TYR G 43 -10.17 -36.78 11.51
N VAL G 44 -9.24 -36.16 10.79
CA VAL G 44 -8.08 -35.55 11.42
C VAL G 44 -8.22 -34.03 11.53
N HIS G 45 -9.40 -33.48 11.25
CA HIS G 45 -9.63 -32.06 11.42
C HIS G 45 -9.34 -31.65 12.85
N GLY G 46 -8.43 -30.70 13.01
CA GLY G 46 -8.08 -30.24 14.34
C GLY G 46 -6.98 -29.19 14.26
N GLY G 47 -6.59 -28.72 15.43
CA GLY G 47 -5.53 -27.72 15.52
C GLY G 47 -4.20 -28.32 15.89
N LEU G 48 -3.61 -27.85 16.99
CA LEU G 48 -2.34 -28.36 17.50
C LEU G 48 -2.59 -28.98 18.86
N ASP G 49 -2.69 -30.31 18.90
CA ASP G 49 -2.86 -31.01 20.17
C ASP G 49 -1.67 -30.78 21.09
N SER G 50 -0.46 -30.81 20.53
CA SER G 50 0.76 -30.50 21.26
C SER G 50 1.63 -29.62 20.37
N ASN G 51 2.90 -29.47 20.75
CA ASN G 51 3.80 -28.59 20.02
C ASN G 51 4.02 -29.09 18.59
N GLY G 52 3.41 -28.40 17.62
CA GLY G 52 3.59 -28.74 16.22
C GLY G 52 3.18 -30.16 15.86
N LYS G 53 2.11 -30.65 16.47
CA LYS G 53 1.66 -32.03 16.25
C LYS G 53 0.31 -32.03 15.54
N PRO G 54 0.21 -32.65 14.37
CA PRO G 54 -1.12 -32.79 13.74
C PRO G 54 -2.05 -33.59 14.62
N ALA G 55 -3.33 -33.22 14.59
CA ALA G 55 -4.32 -33.89 15.41
C ALA G 55 -4.38 -35.38 15.09
N ASP G 56 -4.49 -36.20 16.12
CA ASP G 56 -4.59 -37.64 15.93
C ASP G 56 -5.92 -37.98 15.24
N ALA G 57 -5.86 -38.93 14.33
CA ALA G 57 -7.07 -39.37 13.63
C ALA G 57 -8.03 -40.02 14.61
N VAL G 58 -9.31 -39.65 14.52
CA VAL G 58 -10.37 -40.25 15.31
C VAL G 58 -11.23 -41.10 14.38
N TYR G 59 -11.53 -42.32 14.83
CA TYR G 59 -12.23 -43.30 14.01
C TYR G 59 -13.55 -43.65 14.66
N GLY G 60 -14.57 -43.83 13.85
CA GLY G 60 -15.88 -44.17 14.36
C GLY G 60 -16.77 -42.96 14.51
N GLN G 61 -18.08 -43.17 14.31
CA GLN G 61 -19.01 -42.05 14.32
C GLN G 61 -19.05 -41.38 15.68
N LYS G 62 -19.04 -42.18 16.76
CA LYS G 62 -19.13 -41.61 18.12
C LYS G 62 -17.91 -40.72 18.39
N GLU G 63 -16.71 -41.21 18.07
CA GLU G 63 -15.50 -40.46 18.32
C GLU G 63 -15.44 -39.20 17.46
N ILE G 64 -15.88 -39.30 16.19
CA ILE G 64 -15.91 -38.13 15.33
C ILE G 64 -16.87 -37.08 15.87
N HIS G 65 -18.04 -37.53 16.35
CA HIS G 65 -19.01 -36.60 16.92
C HIS G 65 -18.44 -35.91 18.15
N ARG G 66 -17.75 -36.67 19.01
CA ARG G 66 -17.15 -36.08 20.19
C ARG G 66 -16.09 -35.04 19.79
N LYS G 67 -15.26 -35.35 18.80
CA LYS G 67 -14.27 -34.39 18.35
C LYS G 67 -14.94 -33.15 17.79
N VAL G 68 -16.00 -33.31 17.00
CA VAL G 68 -16.70 -32.18 16.42
C VAL G 68 -17.26 -31.29 17.52
N MET G 69 -17.91 -31.89 18.52
CA MET G 69 -18.44 -31.10 19.62
C MET G 69 -17.35 -30.40 20.39
N SER G 70 -16.17 -31.03 20.50
CA SER G 70 -15.04 -30.34 21.11
C SER G 70 -14.62 -29.14 20.28
N GLN G 71 -14.63 -29.28 18.94
CA GLN G 71 -14.27 -28.15 18.09
C GLN G 71 -15.24 -26.99 18.27
N ASN G 72 -16.53 -27.28 18.43
CA ASN G 72 -17.52 -26.25 18.73
C ASN G 72 -17.54 -25.21 17.60
N PHE G 73 -18.10 -25.66 16.48
CA PHE G 73 -18.34 -24.77 15.34
C PHE G 73 -19.59 -23.96 15.66
N THR G 74 -19.38 -22.78 16.25
CA THR G 74 -20.52 -21.95 16.64
C THR G 74 -21.33 -21.53 15.43
N ASN G 75 -20.72 -20.74 14.54
CA ASN G 75 -21.42 -20.20 13.38
C ASN G 75 -20.51 -20.25 12.17
N CYS G 76 -19.86 -21.41 11.96
CA CYS G 76 -18.83 -21.52 10.93
C CYS G 76 -19.33 -21.07 9.57
N HIS G 77 -18.77 -19.95 9.11
CA HIS G 77 -19.06 -19.46 7.75
C HIS G 77 -17.90 -19.88 6.86
N THR G 78 -18.18 -20.46 5.69
CA THR G 78 -17.16 -20.98 4.79
C THR G 78 -17.35 -20.37 3.42
N LYS G 79 -16.28 -19.80 2.88
CA LYS G 79 -16.23 -19.30 1.51
C LYS G 79 -15.33 -20.22 0.71
N ILE G 80 -15.93 -21.02 -0.18
CA ILE G 80 -15.21 -22.05 -0.92
C ILE G 80 -14.52 -21.39 -2.11
N ARG G 81 -13.20 -21.24 -2.04
CA ARG G 81 -12.49 -20.67 -3.17
C ARG G 81 -12.37 -21.67 -4.32
N HIS G 82 -12.14 -22.94 -4.00
CA HIS G 82 -11.97 -23.92 -5.06
C HIS G 82 -12.36 -25.31 -4.57
N VAL G 83 -12.92 -26.09 -5.47
CA VAL G 83 -13.26 -27.49 -5.23
C VAL G 83 -12.79 -28.31 -6.42
N ASP G 84 -11.99 -29.34 -6.16
CA ASP G 84 -11.56 -30.28 -7.20
C ASP G 84 -12.03 -31.67 -6.82
N ALA G 85 -12.60 -32.38 -7.78
CA ALA G 85 -13.05 -33.74 -7.57
C ALA G 85 -12.48 -34.65 -8.66
N HIS G 86 -11.97 -35.81 -8.25
CA HIS G 86 -11.46 -36.79 -9.19
C HIS G 86 -11.87 -38.18 -8.71
N ALA G 87 -11.84 -39.14 -9.61
CA ALA G 87 -12.17 -40.51 -9.25
C ALA G 87 -10.99 -41.16 -8.52
N THR G 88 -11.29 -42.23 -7.81
CA THR G 88 -10.26 -42.99 -7.09
C THR G 88 -10.81 -44.38 -6.81
N LEU G 89 -10.08 -45.16 -6.00
CA LEU G 89 -10.30 -46.58 -5.86
C LEU G 89 -11.75 -46.93 -5.56
N ASN G 90 -12.18 -48.09 -6.07
CA ASN G 90 -13.48 -48.66 -5.76
C ASN G 90 -14.60 -47.67 -6.04
N ASP G 91 -14.49 -46.96 -7.16
CA ASP G 91 -15.43 -45.92 -7.54
C ASP G 91 -15.51 -44.88 -6.42
N GLY G 92 -14.38 -44.63 -5.76
CA GLY G 92 -14.33 -43.59 -4.77
C GLY G 92 -14.17 -42.23 -5.42
N VAL G 93 -14.32 -41.19 -4.61
CA VAL G 93 -14.10 -39.82 -5.08
C VAL G 93 -13.16 -39.13 -4.11
N VAL G 94 -12.16 -38.44 -4.65
CA VAL G 94 -11.24 -37.62 -3.88
C VAL G 94 -11.52 -36.17 -4.23
N VAL G 95 -11.89 -35.37 -3.24
CA VAL G 95 -12.19 -33.96 -3.45
C VAL G 95 -11.33 -33.14 -2.51
N GLN G 96 -10.61 -32.18 -3.09
CA GLN G 96 -9.82 -31.23 -2.34
C GLN G 96 -10.48 -29.87 -2.45
N VAL G 97 -10.79 -29.32 -1.28
CA VAL G 97 -11.51 -28.02 -1.18
C VAL G 97 -10.59 -27.02 -0.49
N MET G 98 -10.39 -25.85 -1.10
CA MET G 98 -9.61 -24.80 -0.49
C MET G 98 -10.47 -23.56 -0.36
N GLY G 99 -10.27 -22.83 0.73
CA GLY G 99 -11.08 -21.64 0.95
C GLY G 99 -10.87 -20.94 2.27
N LEU G 100 -11.91 -20.26 2.75
CA LEU G 100 -11.86 -19.48 3.98
C LEU G 100 -12.88 -20.02 4.96
N LEU G 101 -12.50 -20.10 6.23
CA LEU G 101 -13.40 -20.53 7.29
C LEU G 101 -13.33 -19.56 8.45
N SER G 102 -14.48 -19.27 9.06
CA SER G 102 -14.56 -18.38 10.20
C SER G 102 -15.56 -18.93 11.20
N ASN G 103 -15.09 -19.27 12.40
CA ASN G 103 -15.93 -19.81 13.45
C ASN G 103 -16.34 -18.71 14.41
N ASN G 104 -17.61 -18.73 14.82
CA ASN G 104 -18.17 -17.73 15.74
C ASN G 104 -18.01 -16.31 15.19
N ASN G 105 -18.10 -16.14 13.88
CA ASN G 105 -17.99 -14.84 13.24
C ASN G 105 -16.68 -14.19 13.68
N GLN G 106 -15.59 -14.80 13.21
CA GLN G 106 -14.25 -14.33 13.51
C GLN G 106 -13.52 -14.02 12.21
N ALA G 107 -12.22 -13.75 12.31
CA ALA G 107 -11.42 -13.50 11.13
C ALA G 107 -11.36 -14.74 10.26
N LEU G 108 -11.63 -14.57 8.97
CA LEU G 108 -11.61 -15.70 8.05
C LEU G 108 -10.18 -16.17 7.85
N ARG G 109 -9.97 -17.48 7.94
CA ARG G 109 -8.65 -18.09 7.80
C ARG G 109 -8.63 -19.05 6.64
N ARG G 110 -7.52 -19.05 5.91
CA ARG G 110 -7.35 -19.95 4.77
C ARG G 110 -7.24 -21.40 5.26
N PHE G 111 -7.89 -22.29 4.54
CA PHE G 111 -7.92 -23.69 4.93
C PHE G 111 -7.98 -24.58 3.70
N MET G 112 -7.51 -25.81 3.88
CA MET G 112 -7.69 -26.90 2.94
C MET G 112 -8.36 -28.07 3.63
N GLN G 113 -9.22 -28.76 2.89
CA GLN G 113 -9.79 -30.01 3.37
C GLN G 113 -9.79 -31.03 2.24
N THR G 114 -9.35 -32.24 2.55
CA THR G 114 -9.36 -33.36 1.62
C THR G 114 -10.37 -34.38 2.10
N PHE G 115 -11.34 -34.71 1.25
CA PHE G 115 -12.31 -35.75 1.52
C PHE G 115 -12.07 -36.90 0.55
N VAL G 116 -12.15 -38.13 1.08
CA VAL G 116 -12.07 -39.33 0.18
C VAL G 116 -13.36 -40.12 0.42
N LEU G 117 -14.45 -39.75 -0.26
CA LEU G 117 -15.76 -40.41 -0.01
C LEU G 117 -15.77 -41.80 -0.63
N ALA G 118 -16.06 -42.82 0.18
CA ALA G 118 -16.20 -44.19 -0.38
C ALA G 118 -17.68 -44.48 -0.62
N PRO G 119 -18.04 -45.23 -1.69
CA PRO G 119 -19.44 -45.57 -1.95
C PRO G 119 -19.97 -46.70 -1.06
N GLU G 120 -21.29 -46.97 -1.13
CA GLU G 120 -21.89 -48.08 -0.36
C GLU G 120 -22.40 -49.14 -1.33
N GLY G 121 -22.10 -50.42 -1.09
CA GLY G 121 -22.48 -51.46 -2.01
C GLY G 121 -23.97 -51.77 -1.97
N SER G 122 -24.61 -51.52 -0.83
CA SER G 122 -26.02 -51.84 -0.68
C SER G 122 -26.88 -50.98 -1.60
N VAL G 123 -26.63 -49.66 -1.57
CA VAL G 123 -27.45 -48.71 -2.37
C VAL G 123 -26.52 -47.88 -3.25
N ALA G 124 -26.84 -47.75 -4.54
CA ALA G 124 -26.03 -46.94 -5.44
C ALA G 124 -26.14 -45.46 -5.08
N ASN G 125 -25.25 -44.67 -5.70
CA ASN G 125 -25.11 -43.23 -5.44
C ASN G 125 -25.25 -42.89 -3.95
N LYS G 126 -24.62 -43.72 -3.11
CA LYS G 126 -24.58 -43.51 -1.66
C LYS G 126 -23.12 -43.43 -1.25
N PHE G 127 -22.73 -42.33 -0.63
CA PHE G 127 -21.33 -42.10 -0.28
C PHE G 127 -21.20 -41.76 1.21
N TYR G 128 -20.20 -42.36 1.84
CA TYR G 128 -19.82 -42.06 3.21
C TYR G 128 -18.37 -41.62 3.24
N VAL G 129 -18.08 -40.58 4.01
CA VAL G 129 -16.76 -39.96 3.99
C VAL G 129 -15.78 -40.88 4.70
N HIS G 130 -14.95 -41.58 3.92
CA HIS G 130 -13.95 -42.46 4.51
C HIS G 130 -12.79 -41.68 5.10
N ASN G 131 -12.37 -40.59 4.45
CA ASN G 131 -11.23 -39.83 4.92
C ASN G 131 -11.57 -38.35 4.93
N ASP G 132 -11.24 -37.67 6.02
CA ASP G 132 -11.44 -36.23 6.13
C ASP G 132 -10.21 -35.63 6.79
N ILE G 133 -9.51 -34.77 6.05
CA ILE G 133 -8.28 -34.14 6.54
C ILE G 133 -8.42 -32.63 6.40
N PHE G 134 -8.17 -31.91 7.48
CA PHE G 134 -8.35 -30.47 7.51
C PHE G 134 -7.07 -29.80 7.99
N ARG G 135 -6.72 -28.68 7.36
CA ARG G 135 -5.55 -27.93 7.78
C ARG G 135 -5.77 -26.44 7.56
N TYR G 136 -5.41 -25.66 8.56
CA TYR G 136 -5.35 -24.22 8.41
C TYR G 136 -4.01 -23.80 7.82
N GLN G 137 -4.01 -22.73 7.05
CA GLN G 137 -2.78 -22.23 6.46
C GLN G 137 -1.87 -21.62 7.51
N ASP G 138 -2.43 -20.80 8.40
CA ASP G 138 -1.62 -20.08 9.38
C ASP G 138 -0.99 -21.02 10.40
N GLU G 139 -1.68 -22.10 10.77
CA GLU G 139 -1.19 -22.98 11.82
C GLU G 139 0.13 -23.62 11.45
N VAL G 140 0.42 -23.75 10.16
CA VAL G 140 1.63 -24.42 9.70
C VAL G 140 2.56 -23.50 8.92
N PHE G 141 2.10 -22.34 8.48
CA PHE G 141 2.97 -21.41 7.77
C PHE G 141 3.48 -20.31 8.71
N MET H 4 15.01 -32.87 4.52
CA MET H 4 15.46 -34.23 4.26
C MET H 4 15.45 -34.43 2.75
N VAL H 5 14.60 -33.67 2.05
CA VAL H 5 14.59 -33.75 0.59
C VAL H 5 15.98 -33.38 0.09
N MET H 6 16.63 -34.31 -0.60
CA MET H 6 18.05 -34.09 -1.00
C MET H 6 18.16 -32.92 -1.98
N GLU H 7 17.42 -32.96 -3.09
CA GLU H 7 17.49 -31.92 -4.12
C GLU H 7 18.87 -31.83 -4.76
N LYS H 8 19.04 -30.87 -5.67
CA LYS H 8 20.29 -30.58 -6.33
C LYS H 8 20.73 -29.16 -5.99
N PRO H 9 22.05 -28.92 -5.91
CA PRO H 9 22.51 -27.57 -5.55
C PRO H 9 22.13 -26.55 -6.61
N SER H 10 21.76 -25.36 -6.15
CA SER H 10 21.44 -24.27 -7.05
C SER H 10 22.72 -23.71 -7.66
N PRO H 11 22.62 -23.02 -8.80
CA PRO H 11 23.81 -22.43 -9.40
C PRO H 11 24.55 -21.46 -8.48
N LEU H 12 23.81 -20.66 -7.69
CA LEU H 12 24.47 -19.74 -6.78
C LEU H 12 25.31 -20.48 -5.75
N LEU H 13 24.75 -21.52 -5.14
CA LEU H 13 25.48 -22.28 -4.15
C LEU H 13 26.66 -22.99 -4.78
N VAL H 14 26.47 -23.56 -5.97
CA VAL H 14 27.58 -24.24 -6.65
C VAL H 14 28.72 -23.27 -6.90
N GLY H 15 28.41 -22.09 -7.44
CA GLY H 15 29.46 -21.13 -7.73
C GLY H 15 30.15 -20.62 -6.48
N ARG H 16 29.39 -20.35 -5.42
CA ARG H 16 30.00 -19.89 -4.18
C ARG H 16 30.93 -20.96 -3.60
N GLU H 17 30.47 -22.21 -3.60
CA GLU H 17 31.28 -23.32 -3.05
C GLU H 17 32.55 -23.47 -3.90
N PHE H 18 32.43 -23.31 -5.22
CA PHE H 18 33.59 -23.45 -6.09
C PHE H 18 34.60 -22.34 -5.87
N VAL H 19 34.12 -21.11 -5.71
CA VAL H 19 35.02 -20.00 -5.42
C VAL H 19 35.76 -20.25 -4.12
N ARG H 20 35.03 -20.68 -3.08
CA ARG H 20 35.64 -20.95 -1.80
C ARG H 20 36.73 -22.03 -1.93
N GLN H 21 36.39 -23.13 -2.61
CA GLN H 21 37.35 -24.21 -2.78
C GLN H 21 38.57 -23.75 -3.58
N TYR H 22 38.30 -23.01 -4.67
CA TYR H 22 39.38 -22.53 -5.55
C TYR H 22 40.38 -21.69 -4.78
N TYR H 23 39.91 -20.69 -4.03
CA TYR H 23 40.84 -19.78 -3.39
C TYR H 23 41.44 -20.37 -2.13
N THR H 24 40.70 -21.23 -1.41
CA THR H 24 41.29 -21.91 -0.26
C THR H 24 42.41 -22.83 -0.69
N LEU H 25 42.16 -23.63 -1.73
CA LEU H 25 43.21 -24.54 -2.27
C LEU H 25 44.39 -23.68 -2.73
N LEU H 26 44.13 -22.60 -3.46
CA LEU H 26 45.20 -21.77 -3.99
C LEU H 26 46.06 -21.20 -2.88
N ASN H 27 45.42 -20.72 -1.81
CA ASN H 27 46.17 -20.11 -0.68
C ASN H 27 47.00 -21.18 0.00
N GLN H 28 46.42 -22.37 0.16
CA GLN H 28 47.09 -23.42 0.92
C GLN H 28 48.03 -24.26 0.06
N ALA H 29 47.50 -24.89 -0.99
CA ALA H 29 48.28 -25.77 -1.86
C ALA H 29 48.13 -25.35 -3.31
N PRO H 30 48.80 -24.27 -3.71
CA PRO H 30 48.64 -23.79 -5.10
C PRO H 30 49.06 -24.80 -6.14
N ASP H 31 50.04 -25.65 -5.82
CA ASP H 31 50.57 -26.58 -6.82
C ASP H 31 49.52 -27.56 -7.28
N MET H 32 48.49 -27.79 -6.47
CA MET H 32 47.48 -28.82 -6.83
C MET H 32 46.34 -28.20 -7.66
N LEU H 33 46.41 -26.89 -7.90
CA LEU H 33 45.31 -26.22 -8.60
C LEU H 33 45.11 -26.78 -10.01
N HIS H 34 46.16 -27.37 -10.59
CA HIS H 34 46.07 -27.87 -11.99
C HIS H 34 44.93 -28.88 -12.16
N ARG H 35 44.47 -29.51 -11.08
CA ARG H 35 43.44 -30.57 -11.18
C ARG H 35 42.06 -29.99 -11.47
N PHE H 36 41.87 -28.68 -11.23
CA PHE H 36 40.56 -28.09 -11.41
C PHE H 36 40.12 -28.01 -12.87
N TYR H 37 41.06 -28.11 -13.81
CA TYR H 37 40.80 -27.73 -15.18
C TYR H 37 40.61 -28.97 -16.03
N GLY H 38 40.22 -28.76 -17.28
CA GLY H 38 39.97 -29.86 -18.19
C GLY H 38 40.78 -29.77 -19.47
N LYS H 39 40.49 -30.63 -20.44
CA LYS H 39 41.28 -30.67 -21.71
C LYS H 39 41.07 -29.38 -22.50
N ASN H 40 39.86 -28.80 -22.45
CA ASN H 40 39.55 -27.60 -23.20
C ASN H 40 39.29 -26.43 -22.26
N SER H 41 40.13 -26.25 -21.26
CA SER H 41 39.93 -25.20 -20.28
C SER H 41 40.78 -24.00 -20.68
N SER H 42 40.13 -22.99 -21.27
CA SER H 42 40.81 -21.75 -21.55
C SER H 42 41.09 -21.00 -20.26
N TYR H 43 42.29 -20.45 -20.14
CA TYR H 43 42.73 -19.85 -18.90
C TYR H 43 43.62 -18.66 -19.20
N VAL H 44 43.29 -17.52 -18.60
CA VAL H 44 44.17 -16.36 -18.50
C VAL H 44 44.15 -15.89 -17.06
N HIS H 45 45.31 -15.51 -16.53
CA HIS H 45 45.40 -15.06 -15.13
C HIS H 45 46.34 -13.86 -15.05
N GLY H 46 45.77 -12.67 -15.23
CA GLY H 46 46.53 -11.45 -14.99
C GLY H 46 47.85 -11.37 -15.73
N GLY H 47 47.88 -11.89 -16.96
CA GLY H 47 49.13 -11.93 -17.69
C GLY H 47 49.58 -10.57 -18.17
N LEU H 48 50.89 -10.46 -18.37
CA LEU H 48 51.48 -9.24 -18.92
C LEU H 48 52.80 -9.65 -19.59
N ASP H 49 52.76 -9.73 -20.92
CA ASP H 49 53.97 -10.11 -21.69
C ASP H 49 54.87 -8.89 -21.84
N SER H 50 56.08 -9.09 -22.35
CA SER H 50 57.04 -8.00 -22.52
C SER H 50 56.69 -7.17 -23.74
N ASN H 51 55.44 -6.74 -23.84
CA ASN H 51 54.99 -5.88 -24.92
C ASN H 51 54.15 -4.75 -24.34
N GLY H 52 53.58 -4.98 -23.17
CA GLY H 52 52.64 -4.07 -22.55
C GLY H 52 51.20 -4.51 -22.62
N LYS H 53 50.90 -5.56 -23.40
CA LYS H 53 49.57 -6.12 -23.58
C LYS H 53 49.36 -7.32 -22.67
N PRO H 54 48.11 -7.60 -22.28
CA PRO H 54 47.84 -8.78 -21.45
C PRO H 54 48.18 -10.06 -22.20
N ALA H 55 48.60 -11.07 -21.44
CA ALA H 55 49.05 -12.32 -22.03
C ALA H 55 47.87 -13.07 -22.66
N ASP H 56 48.19 -14.11 -23.42
CA ASP H 56 47.21 -14.92 -24.11
C ASP H 56 46.73 -16.04 -23.19
N ALA H 57 46.00 -17.00 -23.76
CA ALA H 57 45.35 -18.05 -22.99
C ALA H 57 46.06 -19.38 -23.14
N VAL H 58 45.78 -20.28 -22.20
CA VAL H 58 46.28 -21.65 -22.23
C VAL H 58 45.09 -22.60 -22.10
N TYR H 59 45.18 -23.74 -22.78
CA TYR H 59 44.01 -24.59 -23.02
C TYR H 59 44.30 -26.06 -22.76
N GLY H 60 44.89 -26.38 -21.61
CA GLY H 60 45.15 -27.79 -21.34
C GLY H 60 45.61 -28.00 -19.90
N GLN H 61 46.04 -29.23 -19.64
CA GLN H 61 46.49 -29.62 -18.31
C GLN H 61 47.97 -29.32 -18.10
N LYS H 62 48.82 -29.80 -19.00
CA LYS H 62 50.26 -29.65 -18.81
C LYS H 62 50.66 -28.18 -18.78
N GLU H 63 50.12 -27.39 -19.72
CA GLU H 63 50.43 -25.97 -19.71
C GLU H 63 49.77 -25.24 -18.55
N ILE H 64 48.60 -25.69 -18.08
CA ILE H 64 48.03 -25.10 -16.87
C ILE H 64 48.96 -25.34 -15.69
N HIS H 65 49.52 -26.54 -15.63
CA HIS H 65 50.43 -26.87 -14.52
C HIS H 65 51.63 -25.95 -14.61
N ARG H 66 52.39 -26.02 -15.71
CA ARG H 66 53.62 -25.20 -15.85
C ARG H 66 53.29 -23.71 -15.65
N LYS H 67 52.13 -23.23 -16.10
CA LYS H 67 51.77 -21.85 -15.85
C LYS H 67 51.61 -21.57 -14.37
N VAL H 68 50.95 -22.48 -13.64
CA VAL H 68 50.77 -22.28 -12.20
C VAL H 68 52.12 -22.22 -11.50
N MET H 69 53.05 -23.07 -11.95
CA MET H 69 54.41 -23.04 -11.38
C MET H 69 55.12 -21.76 -11.86
N SER H 70 54.73 -21.22 -13.02
CA SER H 70 55.34 -19.98 -13.54
C SER H 70 54.97 -18.80 -12.64
N GLN H 71 53.70 -18.68 -12.26
CA GLN H 71 53.32 -17.60 -11.35
C GLN H 71 53.68 -17.89 -9.90
N ASN H 72 54.25 -19.06 -9.63
CA ASN H 72 54.84 -19.44 -8.33
C ASN H 72 54.06 -18.93 -7.12
N PHE H 73 52.76 -19.23 -7.10
CA PHE H 73 51.91 -18.81 -6.00
C PHE H 73 52.47 -19.33 -4.68
N THR H 74 52.76 -18.41 -3.77
CA THR H 74 53.14 -18.76 -2.40
C THR H 74 52.30 -17.91 -1.46
N ASN H 75 51.83 -18.55 -0.39
CA ASN H 75 51.11 -17.94 0.73
C ASN H 75 50.24 -16.76 0.28
N CYS H 76 49.48 -16.96 -0.79
CA CYS H 76 48.62 -15.91 -1.32
C CYS H 76 47.49 -15.61 -0.35
N HIS H 77 47.18 -14.32 -0.20
CA HIS H 77 46.06 -13.87 0.59
C HIS H 77 45.01 -13.30 -0.36
N THR H 78 43.88 -14.01 -0.41
CA THR H 78 42.76 -13.57 -1.29
C THR H 78 41.61 -13.10 -0.41
N LYS H 79 40.85 -12.13 -0.90
CA LYS H 79 39.70 -11.58 -0.18
C LYS H 79 38.59 -11.35 -1.21
N ILE H 80 37.62 -12.25 -1.24
CA ILE H 80 36.55 -12.18 -2.24
C ILE H 80 35.52 -11.16 -1.79
N ARG H 81 35.28 -10.16 -2.62
CA ARG H 81 34.28 -9.14 -2.32
C ARG H 81 32.97 -9.35 -3.05
N HIS H 82 32.95 -10.10 -4.14
CA HIS H 82 31.69 -10.31 -4.84
C HIS H 82 31.76 -11.59 -5.66
N VAL H 83 30.73 -12.43 -5.53
CA VAL H 83 30.58 -13.64 -6.33
C VAL H 83 29.13 -13.70 -6.81
N ASP H 84 28.95 -13.85 -8.11
CA ASP H 84 27.64 -13.90 -8.73
C ASP H 84 27.60 -15.06 -9.69
N ALA H 85 26.73 -16.04 -9.43
CA ALA H 85 26.66 -17.24 -10.24
C ALA H 85 25.30 -17.30 -10.93
N HIS H 86 25.29 -17.88 -12.12
CA HIS H 86 24.06 -18.06 -12.87
C HIS H 86 24.18 -19.32 -13.71
N ALA H 87 23.02 -19.86 -14.10
CA ALA H 87 23.01 -21.05 -14.94
C ALA H 87 23.22 -20.67 -16.40
N THR H 88 23.80 -21.59 -17.14
CA THR H 88 24.09 -21.37 -18.56
C THR H 88 23.85 -22.69 -19.29
N LEU H 89 24.35 -22.76 -20.53
CA LEU H 89 24.08 -23.88 -21.40
C LEU H 89 24.60 -25.19 -20.82
N ASN H 90 23.88 -26.29 -21.06
CA ASN H 90 24.36 -27.63 -20.63
C ASN H 90 24.59 -27.68 -19.12
N ASP H 91 23.65 -27.19 -18.31
CA ASP H 91 23.73 -27.28 -16.84
C ASP H 91 24.96 -26.60 -16.27
N GLY H 92 25.78 -25.97 -17.10
CA GLY H 92 26.95 -25.27 -16.60
C GLY H 92 26.57 -24.03 -15.81
N VAL H 93 27.56 -23.47 -15.13
CA VAL H 93 27.36 -22.29 -14.32
C VAL H 93 28.42 -21.25 -14.68
N VAL H 94 27.97 -20.04 -14.98
CA VAL H 94 28.86 -18.90 -15.21
C VAL H 94 28.97 -18.11 -13.92
N VAL H 95 30.19 -17.79 -13.53
CA VAL H 95 30.48 -17.19 -12.23
C VAL H 95 31.31 -15.94 -12.46
N GLN H 96 30.96 -14.86 -11.78
CA GLN H 96 31.68 -13.60 -11.84
C GLN H 96 32.19 -13.26 -10.46
N VAL H 97 33.49 -13.03 -10.33
CA VAL H 97 34.15 -12.84 -9.05
C VAL H 97 34.93 -11.53 -9.09
N MET H 98 34.88 -10.78 -8.00
CA MET H 98 35.71 -9.60 -7.81
C MET H 98 36.27 -9.61 -6.40
N GLY H 99 37.47 -9.07 -6.25
CA GLY H 99 38.04 -8.96 -4.91
C GLY H 99 39.47 -8.49 -4.90
N LEU H 100 40.22 -8.98 -3.92
CA LEU H 100 41.63 -8.64 -3.72
C LEU H 100 42.47 -9.91 -3.75
N LEU H 101 43.67 -9.80 -4.32
CA LEU H 101 44.61 -10.92 -4.31
C LEU H 101 46.02 -10.38 -4.09
N SER H 102 46.73 -11.03 -3.15
CA SER H 102 48.15 -10.65 -2.88
C SER H 102 49.01 -11.92 -2.88
N ASN H 103 50.14 -11.89 -3.56
CA ASN H 103 51.06 -13.02 -3.67
C ASN H 103 52.38 -12.65 -3.01
N ASN H 104 52.94 -13.60 -2.23
CA ASN H 104 54.24 -13.40 -1.53
C ASN H 104 54.15 -12.23 -0.54
N ASN H 105 52.96 -11.96 0.01
CA ASN H 105 52.75 -10.87 0.96
C ASN H 105 52.96 -9.50 0.32
N GLN H 106 52.64 -9.39 -0.97
CA GLN H 106 52.75 -8.08 -1.65
C GLN H 106 51.47 -7.29 -1.39
N ALA H 107 51.35 -6.10 -2.00
CA ALA H 107 50.18 -5.26 -1.83
C ALA H 107 48.94 -5.95 -2.41
N LEU H 108 47.81 -5.77 -1.74
CA LEU H 108 46.57 -6.36 -2.21
C LEU H 108 46.18 -5.73 -3.55
N ARG H 109 45.99 -6.57 -4.56
CA ARG H 109 45.71 -6.11 -5.92
C ARG H 109 44.25 -6.34 -6.25
N ARG H 110 43.61 -5.32 -6.81
CA ARG H 110 42.23 -5.42 -7.27
C ARG H 110 42.14 -6.40 -8.42
N PHE H 111 41.34 -7.46 -8.26
CA PHE H 111 41.22 -8.48 -9.29
C PHE H 111 39.76 -8.70 -9.67
N MET H 112 39.55 -9.03 -10.94
CA MET H 112 38.27 -9.32 -11.58
C MET H 112 38.40 -10.60 -12.39
N GLN H 113 37.44 -11.52 -12.21
CA GLN H 113 37.56 -12.86 -12.76
C GLN H 113 36.20 -13.34 -13.21
N THR H 114 36.22 -14.25 -14.18
CA THR H 114 35.02 -14.90 -14.70
C THR H 114 35.33 -16.37 -14.90
N PHE H 115 34.62 -17.22 -14.17
CA PHE H 115 34.69 -18.66 -14.33
C PHE H 115 33.50 -19.14 -15.15
N VAL H 116 33.71 -20.22 -15.88
CA VAL H 116 32.63 -20.99 -16.46
C VAL H 116 32.89 -22.44 -16.12
N LEU H 117 31.99 -23.05 -15.36
CA LEU H 117 32.09 -24.43 -14.93
C LEU H 117 31.13 -25.28 -15.74
N ALA H 118 31.58 -26.47 -16.14
CA ALA H 118 30.78 -27.36 -16.95
C ALA H 118 30.73 -28.73 -16.32
N PRO H 119 29.64 -29.48 -16.51
CA PRO H 119 29.55 -30.80 -15.91
C PRO H 119 30.39 -31.81 -16.65
N GLU H 120 31.08 -32.67 -15.88
CA GLU H 120 31.87 -33.73 -16.51
C GLU H 120 30.97 -34.72 -17.21
N GLY H 121 29.89 -35.15 -16.54
CA GLY H 121 28.92 -36.04 -17.15
C GLY H 121 28.81 -37.40 -16.50
N SER H 122 29.94 -38.01 -16.12
CA SER H 122 29.89 -39.35 -15.57
C SER H 122 29.31 -39.37 -14.17
N VAL H 123 29.82 -38.51 -13.29
CA VAL H 123 29.37 -38.44 -11.91
C VAL H 123 28.51 -37.20 -11.75
N ALA H 124 27.31 -37.37 -11.22
CA ALA H 124 26.41 -36.23 -11.06
C ALA H 124 26.98 -35.25 -10.04
N ASN H 125 26.60 -33.98 -10.19
CA ASN H 125 27.05 -32.90 -9.32
C ASN H 125 28.57 -32.78 -9.32
N LYS H 126 29.18 -32.97 -10.49
CA LYS H 126 30.62 -32.81 -10.63
C LYS H 126 30.89 -31.87 -11.79
N PHE H 127 31.72 -30.85 -11.54
CA PHE H 127 32.02 -29.84 -12.53
C PHE H 127 33.52 -29.67 -12.68
N TYR H 128 33.92 -29.10 -13.82
CA TYR H 128 35.30 -28.72 -14.06
C TYR H 128 35.31 -27.34 -14.70
N VAL H 129 36.42 -26.63 -14.51
CA VAL H 129 36.52 -25.23 -14.89
C VAL H 129 36.80 -25.13 -16.39
N HIS H 130 35.75 -25.04 -17.19
CA HIS H 130 35.92 -24.88 -18.63
C HIS H 130 36.58 -23.55 -18.98
N ASN H 131 36.27 -22.47 -18.28
CA ASN H 131 36.83 -21.17 -18.64
C ASN H 131 37.25 -20.41 -17.39
N ASP H 132 38.39 -19.73 -17.51
CA ASP H 132 38.89 -18.86 -16.40
C ASP H 132 39.48 -17.60 -17.03
N ILE H 133 38.96 -16.44 -16.66
CA ILE H 133 39.45 -15.16 -17.14
C ILE H 133 39.72 -14.29 -15.91
N PHE H 134 40.99 -14.12 -15.56
CA PHE H 134 41.40 -13.39 -14.36
C PHE H 134 42.31 -12.25 -14.78
N ARG H 135 41.98 -11.03 -14.33
CA ARG H 135 42.82 -9.88 -14.62
C ARG H 135 42.87 -8.94 -13.42
N TYR H 136 44.05 -8.40 -13.16
CA TYR H 136 44.20 -7.31 -12.21
C TYR H 136 43.79 -6.00 -12.87
N GLN H 137 43.03 -5.18 -12.15
CA GLN H 137 42.64 -3.89 -12.68
C GLN H 137 43.84 -2.98 -12.91
N ASP H 138 44.92 -3.19 -12.15
CA ASP H 138 46.10 -2.36 -12.28
C ASP H 138 46.75 -2.52 -13.65
N GLU H 139 46.76 -3.73 -14.20
CA GLU H 139 47.34 -3.98 -15.51
C GLU H 139 46.37 -3.74 -16.65
N VAL H 140 45.16 -3.25 -16.36
CA VAL H 140 44.18 -2.96 -17.41
C VAL H 140 43.81 -1.49 -17.35
N PHE H 141 43.40 -1.02 -16.19
CA PHE H 141 42.99 0.38 -16.04
C PHE H 141 44.21 1.29 -15.97
N LYS I 8 32.85 -20.25 -39.32
CA LYS I 8 33.31 -20.30 -37.94
C LYS I 8 34.12 -19.06 -37.58
N PRO I 9 33.41 -17.99 -37.20
CA PRO I 9 34.12 -16.75 -36.85
C PRO I 9 34.94 -16.91 -35.59
N SER I 10 36.01 -16.12 -35.52
CA SER I 10 36.91 -16.20 -34.38
C SER I 10 36.20 -15.73 -33.11
N PRO I 11 36.42 -16.41 -31.98
CA PRO I 11 35.80 -15.95 -30.73
C PRO I 11 36.19 -14.53 -30.35
N LEU I 12 37.45 -14.17 -30.54
CA LEU I 12 37.87 -12.80 -30.25
C LEU I 12 37.17 -11.82 -31.18
N LEU I 13 37.04 -12.18 -32.46
CA LEU I 13 36.40 -11.29 -33.42
C LEU I 13 34.93 -11.07 -33.05
N VAL I 14 34.21 -12.15 -32.72
CA VAL I 14 32.81 -11.99 -32.39
C VAL I 14 32.65 -11.24 -31.09
N GLY I 15 33.54 -11.46 -30.12
CA GLY I 15 33.47 -10.68 -28.89
C GLY I 15 33.65 -9.20 -29.12
N ARG I 16 34.64 -8.83 -29.95
CA ARG I 16 34.86 -7.41 -30.25
C ARG I 16 33.66 -6.82 -30.99
N GLU I 17 33.15 -7.55 -31.99
CA GLU I 17 32.01 -7.06 -32.75
C GLU I 17 30.82 -6.84 -31.84
N PHE I 18 30.53 -7.81 -30.97
CA PHE I 18 29.39 -7.67 -30.08
C PHE I 18 29.60 -6.53 -29.10
N VAL I 19 30.80 -6.37 -28.55
CA VAL I 19 30.99 -5.34 -27.54
C VAL I 19 30.79 -3.96 -28.16
N ARG I 20 31.34 -3.75 -29.35
CA ARG I 20 31.20 -2.43 -30.02
C ARG I 20 29.72 -2.22 -30.36
N GLN I 21 29.03 -3.25 -30.86
CA GLN I 21 27.64 -3.10 -31.28
C GLN I 21 26.75 -2.82 -30.09
N TYR I 22 26.92 -3.60 -29.02
CA TYR I 22 26.09 -3.47 -27.83
C TYR I 22 26.27 -2.12 -27.18
N TYR I 23 27.52 -1.65 -27.04
CA TYR I 23 27.70 -0.38 -26.36
C TYR I 23 27.26 0.80 -27.24
N THR I 24 27.45 0.71 -28.55
CA THR I 24 26.94 1.76 -29.42
C THR I 24 25.43 1.84 -29.35
N LEU I 25 24.74 0.69 -29.38
CA LEU I 25 23.28 0.70 -29.29
C LEU I 25 22.83 1.20 -27.93
N LEU I 26 23.54 0.81 -26.88
CA LEU I 26 23.19 1.24 -25.52
C LEU I 26 23.31 2.75 -25.40
N ASN I 27 24.37 3.34 -25.94
CA ASN I 27 24.50 4.78 -25.92
C ASN I 27 23.47 5.46 -26.80
N GLN I 28 23.09 4.82 -27.91
CA GLN I 28 22.23 5.44 -28.91
C GLN I 28 20.76 5.22 -28.62
N ALA I 29 20.33 3.96 -28.58
CA ALA I 29 18.91 3.61 -28.45
C ALA I 29 18.74 2.63 -27.29
N PRO I 30 18.62 3.13 -26.07
CA PRO I 30 18.39 2.23 -24.93
C PRO I 30 17.11 1.42 -25.05
N ASP I 31 16.12 1.93 -25.78
CA ASP I 31 14.85 1.22 -25.92
C ASP I 31 15.04 -0.11 -26.64
N MET I 32 15.84 -0.13 -27.69
CA MET I 32 16.07 -1.34 -28.49
C MET I 32 17.17 -2.21 -27.92
N LEU I 33 17.46 -2.09 -26.62
CA LEU I 33 18.47 -2.93 -26.00
C LEU I 33 17.98 -4.36 -25.83
N HIS I 34 16.68 -4.56 -25.63
CA HIS I 34 16.14 -5.89 -25.43
C HIS I 34 16.36 -6.77 -26.66
N ARG I 35 16.47 -6.15 -27.83
CA ARG I 35 16.58 -6.92 -29.10
C ARG I 35 17.75 -7.90 -29.01
N PHE I 36 18.80 -7.55 -28.24
CA PHE I 36 19.96 -8.43 -28.15
C PHE I 36 19.63 -9.77 -27.50
N TYR I 37 18.56 -9.79 -26.72
CA TYR I 37 18.29 -11.02 -25.94
C TYR I 37 17.14 -11.79 -26.57
N GLY I 38 16.71 -12.86 -25.92
CA GLY I 38 15.57 -13.65 -26.35
C GLY I 38 14.86 -14.35 -25.20
N LYS I 39 14.62 -15.65 -25.41
CA LYS I 39 13.97 -16.45 -24.35
C LYS I 39 15.06 -17.18 -23.56
N ASN I 40 14.78 -17.48 -22.30
CA ASN I 40 15.73 -18.18 -21.42
C ASN I 40 17.05 -17.44 -21.29
N SER I 41 17.01 -16.12 -21.34
CA SER I 41 18.20 -15.29 -21.19
C SER I 41 18.17 -14.60 -19.82
N SER I 42 19.27 -14.71 -19.07
CA SER I 42 19.32 -14.12 -17.71
C SER I 42 20.00 -12.76 -17.76
N TYR I 43 19.30 -11.71 -17.31
CA TYR I 43 19.90 -10.35 -17.26
C TYR I 43 20.01 -9.92 -15.81
N VAL I 44 21.23 -9.64 -15.33
CA VAL I 44 21.44 -9.17 -13.94
C VAL I 44 22.29 -7.90 -14.01
N HIS I 45 21.91 -6.85 -13.28
CA HIS I 45 22.64 -5.56 -13.40
C HIS I 45 22.94 -5.02 -12.00
N GLY I 46 22.97 -3.70 -11.86
CA GLY I 46 23.21 -3.06 -10.57
C GLY I 46 22.06 -3.25 -9.60
N GLY I 47 20.83 -3.16 -10.09
CA GLY I 47 19.67 -3.48 -9.29
C GLY I 47 18.93 -2.29 -8.72
N LEU I 48 17.60 -2.33 -8.79
CA LEU I 48 16.74 -1.30 -8.24
C LEU I 48 15.79 -1.94 -7.23
N ASP I 49 15.63 -1.28 -6.09
CA ASP I 49 14.77 -1.76 -5.02
C ASP I 49 14.37 -0.56 -4.17
N SER I 50 13.81 -0.84 -2.99
CA SER I 50 13.61 0.23 -2.02
C SER I 50 14.94 0.83 -1.59
N ASN I 51 15.96 -0.02 -1.44
CA ASN I 51 17.32 0.43 -1.15
C ASN I 51 18.25 0.30 -2.34
N GLY I 52 17.90 -0.52 -3.33
CA GLY I 52 18.74 -0.74 -4.50
C GLY I 52 19.78 -1.83 -4.34
N LYS I 53 20.05 -2.26 -3.10
CA LYS I 53 21.01 -3.34 -2.88
C LYS I 53 20.59 -4.66 -3.51
N PRO I 54 19.35 -5.17 -3.32
CA PRO I 54 19.02 -6.46 -3.92
C PRO I 54 18.86 -6.38 -5.43
N ALA I 55 19.86 -6.86 -6.15
CA ALA I 55 19.84 -6.88 -7.61
C ALA I 55 19.34 -8.24 -8.05
N ASP I 56 18.09 -8.27 -8.53
CA ASP I 56 17.46 -9.55 -8.90
C ASP I 56 17.53 -9.78 -10.41
N ALA I 57 17.91 -10.99 -10.82
CA ALA I 57 17.96 -11.35 -12.22
C ALA I 57 16.56 -11.39 -12.83
N VAL I 58 16.47 -11.05 -14.10
CA VAL I 58 15.22 -11.07 -14.83
C VAL I 58 15.44 -11.84 -16.12
N TYR I 59 14.38 -12.46 -16.62
CA TYR I 59 14.46 -13.37 -17.76
C TYR I 59 13.44 -12.98 -18.82
N GLY I 60 13.77 -13.29 -20.06
CA GLY I 60 12.90 -13.01 -21.18
C GLY I 60 13.01 -11.59 -21.66
N GLN I 61 12.66 -11.39 -22.94
CA GLN I 61 12.73 -10.05 -23.52
C GLN I 61 11.80 -9.09 -22.80
N LYS I 62 10.64 -9.60 -22.37
CA LYS I 62 9.65 -8.76 -21.64
C LYS I 62 10.30 -8.14 -20.41
N GLU I 63 10.82 -8.97 -19.50
CA GLU I 63 11.40 -8.46 -18.23
C GLU I 63 12.69 -7.70 -18.51
N ILE I 64 13.49 -8.17 -19.48
CA ILE I 64 14.76 -7.52 -19.76
C ILE I 64 14.53 -6.09 -20.24
N HIS I 65 13.58 -5.91 -21.16
CA HIS I 65 13.26 -4.56 -21.61
C HIS I 65 12.68 -3.72 -20.49
N ARG I 66 11.83 -4.32 -19.65
CA ARG I 66 11.27 -3.56 -18.54
C ARG I 66 12.37 -3.07 -17.59
N LYS I 67 13.31 -3.95 -17.25
CA LYS I 67 14.40 -3.58 -16.37
C LYS I 67 15.30 -2.53 -17.02
N VAL I 68 15.60 -2.70 -18.31
CA VAL I 68 16.45 -1.74 -18.99
C VAL I 68 15.80 -0.37 -19.01
N MET I 69 14.49 -0.31 -19.29
CA MET I 69 13.80 0.96 -19.28
C MET I 69 13.70 1.55 -17.88
N SER I 70 13.55 0.70 -16.86
CA SER I 70 13.57 1.18 -15.50
C SER I 70 14.90 1.85 -15.17
N GLN I 71 16.02 1.25 -15.63
CA GLN I 71 17.38 1.84 -15.40
C GLN I 71 17.54 3.08 -16.28
N ASN I 72 16.83 3.16 -17.40
CA ASN I 72 16.72 4.35 -18.25
C ASN I 72 18.05 5.08 -18.42
N PHE I 73 18.97 4.38 -19.08
CA PHE I 73 20.22 5.01 -19.47
C PHE I 73 19.94 6.18 -20.39
N THR I 74 20.57 7.33 -20.08
CA THR I 74 20.44 8.54 -20.90
C THR I 74 21.84 9.02 -21.26
N ASN I 75 22.20 8.92 -22.54
CA ASN I 75 23.51 9.35 -23.02
C ASN I 75 24.63 8.70 -22.22
N CYS I 76 24.44 7.42 -21.93
CA CYS I 76 25.45 6.65 -21.15
C CYS I 76 26.73 6.51 -21.97
N HIS I 77 27.75 7.29 -21.60
CA HIS I 77 29.03 7.23 -22.31
C HIS I 77 29.88 6.11 -21.73
N THR I 78 30.38 5.24 -22.61
CA THR I 78 31.16 4.08 -22.22
C THR I 78 32.53 4.17 -22.86
N LYS I 79 33.57 4.01 -22.05
CA LYS I 79 34.95 3.99 -22.52
C LYS I 79 35.51 2.60 -22.22
N ILE I 80 35.64 1.77 -23.25
CA ILE I 80 36.05 0.38 -23.07
C ILE I 80 37.55 0.33 -22.83
N ARG I 81 37.96 -0.24 -21.71
CA ARG I 81 39.36 -0.43 -21.39
C ARG I 81 39.86 -1.82 -21.75
N HIS I 82 39.03 -2.85 -21.63
CA HIS I 82 39.50 -4.19 -21.97
C HIS I 82 38.33 -5.08 -22.38
N VAL I 83 38.60 -6.01 -23.29
CA VAL I 83 37.62 -6.99 -23.73
C VAL I 83 38.32 -8.33 -23.86
N ASP I 84 37.75 -9.37 -23.26
CA ASP I 84 38.27 -10.72 -23.35
C ASP I 84 37.16 -11.64 -23.82
N ALA I 85 37.34 -12.22 -25.01
CA ALA I 85 36.37 -13.13 -25.59
C ALA I 85 36.97 -14.52 -25.69
N HIS I 86 36.18 -15.54 -25.38
CA HIS I 86 36.67 -16.91 -25.37
C HIS I 86 35.55 -17.85 -25.80
N ALA I 87 35.93 -19.08 -26.12
CA ALA I 87 35.01 -20.11 -26.56
C ALA I 87 34.45 -20.87 -25.37
N THR I 88 33.21 -21.33 -25.51
CA THR I 88 32.50 -22.07 -24.47
C THR I 88 31.60 -23.09 -25.15
N LEU I 89 30.86 -23.83 -24.32
CA LEU I 89 30.06 -24.95 -24.79
C LEU I 89 29.06 -24.51 -25.86
N ASN I 90 28.61 -25.49 -26.65
CA ASN I 90 27.71 -25.26 -27.77
C ASN I 90 28.26 -24.22 -28.73
N ASP I 91 29.59 -24.19 -28.84
CA ASP I 91 30.25 -23.16 -29.70
C ASP I 91 29.82 -21.78 -29.22
N GLY I 92 29.62 -21.61 -27.91
CA GLY I 92 29.25 -20.32 -27.38
C GLY I 92 30.44 -19.41 -27.24
N VAL I 93 30.14 -18.12 -27.02
CA VAL I 93 31.18 -17.13 -26.78
C VAL I 93 30.93 -16.49 -25.42
N VAL I 94 31.96 -16.43 -24.60
CA VAL I 94 31.91 -15.74 -23.31
C VAL I 94 32.75 -14.49 -23.41
N VAL I 95 32.19 -13.36 -23.01
CA VAL I 95 32.82 -12.06 -23.13
C VAL I 95 32.87 -11.44 -21.75
N GLN I 96 34.05 -10.97 -21.35
CA GLN I 96 34.23 -10.24 -20.11
C GLN I 96 34.82 -8.89 -20.45
N VAL I 97 34.16 -7.81 -20.01
CA VAL I 97 34.48 -6.46 -20.47
C VAL I 97 34.78 -5.58 -19.27
N MET I 98 35.82 -4.77 -19.39
CA MET I 98 36.13 -3.72 -18.42
C MET I 98 36.02 -2.38 -19.12
N GLY I 99 35.44 -1.41 -18.42
CA GLY I 99 35.35 -0.08 -18.98
C GLY I 99 34.93 0.92 -17.92
N LEU I 100 34.76 2.16 -18.38
CA LEU I 100 34.26 3.25 -17.55
C LEU I 100 32.89 3.65 -18.10
N LEU I 101 31.88 3.58 -17.24
CA LEU I 101 30.51 3.90 -17.64
C LEU I 101 30.06 5.14 -16.89
N SER I 102 29.60 6.15 -17.65
CA SER I 102 29.07 7.38 -17.09
C SER I 102 27.65 7.55 -17.59
N ASN I 103 26.68 7.39 -16.68
CA ASN I 103 25.27 7.49 -17.03
C ASN I 103 24.71 8.81 -16.52
N ASN I 104 23.83 9.41 -17.33
CA ASN I 104 23.20 10.70 -17.03
C ASN I 104 24.24 11.80 -16.83
N ASN I 105 25.39 11.68 -17.50
CA ASN I 105 26.48 12.64 -17.39
C ASN I 105 27.04 12.69 -15.97
N GLN I 106 27.07 11.54 -15.29
CA GLN I 106 27.75 11.43 -14.01
C GLN I 106 29.25 11.21 -14.25
N ALA I 107 29.96 10.85 -13.20
CA ALA I 107 31.38 10.57 -13.32
C ALA I 107 31.61 9.18 -13.91
N LEU I 108 32.80 8.99 -14.46
CA LEU I 108 33.18 7.67 -14.98
C LEU I 108 33.35 6.70 -13.82
N ARG I 109 32.69 5.54 -13.93
CA ARG I 109 32.74 4.52 -12.85
C ARG I 109 33.17 3.18 -13.45
N ARG I 110 34.17 2.52 -12.86
CA ARG I 110 34.65 1.24 -13.35
C ARG I 110 33.59 0.17 -13.20
N PHE I 111 33.58 -0.79 -14.13
CA PHE I 111 32.56 -1.83 -14.11
C PHE I 111 33.07 -3.09 -14.80
N MET I 112 32.38 -4.20 -14.56
CA MET I 112 32.62 -5.45 -15.26
C MET I 112 31.30 -5.87 -15.88
N GLN I 113 31.31 -6.19 -17.16
CA GLN I 113 30.14 -6.81 -17.79
C GLN I 113 30.58 -8.14 -18.39
N THR I 114 29.96 -9.23 -17.94
CA THR I 114 30.26 -10.56 -18.44
C THR I 114 29.07 -11.06 -19.25
N PHE I 115 29.30 -11.34 -20.52
CA PHE I 115 28.30 -11.89 -21.41
C PHE I 115 28.63 -13.34 -21.71
N VAL I 116 27.59 -14.17 -21.80
CA VAL I 116 27.67 -15.49 -22.37
C VAL I 116 26.70 -15.51 -23.54
N LEU I 117 27.25 -15.61 -24.75
CA LEU I 117 26.47 -15.53 -25.99
C LEU I 117 26.31 -16.93 -26.56
N ALA I 118 25.09 -17.26 -26.97
CA ALA I 118 24.87 -18.54 -27.60
C ALA I 118 24.47 -18.35 -29.06
N PRO I 119 24.89 -19.25 -29.94
CA PRO I 119 24.45 -19.15 -31.34
C PRO I 119 22.95 -19.35 -31.45
N GLU I 120 22.34 -18.65 -32.39
CA GLU I 120 20.90 -18.77 -32.59
C GLU I 120 20.51 -20.08 -33.24
N GLY I 121 21.43 -20.74 -33.92
CA GLY I 121 21.17 -22.02 -34.55
C GLY I 121 20.69 -22.00 -35.98
N SER I 122 19.71 -21.13 -36.28
CA SER I 122 19.16 -21.07 -37.63
C SER I 122 20.10 -20.35 -38.58
N VAL I 123 20.40 -19.09 -38.31
CA VAL I 123 21.26 -18.29 -39.16
C VAL I 123 22.69 -18.39 -38.66
N ALA I 124 23.62 -18.67 -39.57
CA ALA I 124 25.02 -18.73 -39.21
C ALA I 124 25.56 -17.35 -38.87
N ASN I 125 26.56 -17.32 -37.98
CA ASN I 125 27.16 -16.08 -37.50
C ASN I 125 26.13 -15.17 -36.87
N LYS I 126 25.20 -15.75 -36.12
CA LYS I 126 24.18 -15.01 -35.39
C LYS I 126 24.23 -15.44 -33.93
N PHE I 127 24.23 -14.46 -33.02
CA PHE I 127 24.31 -14.74 -31.60
C PHE I 127 23.30 -13.89 -30.85
N TYR I 128 22.90 -14.39 -29.68
CA TYR I 128 22.00 -13.68 -28.80
C TYR I 128 22.52 -13.78 -27.38
N VAL I 129 22.27 -12.74 -26.58
CA VAL I 129 22.82 -12.65 -25.24
C VAL I 129 22.09 -13.62 -24.32
N HIS I 130 22.70 -14.77 -24.06
CA HIS I 130 22.09 -15.75 -23.17
C HIS I 130 22.26 -15.37 -21.72
N ASN I 131 23.42 -14.84 -21.33
CA ASN I 131 23.64 -14.44 -19.95
C ASN I 131 24.35 -13.09 -19.93
N ASP I 132 23.87 -12.18 -19.08
CA ASP I 132 24.36 -10.81 -19.06
C ASP I 132 24.47 -10.36 -17.60
N ILE I 133 25.68 -10.41 -17.05
CA ILE I 133 25.92 -10.05 -15.65
C ILE I 133 26.71 -8.75 -15.61
N PHE I 134 26.10 -7.70 -15.08
CA PHE I 134 26.75 -6.41 -14.94
C PHE I 134 27.01 -6.13 -13.47
N ARG I 135 28.20 -5.59 -13.17
CA ARG I 135 28.55 -5.29 -11.79
C ARG I 135 29.47 -4.08 -11.76
N TYR I 136 29.07 -3.05 -11.04
CA TYR I 136 29.91 -1.87 -10.90
C TYR I 136 31.13 -2.21 -10.04
N GLN I 137 31.99 -1.20 -9.83
CA GLN I 137 33.15 -1.36 -8.98
C GLN I 137 32.97 -0.72 -7.61
N ASP I 138 32.51 0.53 -7.59
CA ASP I 138 32.41 1.26 -6.33
C ASP I 138 31.39 0.65 -5.40
N GLU I 139 30.32 0.07 -5.93
CA GLU I 139 29.27 -0.45 -5.07
C GLU I 139 29.67 -1.76 -4.41
N VAL I 140 30.68 -2.45 -4.94
CA VAL I 140 31.15 -3.70 -4.33
C VAL I 140 32.30 -3.39 -3.39
N PHE I 141 33.37 -2.84 -3.93
CA PHE I 141 34.54 -2.51 -3.12
C PHE I 141 34.25 -1.31 -2.23
N LYS J 8 3.57 -54.83 6.65
CA LYS J 8 2.82 -53.60 6.42
C LYS J 8 3.39 -52.43 7.21
N PRO J 9 4.02 -51.50 6.52
CA PRO J 9 4.63 -50.35 7.21
C PRO J 9 3.59 -49.27 7.49
N SER J 10 3.99 -48.30 8.30
CA SER J 10 3.08 -47.26 8.72
C SER J 10 2.72 -46.35 7.55
N PRO J 11 1.44 -46.04 7.35
CA PRO J 11 1.07 -45.12 6.27
C PRO J 11 1.71 -43.75 6.39
N LEU J 12 1.94 -43.28 7.62
CA LEU J 12 2.60 -41.98 7.80
C LEU J 12 3.99 -42.00 7.19
N LEU J 13 4.76 -43.04 7.53
CA LEU J 13 6.14 -43.18 7.00
C LEU J 13 6.04 -43.33 5.47
N VAL J 14 5.09 -44.11 5.00
CA VAL J 14 4.95 -44.35 3.56
C VAL J 14 4.75 -43.04 2.83
N GLY J 15 3.81 -42.22 3.32
CA GLY J 15 3.56 -40.94 2.69
C GLY J 15 4.74 -40.00 2.77
N ARG J 16 5.43 -39.99 3.91
CA ARG J 16 6.59 -39.12 4.05
C ARG J 16 7.69 -39.50 3.06
N GLU J 17 7.99 -40.79 2.95
CA GLU J 17 9.02 -41.23 2.03
C GLU J 17 8.61 -40.94 0.59
N PHE J 18 7.34 -41.15 0.25
CA PHE J 18 6.91 -40.81 -1.10
C PHE J 18 7.05 -39.33 -1.36
N VAL J 19 6.73 -38.49 -0.37
CA VAL J 19 6.83 -37.05 -0.57
C VAL J 19 8.27 -36.66 -0.89
N ARG J 20 9.21 -37.15 -0.08
CA ARG J 20 10.59 -36.77 -0.31
C ARG J 20 11.09 -37.30 -1.66
N GLN J 21 10.72 -38.54 -2.01
CA GLN J 21 11.14 -39.07 -3.31
C GLN J 21 10.53 -38.29 -4.46
N TYR J 22 9.25 -37.93 -4.34
CA TYR J 22 8.56 -37.23 -5.42
C TYR J 22 9.16 -35.87 -5.66
N TYR J 23 9.45 -35.12 -4.60
CA TYR J 23 10.01 -33.80 -4.83
C TYR J 23 11.48 -33.89 -5.25
N THR J 24 12.21 -34.89 -4.78
CA THR J 24 13.56 -35.10 -5.28
C THR J 24 13.57 -35.36 -6.77
N LEU J 25 12.63 -36.17 -7.27
CA LEU J 25 12.58 -36.43 -8.70
C LEU J 25 11.99 -35.26 -9.47
N LEU J 26 11.08 -34.52 -8.85
CA LEU J 26 10.54 -33.34 -9.50
C LEU J 26 11.63 -32.30 -9.70
N ASN J 27 12.64 -32.29 -8.84
CA ASN J 27 13.74 -31.35 -9.00
C ASN J 27 14.84 -31.90 -9.90
N GLN J 28 15.41 -33.05 -9.53
CA GLN J 28 16.61 -33.54 -10.20
C GLN J 28 16.31 -34.02 -11.61
N ALA J 29 15.35 -34.93 -11.77
CA ALA J 29 15.06 -35.57 -13.05
C ALA J 29 13.57 -35.51 -13.34
N PRO J 30 13.05 -34.33 -13.74
CA PRO J 30 11.62 -34.23 -14.05
C PRO J 30 11.17 -35.10 -15.20
N ASP J 31 12.09 -35.52 -16.08
CA ASP J 31 11.71 -36.37 -17.19
C ASP J 31 11.15 -37.71 -16.70
N MET J 32 11.70 -38.23 -15.61
CA MET J 32 11.31 -39.53 -15.10
C MET J 32 10.17 -39.47 -14.09
N LEU J 33 9.54 -38.30 -13.94
CA LEU J 33 8.44 -38.17 -13.00
C LEU J 33 7.23 -38.99 -13.42
N HIS J 34 7.05 -39.22 -14.72
CA HIS J 34 5.89 -39.94 -15.19
C HIS J 34 5.87 -41.38 -14.71
N ARG J 35 7.05 -41.93 -14.44
CA ARG J 35 7.13 -43.36 -14.05
C ARG J 35 6.33 -43.59 -12.75
N PHE J 36 6.18 -42.55 -11.91
CA PHE J 36 5.41 -42.66 -10.65
C PHE J 36 3.92 -42.88 -10.95
N TYR J 37 3.42 -42.25 -12.01
CA TYR J 37 1.96 -42.32 -12.35
C TYR J 37 1.61 -43.65 -13.01
N GLY J 38 0.31 -43.98 -13.07
CA GLY J 38 -0.13 -45.28 -13.62
C GLY J 38 -1.19 -45.10 -14.69
N LYS J 39 -1.46 -46.15 -15.47
CA LYS J 39 -2.43 -46.09 -16.60
C LYS J 39 -3.61 -45.16 -16.26
N ASN J 40 -4.27 -45.38 -15.13
CA ASN J 40 -5.46 -44.59 -14.83
C ASN J 40 -5.12 -43.70 -13.64
N SER J 41 -4.57 -42.53 -13.94
CA SER J 41 -4.15 -41.58 -12.92
C SER J 41 -4.57 -40.18 -13.34
N SER J 42 -4.86 -39.37 -12.32
CA SER J 42 -5.26 -37.97 -12.55
C SER J 42 -4.13 -37.04 -12.12
N TYR J 43 -3.88 -35.99 -12.89
CA TYR J 43 -2.83 -35.02 -12.60
C TYR J 43 -3.35 -33.61 -12.83
N VAL J 44 -3.09 -32.74 -11.86
CA VAL J 44 -3.26 -31.31 -12.09
C VAL J 44 -2.22 -30.57 -11.25
N HIS J 45 -1.53 -29.62 -11.87
CA HIS J 45 -0.44 -28.89 -11.24
C HIS J 45 -0.65 -27.39 -11.34
N GLY J 46 -1.84 -26.94 -10.96
CA GLY J 46 -2.09 -25.52 -10.76
C GLY J 46 -1.96 -24.67 -12.00
N GLY J 47 -2.52 -25.13 -13.10
CA GLY J 47 -2.53 -24.34 -14.31
C GLY J 47 -3.70 -23.36 -14.35
N LEU J 48 -3.59 -22.40 -15.25
CA LEU J 48 -4.65 -21.43 -15.50
C LEU J 48 -4.91 -21.34 -16.99
N ASP J 49 -6.17 -21.11 -17.34
CA ASP J 49 -6.57 -20.93 -18.73
C ASP J 49 -6.85 -19.46 -18.99
N SER J 50 -7.29 -19.17 -20.22
CA SER J 50 -7.59 -17.80 -20.60
C SER J 50 -8.72 -17.22 -19.75
N ASN J 51 -9.75 -18.04 -19.48
CA ASN J 51 -10.88 -17.59 -18.69
C ASN J 51 -10.53 -17.40 -17.21
N GLY J 52 -9.42 -17.96 -16.74
CA GLY J 52 -8.99 -17.81 -15.38
C GLY J 52 -9.39 -18.93 -14.46
N LYS J 53 -10.24 -19.84 -14.90
CA LYS J 53 -10.52 -21.02 -14.11
C LYS J 53 -9.27 -21.89 -14.03
N PRO J 54 -9.05 -22.56 -12.92
CA PRO J 54 -7.88 -23.44 -12.81
C PRO J 54 -7.92 -24.55 -13.84
N ALA J 55 -6.74 -24.92 -14.33
CA ALA J 55 -6.66 -25.90 -15.40
C ALA J 55 -7.23 -27.24 -14.97
N ASP J 56 -7.97 -27.86 -15.89
CA ASP J 56 -8.61 -29.17 -15.59
C ASP J 56 -7.55 -30.26 -15.54
N ALA J 57 -7.77 -31.27 -14.70
CA ALA J 57 -6.84 -32.37 -14.56
C ALA J 57 -6.80 -33.20 -15.84
N VAL J 58 -5.66 -33.86 -16.05
CA VAL J 58 -5.48 -34.73 -17.20
C VAL J 58 -5.42 -36.17 -16.71
N TYR J 59 -5.51 -37.10 -17.64
CA TYR J 59 -5.57 -38.52 -17.32
C TYR J 59 -4.67 -39.30 -18.27
N GLY J 60 -4.27 -40.49 -17.83
CA GLY J 60 -3.41 -41.33 -18.62
C GLY J 60 -1.94 -41.02 -18.41
N GLN J 61 -1.11 -42.05 -18.35
CA GLN J 61 0.30 -41.85 -18.05
C GLN J 61 0.99 -41.02 -19.11
N LYS J 62 0.69 -41.27 -20.39
CA LYS J 62 1.36 -40.55 -21.46
C LYS J 62 0.98 -39.08 -21.49
N GLU J 63 -0.32 -38.80 -21.33
CA GLU J 63 -0.78 -37.38 -21.29
C GLU J 63 -0.23 -36.70 -20.05
N ILE J 64 -0.08 -37.44 -18.95
CA ILE J 64 0.47 -36.89 -17.72
C ILE J 64 1.94 -36.54 -17.93
N HIS J 65 2.69 -37.43 -18.58
CA HIS J 65 4.09 -37.17 -18.90
C HIS J 65 4.23 -35.95 -19.80
N ARG J 66 3.35 -35.86 -20.80
CA ARG J 66 3.39 -34.70 -21.73
C ARG J 66 3.18 -33.41 -20.93
N LYS J 67 2.17 -33.40 -20.05
CA LYS J 67 1.88 -32.20 -19.25
C LYS J 67 3.04 -31.86 -18.33
N VAL J 68 3.65 -32.87 -17.72
CA VAL J 68 4.80 -32.64 -16.86
C VAL J 68 5.93 -31.98 -17.65
N MET J 69 6.22 -32.51 -18.84
CA MET J 69 7.29 -31.94 -19.64
C MET J 69 6.95 -30.52 -20.10
N SER J 70 5.68 -30.28 -20.45
CA SER J 70 5.27 -28.93 -20.83
C SER J 70 5.41 -27.96 -19.67
N GLN J 71 5.28 -28.45 -18.44
CA GLN J 71 5.46 -27.57 -17.28
C GLN J 71 6.90 -27.12 -17.10
N ASN J 72 7.86 -27.75 -17.78
CA ASN J 72 9.27 -27.36 -17.81
C ASN J 72 9.80 -27.05 -16.40
N PHE J 73 9.82 -28.11 -15.58
CA PHE J 73 10.38 -28.01 -14.24
C PHE J 73 11.91 -27.95 -14.33
N THR J 74 12.48 -26.79 -14.02
CA THR J 74 13.93 -26.59 -14.09
C THR J 74 14.45 -26.24 -12.70
N ASN J 75 15.13 -27.19 -12.07
CA ASN J 75 15.76 -26.99 -10.77
C ASN J 75 14.76 -26.45 -9.74
N CYS J 76 13.74 -27.25 -9.48
CA CYS J 76 12.68 -26.85 -8.56
C CYS J 76 13.16 -26.99 -7.13
N HIS J 77 13.16 -25.89 -6.39
CA HIS J 77 13.50 -25.89 -4.98
C HIS J 77 12.21 -25.88 -4.17
N THR J 78 12.09 -26.87 -3.27
CA THR J 78 10.84 -27.06 -2.52
C THR J 78 11.07 -27.24 -1.02
N LYS J 79 10.34 -26.51 -0.19
CA LYS J 79 10.38 -26.64 1.26
C LYS J 79 9.03 -27.17 1.71
N ILE J 80 9.04 -28.34 2.35
CA ILE J 80 7.80 -29.04 2.70
C ILE J 80 7.42 -28.63 4.13
N ARG J 81 6.40 -27.81 4.26
CA ARG J 81 6.00 -27.36 5.60
C ARG J 81 5.28 -28.47 6.36
N HIS J 82 4.39 -29.21 5.69
CA HIS J 82 3.63 -30.21 6.41
C HIS J 82 3.22 -31.35 5.49
N VAL J 83 3.34 -32.58 5.99
CA VAL J 83 2.88 -33.79 5.33
C VAL J 83 2.00 -34.57 6.30
N ASP J 84 0.84 -35.01 5.83
CA ASP J 84 -0.08 -35.83 6.61
C ASP J 84 -0.54 -37.00 5.76
N ALA J 85 -0.10 -38.21 6.10
CA ALA J 85 -0.47 -39.40 5.35
C ALA J 85 -1.37 -40.27 6.21
N HIS J 86 -2.38 -40.86 5.58
CA HIS J 86 -3.33 -41.68 6.33
C HIS J 86 -3.88 -42.78 5.44
N ALA J 87 -4.41 -43.81 6.08
CA ALA J 87 -4.95 -44.98 5.39
C ALA J 87 -6.25 -44.62 4.68
N THR J 88 -6.56 -45.41 3.65
CA THR J 88 -7.71 -45.16 2.80
C THR J 88 -8.17 -46.52 2.27
N LEU J 89 -8.95 -46.52 1.18
CA LEU J 89 -9.45 -47.74 0.59
C LEU J 89 -8.32 -48.63 0.09
N ASN J 90 -8.53 -49.95 0.21
CA ASN J 90 -7.62 -50.95 -0.33
C ASN J 90 -6.18 -50.72 0.14
N ASP J 91 -6.04 -50.35 1.42
CA ASP J 91 -4.69 -50.10 2.01
C ASP J 91 -4.00 -48.94 1.27
N GLY J 92 -4.73 -48.19 0.45
CA GLY J 92 -4.14 -47.02 -0.18
C GLY J 92 -3.85 -45.95 0.84
N VAL J 93 -3.07 -44.96 0.43
CA VAL J 93 -2.67 -43.89 1.34
C VAL J 93 -2.98 -42.55 0.70
N VAL J 94 -3.61 -41.67 1.47
CA VAL J 94 -3.84 -40.29 1.05
C VAL J 94 -2.84 -39.40 1.76
N VAL J 95 -2.21 -38.50 1.02
CA VAL J 95 -1.17 -37.62 1.52
C VAL J 95 -1.62 -36.18 1.30
N GLN J 96 -1.60 -35.41 2.39
CA GLN J 96 -1.95 -33.97 2.34
C GLN J 96 -0.63 -33.22 2.54
N VAL J 97 -0.27 -32.34 1.61
CA VAL J 97 1.02 -31.65 1.64
C VAL J 97 0.80 -30.15 1.56
N MET J 98 1.48 -29.42 2.41
CA MET J 98 1.50 -27.96 2.36
C MET J 98 2.96 -27.53 2.30
N GLY J 99 3.27 -26.55 1.46
CA GLY J 99 4.66 -26.14 1.38
C GLY J 99 4.90 -24.98 0.45
N LEU J 100 6.16 -24.86 0.01
CA LEU J 100 6.61 -23.81 -0.89
C LEU J 100 7.42 -24.43 -2.01
N LEU J 101 7.17 -23.98 -3.24
CA LEU J 101 7.87 -24.55 -4.43
C LEU J 101 8.23 -23.41 -5.39
N SER J 102 9.44 -23.45 -5.96
CA SER J 102 9.86 -22.44 -6.93
C SER J 102 10.70 -23.10 -8.02
N ASN J 103 10.33 -22.85 -9.27
CA ASN J 103 11.06 -23.37 -10.42
C ASN J 103 11.92 -22.28 -11.04
N ASN J 104 13.02 -22.72 -11.66
CA ASN J 104 13.96 -21.83 -12.34
C ASN J 104 14.62 -20.84 -11.39
N ASN J 105 14.58 -21.14 -10.09
CA ASN J 105 15.21 -20.32 -9.05
C ASN J 105 14.54 -18.95 -8.92
N GLN J 106 13.23 -18.91 -9.07
CA GLN J 106 12.46 -17.72 -8.73
C GLN J 106 12.10 -17.75 -7.25
N ALA J 107 11.24 -16.83 -6.82
CA ALA J 107 10.80 -16.81 -5.43
C ALA J 107 9.87 -17.99 -5.15
N LEU J 108 9.89 -18.44 -3.90
CA LEU J 108 9.04 -19.55 -3.49
C LEU J 108 7.57 -19.14 -3.53
N ARG J 109 6.72 -20.09 -3.94
CA ARG J 109 5.28 -19.90 -3.99
C ARG J 109 4.62 -20.94 -3.11
N ARG J 110 3.68 -20.50 -2.28
CA ARG J 110 2.98 -21.42 -1.39
C ARG J 110 2.06 -22.33 -2.20
N PHE J 111 2.07 -23.62 -1.85
CA PHE J 111 1.30 -24.60 -2.59
C PHE J 111 0.61 -25.56 -1.64
N MET J 112 -0.51 -26.08 -2.13
CA MET J 112 -1.37 -27.02 -1.44
C MET J 112 -1.56 -28.24 -2.32
N GLN J 113 -1.38 -29.44 -1.77
CA GLN J 113 -1.32 -30.64 -2.59
C GLN J 113 -2.02 -31.80 -1.90
N THR J 114 -2.60 -32.69 -2.73
CA THR J 114 -3.21 -33.91 -2.28
C THR J 114 -2.81 -35.05 -3.21
N PHE J 115 -2.14 -36.06 -2.67
CA PHE J 115 -1.82 -37.28 -3.36
C PHE J 115 -2.76 -38.38 -2.86
N VAL J 116 -3.12 -39.30 -3.74
CA VAL J 116 -3.64 -40.60 -3.31
C VAL J 116 -2.91 -41.68 -4.08
N LEU J 117 -2.28 -42.56 -3.30
CA LEU J 117 -1.48 -43.67 -3.87
C LEU J 117 -2.25 -44.96 -3.66
N ALA J 118 -2.17 -45.89 -4.60
CA ALA J 118 -2.82 -47.18 -4.51
C ALA J 118 -1.83 -48.30 -4.76
N PRO J 119 -1.82 -49.34 -3.92
CA PRO J 119 -0.96 -50.50 -4.20
C PRO J 119 -1.39 -51.20 -5.48
N GLU J 120 -0.40 -51.77 -6.18
CA GLU J 120 -0.72 -52.51 -7.40
C GLU J 120 -1.29 -53.89 -7.07
N GLY J 121 -0.86 -54.48 -5.97
CA GLY J 121 -1.21 -55.84 -5.64
C GLY J 121 -0.31 -56.88 -6.25
N SER J 122 0.67 -56.49 -7.05
CA SER J 122 1.61 -57.42 -7.65
C SER J 122 2.76 -57.76 -6.69
N VAL J 123 3.48 -56.74 -6.24
CA VAL J 123 4.55 -56.92 -5.27
C VAL J 123 4.27 -56.04 -4.05
N ALA J 124 4.77 -56.49 -2.91
CA ALA J 124 4.46 -55.83 -1.65
C ALA J 124 5.15 -54.48 -1.53
N ASN J 125 4.52 -53.59 -0.76
CA ASN J 125 5.09 -52.27 -0.45
C ASN J 125 5.39 -51.48 -1.72
N LYS J 126 4.54 -51.69 -2.73
CA LYS J 126 4.69 -50.98 -4.02
C LYS J 126 3.48 -50.08 -4.21
N PHE J 127 3.69 -48.82 -4.59
CA PHE J 127 2.61 -47.86 -4.77
C PHE J 127 2.80 -47.09 -6.06
N TYR J 128 1.69 -46.56 -6.57
CA TYR J 128 1.71 -45.65 -7.71
C TYR J 128 0.78 -44.49 -7.40
N VAL J 129 1.09 -43.34 -7.97
CA VAL J 129 0.31 -42.13 -7.73
C VAL J 129 -0.99 -42.27 -8.52
N HIS J 130 -2.07 -42.63 -7.85
CA HIS J 130 -3.37 -42.64 -8.52
C HIS J 130 -3.82 -41.22 -8.85
N ASN J 131 -3.77 -40.32 -7.88
CA ASN J 131 -4.20 -38.95 -8.17
C ASN J 131 -3.27 -37.95 -7.52
N ASP J 132 -3.01 -36.86 -8.23
CA ASP J 132 -2.16 -35.78 -7.77
C ASP J 132 -2.88 -34.47 -8.07
N ILE J 133 -3.23 -33.74 -7.02
CA ILE J 133 -3.85 -32.43 -7.13
C ILE J 133 -2.90 -31.41 -6.53
N PHE J 134 -2.60 -30.36 -7.29
CA PHE J 134 -1.63 -29.35 -6.88
C PHE J 134 -2.23 -27.99 -7.16
N ARG J 135 -2.14 -27.08 -6.21
CA ARG J 135 -2.67 -25.74 -6.41
C ARG J 135 -1.77 -24.72 -5.73
N TYR J 136 -1.28 -23.75 -6.50
CA TYR J 136 -0.60 -22.61 -5.91
C TYR J 136 -1.63 -21.70 -5.25
N GLN J 137 -1.33 -21.28 -4.02
CA GLN J 137 -2.31 -20.53 -3.24
C GLN J 137 -2.68 -19.22 -3.93
N ASP J 138 -1.68 -18.49 -4.44
CA ASP J 138 -1.93 -17.16 -4.97
C ASP J 138 -2.75 -17.16 -6.24
N GLU J 139 -2.96 -18.32 -6.86
CA GLU J 139 -3.69 -18.37 -8.13
C GLU J 139 -5.18 -18.60 -7.94
N VAL J 140 -5.59 -19.26 -6.86
CA VAL J 140 -6.99 -19.59 -6.64
C VAL J 140 -7.59 -18.89 -5.44
N PHE J 141 -6.77 -18.27 -4.59
CA PHE J 141 -7.30 -17.57 -3.42
C PHE J 141 -7.56 -16.11 -3.73
N PRO K 9 -35.52 -28.88 -27.82
CA PRO K 9 -34.11 -28.60 -28.10
C PRO K 9 -33.75 -27.14 -27.87
N ILE K 10 -34.47 -26.49 -26.96
CA ILE K 10 -34.25 -25.08 -26.67
C ILE K 10 -33.29 -25.00 -25.49
N THR K 11 -32.10 -24.44 -25.74
CA THR K 11 -31.09 -24.24 -24.72
C THR K 11 -30.63 -22.78 -24.75
N PHE K 12 -29.79 -22.46 -23.76
CA PHE K 12 -29.28 -21.07 -23.64
C PHE K 12 -27.76 -21.08 -23.61
N GLY K 13 -27.16 -19.94 -23.94
CA GLY K 13 -25.72 -19.78 -23.87
C GLY K 13 -24.98 -20.73 -24.78
N ASP K 14 -24.30 -21.71 -24.19
CA ASP K 14 -23.58 -22.72 -24.96
C ASP K 14 -24.00 -24.14 -24.61
N PHE K 15 -24.96 -24.30 -23.68
CA PHE K 15 -25.38 -25.63 -23.27
C PHE K 15 -26.12 -26.35 -24.39
N ASN K 16 -25.97 -27.67 -24.42
CA ASN K 16 -26.89 -28.50 -25.20
C ASN K 16 -28.00 -28.96 -24.28
N ASP K 17 -28.81 -29.90 -24.74
CA ASP K 17 -30.00 -30.32 -24.00
C ASP K 17 -29.61 -31.20 -22.83
N GLY K 18 -29.77 -30.70 -21.60
CA GLY K 18 -29.80 -31.54 -20.43
C GLY K 18 -28.59 -31.53 -19.52
N GLU K 19 -27.62 -30.65 -19.79
CA GLU K 19 -26.38 -30.57 -18.96
C GLU K 19 -26.74 -30.19 -17.53
N ILE K 20 -27.54 -29.14 -17.35
CA ILE K 20 -27.93 -28.66 -16.03
C ILE K 20 -28.95 -29.61 -15.41
N GLU K 21 -29.69 -30.34 -16.24
CA GLU K 21 -30.53 -31.41 -15.69
C GLU K 21 -29.68 -32.50 -15.05
N SER K 22 -28.58 -32.89 -15.70
CA SER K 22 -27.69 -33.86 -15.08
C SER K 22 -27.05 -33.31 -13.82
N LEU K 23 -26.64 -32.04 -13.85
CA LEU K 23 -26.01 -31.40 -12.67
C LEU K 23 -27.05 -31.20 -11.57
N SER K 24 -28.34 -31.27 -11.94
CA SER K 24 -29.45 -31.16 -10.94
C SER K 24 -29.84 -32.58 -10.52
N SER K 25 -29.00 -33.25 -9.74
CA SER K 25 -29.20 -34.63 -9.31
C SER K 25 -29.96 -34.63 -8.00
N GLU K 26 -31.13 -35.24 -7.99
CA GLU K 26 -31.99 -35.27 -6.83
C GLU K 26 -31.91 -36.58 -6.05
N LEU K 27 -31.48 -37.65 -6.71
CA LEU K 27 -31.44 -38.99 -6.07
C LEU K 27 -30.14 -39.18 -5.29
N LEU K 28 -29.20 -38.24 -5.41
CA LEU K 28 -27.91 -38.37 -4.73
C LEU K 28 -28.07 -38.03 -3.25
N THR K 29 -27.67 -38.95 -2.38
CA THR K 29 -27.73 -38.76 -0.94
C THR K 29 -26.40 -39.19 -0.32
N PHE K 30 -26.09 -38.61 0.83
CA PHE K 30 -24.85 -38.89 1.53
C PHE K 30 -25.13 -39.25 2.97
N GLY K 31 -24.33 -40.17 3.50
CA GLY K 31 -24.59 -40.66 4.84
C GLY K 31 -25.89 -41.46 4.89
N ASP K 32 -26.59 -41.31 6.02
CA ASP K 32 -27.89 -42.00 6.18
C ASP K 32 -29.03 -40.99 5.99
N PHE K 33 -28.71 -39.75 5.61
CA PHE K 33 -29.75 -38.77 5.35
C PHE K 33 -30.68 -39.26 4.25
N LEU K 34 -31.99 -39.13 4.49
CA LEU K 34 -32.97 -39.47 3.48
C LEU K 34 -32.95 -38.43 2.37
N PRO K 35 -33.29 -38.83 1.13
CA PRO K 35 -33.30 -37.85 0.02
C PRO K 35 -34.13 -36.62 0.32
N GLY K 36 -33.49 -35.47 0.32
CA GLY K 36 -34.16 -34.22 0.62
C GLY K 36 -34.27 -33.89 2.09
N GLU K 37 -33.78 -34.75 2.97
CA GLU K 37 -33.87 -34.45 4.39
C GLU K 37 -33.04 -33.21 4.74
N VAL K 38 -31.86 -33.08 4.14
CA VAL K 38 -31.01 -31.93 4.41
C VAL K 38 -31.70 -30.65 3.97
N ASP K 39 -32.39 -30.70 2.83
CA ASP K 39 -33.15 -29.51 2.36
C ASP K 39 -34.29 -29.25 3.33
N ASP K 40 -34.86 -30.31 3.93
CA ASP K 40 -35.93 -30.12 4.90
C ASP K 40 -35.42 -29.39 6.14
N LEU K 41 -34.25 -29.77 6.64
CA LEU K 41 -33.67 -29.04 7.78
C LEU K 41 -33.30 -27.61 7.39
N THR K 42 -32.86 -27.40 6.15
CA THR K 42 -32.38 -26.08 5.76
C THR K 42 -33.51 -25.07 5.58
N ASP K 43 -34.55 -25.50 4.86
CA ASP K 43 -35.66 -24.56 4.51
C ASP K 43 -36.69 -24.46 5.63
N SER K 44 -37.07 -23.24 6.00
CA SER K 44 -38.16 -22.99 6.94
C SER K 44 -37.93 -23.69 8.27
N ASP K 45 -36.68 -23.70 8.72
CA ASP K 45 -36.32 -24.32 9.99
C ASP K 45 -34.99 -23.78 10.50
N PRO L 9 11.17 -51.54 2.60
CA PRO L 9 11.30 -51.75 1.16
C PRO L 9 10.19 -51.02 0.39
N ILE L 10 9.72 -49.89 0.94
CA ILE L 10 8.60 -49.14 0.29
C ILE L 10 9.10 -48.63 -1.06
N THR L 11 8.32 -48.83 -2.13
CA THR L 11 8.74 -48.37 -3.48
C THR L 11 7.58 -47.68 -4.19
N PHE L 12 7.86 -46.73 -5.09
CA PHE L 12 6.81 -45.92 -5.75
C PHE L 12 7.03 -45.97 -7.25
N GLY L 13 5.98 -46.21 -8.04
CA GLY L 13 6.10 -46.31 -9.48
C GLY L 13 6.83 -47.60 -9.86
N ASP L 14 7.47 -47.59 -11.03
CA ASP L 14 8.30 -48.71 -11.44
C ASP L 14 9.75 -48.54 -11.01
N PHE L 15 10.04 -47.53 -10.19
CA PHE L 15 11.40 -47.28 -9.73
C PHE L 15 11.87 -48.42 -8.82
N ASN L 16 13.13 -48.82 -9.01
CA ASN L 16 13.75 -49.80 -8.12
C ASN L 16 14.00 -49.17 -6.76
N ASP L 17 14.03 -49.99 -5.72
CA ASP L 17 14.22 -49.46 -4.38
C ASP L 17 15.68 -49.12 -4.12
N GLY L 18 15.92 -47.89 -3.69
CA GLY L 18 17.26 -47.41 -3.42
C GLY L 18 17.95 -46.75 -4.59
N GLU L 19 17.48 -47.03 -5.81
CA GLU L 19 18.04 -46.38 -7.02
C GLU L 19 17.71 -44.88 -7.00
N ILE L 20 16.70 -44.50 -6.21
CA ILE L 20 16.33 -43.10 -6.08
C ILE L 20 17.44 -42.34 -5.35
N GLU L 21 17.84 -42.86 -4.19
CA GLU L 21 18.93 -42.27 -3.46
C GLU L 21 20.26 -42.44 -4.20
N SER L 22 20.38 -43.50 -5.00
CA SER L 22 21.59 -43.65 -5.82
C SER L 22 21.71 -42.51 -6.81
N LEU L 23 20.61 -42.12 -7.44
CA LEU L 23 20.64 -41.07 -8.44
C LEU L 23 20.77 -39.69 -7.80
N SER L 24 20.14 -39.51 -6.63
CA SER L 24 20.11 -38.15 -6.01
C SER L 24 21.15 -38.02 -4.89
N SER L 25 22.06 -38.97 -4.76
CA SER L 25 23.02 -38.96 -3.66
C SER L 25 24.39 -38.41 -4.05
N GLU L 26 24.59 -38.04 -5.30
CA GLU L 26 25.89 -37.53 -5.72
C GLU L 26 26.12 -36.14 -5.15
N LEU L 27 27.28 -35.95 -4.53
CA LEU L 27 27.60 -34.68 -3.89
C LEU L 27 28.24 -33.72 -4.88
N LEU L 28 28.12 -32.43 -4.58
CA LEU L 28 28.66 -31.40 -5.45
C LEU L 28 30.18 -31.34 -5.32
N THR L 29 30.89 -31.65 -6.40
CA THR L 29 32.35 -31.66 -6.41
C THR L 29 32.83 -30.81 -7.57
N PHE L 30 34.16 -30.74 -7.73
CA PHE L 30 34.75 -29.96 -8.81
C PHE L 30 36.03 -30.59 -9.31
N GLY L 31 36.35 -30.30 -10.57
CA GLY L 31 37.49 -30.90 -11.21
C GLY L 31 37.36 -32.41 -11.22
N ASP L 32 38.49 -33.09 -10.95
CA ASP L 32 38.44 -34.57 -10.82
C ASP L 32 38.57 -34.91 -9.33
N PHE L 33 38.43 -33.90 -8.46
CA PHE L 33 38.53 -34.14 -7.03
C PHE L 33 37.40 -35.03 -6.53
N LEU L 34 37.73 -35.92 -5.59
CA LEU L 34 36.72 -36.69 -4.91
C LEU L 34 35.96 -35.76 -3.95
N PRO L 35 34.77 -36.15 -3.39
CA PRO L 35 34.06 -35.29 -2.43
C PRO L 35 34.84 -34.88 -1.18
N GLY L 36 35.05 -33.58 -0.98
CA GLY L 36 35.73 -33.09 0.23
C GLY L 36 37.25 -33.15 0.14
N GLU L 37 37.78 -33.50 -1.03
CA GLU L 37 39.25 -33.65 -1.18
C GLU L 37 39.92 -32.29 -0.95
N VAL L 38 39.36 -31.20 -1.48
CA VAL L 38 40.00 -29.86 -1.38
C VAL L 38 40.11 -29.45 0.09
N ASP L 39 39.09 -29.75 0.89
CA ASP L 39 39.04 -29.25 2.29
C ASP L 39 40.25 -29.58 3.16
N ASP L 40 40.76 -30.82 3.19
CA ASP L 40 41.77 -31.21 4.17
C ASP L 40 43.11 -30.54 3.85
N LEU L 41 43.44 -30.37 2.58
CA LEU L 41 44.59 -29.55 2.24
C LEU L 41 44.37 -28.11 2.70
N THR L 42 43.15 -27.61 2.57
CA THR L 42 42.83 -26.27 3.06
C THR L 42 42.89 -26.21 4.58
N ASP L 43 42.28 -27.18 5.27
CA ASP L 43 42.17 -27.07 6.72
C ASP L 43 43.44 -27.58 7.37
N SER L 44 44.59 -27.05 6.96
CA SER L 44 45.87 -27.41 7.55
C SER L 44 46.37 -26.35 8.53
N ASP L 45 45.57 -25.34 8.82
CA ASP L 45 45.98 -24.24 9.69
C ASP L 45 44.81 -23.79 10.55
N TRP L 46 45.11 -22.90 11.49
CA TRP L 46 44.10 -22.34 12.39
C TRP L 46 43.15 -21.42 11.65
N LYS M 8 19.25 11.74 -46.78
CA LYS M 8 17.96 11.79 -46.06
C LYS M 8 17.99 10.77 -44.91
N PRO M 9 17.91 11.15 -43.60
CA PRO M 9 17.85 10.17 -42.51
C PRO M 9 16.42 9.95 -42.02
N SER M 10 16.26 8.91 -41.22
CA SER M 10 14.94 8.58 -40.70
C SER M 10 14.44 9.70 -39.81
N PRO M 11 13.15 10.03 -39.86
CA PRO M 11 12.59 10.95 -38.86
C PRO M 11 12.80 10.47 -37.45
N LEU M 12 12.69 9.16 -37.23
CA LEU M 12 13.02 8.59 -35.92
C LEU M 12 14.46 8.86 -35.56
N LEU M 13 15.37 8.70 -36.52
CA LEU M 13 16.78 8.99 -36.29
C LEU M 13 17.00 10.43 -35.86
N VAL M 14 16.45 11.36 -36.63
CA VAL M 14 16.64 12.79 -36.33
C VAL M 14 16.07 13.12 -34.97
N GLY M 15 14.87 12.62 -34.68
CA GLY M 15 14.25 12.91 -33.40
C GLY M 15 15.04 12.36 -32.23
N ARG M 16 15.51 11.11 -32.33
CA ARG M 16 16.26 10.51 -31.25
C ARG M 16 17.58 11.23 -31.02
N GLU M 17 18.29 11.55 -32.10
CA GLU M 17 19.56 12.26 -31.95
C GLU M 17 19.34 13.64 -31.35
N PHE M 18 18.31 14.35 -31.80
CA PHE M 18 18.06 15.67 -31.23
C PHE M 18 17.68 15.58 -29.76
N VAL M 19 16.88 14.58 -29.40
CA VAL M 19 16.51 14.43 -28.00
C VAL M 19 17.75 14.20 -27.15
N ARG M 20 18.63 13.32 -27.61
CA ARG M 20 19.86 13.06 -26.86
C ARG M 20 20.69 14.33 -26.72
N GLN M 21 20.93 15.03 -27.83
CA GLN M 21 21.76 16.23 -27.77
C GLN M 21 21.15 17.31 -26.91
N TYR M 22 19.84 17.53 -27.05
CA TYR M 22 19.16 18.58 -26.29
C TYR M 22 19.18 18.28 -24.80
N TYR M 23 18.84 17.05 -24.41
CA TYR M 23 18.76 16.75 -23.00
C TYR M 23 20.12 16.43 -22.39
N THR M 24 21.18 16.38 -23.19
CA THR M 24 22.50 16.39 -22.60
C THR M 24 23.04 17.81 -22.46
N LEU M 25 22.86 18.65 -23.49
CA LEU M 25 23.31 20.03 -23.40
C LEU M 25 22.52 20.81 -22.36
N LEU M 26 21.27 20.42 -22.11
CA LEU M 26 20.51 21.08 -21.05
C LEU M 26 21.15 20.84 -19.69
N ASN M 27 21.60 19.61 -19.44
CA ASN M 27 22.27 19.32 -18.18
C ASN M 27 23.63 20.00 -18.11
N GLN M 28 24.43 19.88 -19.17
CA GLN M 28 25.81 20.35 -19.09
C GLN M 28 25.92 21.85 -19.19
N ALA M 29 25.51 22.43 -20.32
CA ALA M 29 25.68 23.86 -20.59
C ALA M 29 24.35 24.45 -21.03
N PRO M 30 23.45 24.73 -20.08
CA PRO M 30 22.15 25.29 -20.45
C PRO M 30 22.24 26.64 -21.14
N ASP M 31 23.30 27.41 -20.92
CA ASP M 31 23.44 28.70 -21.57
C ASP M 31 23.66 28.57 -23.07
N MET M 32 24.07 27.40 -23.54
CA MET M 32 24.31 27.16 -24.95
C MET M 32 23.10 26.60 -25.67
N LEU M 33 21.95 26.52 -24.99
CA LEU M 33 20.75 26.01 -25.64
C LEU M 33 20.24 26.95 -26.71
N HIS M 34 20.49 28.25 -26.57
CA HIS M 34 19.97 29.22 -27.53
C HIS M 34 20.46 28.95 -28.94
N ARG M 35 21.55 28.19 -29.07
CA ARG M 35 22.14 27.89 -30.40
C ARG M 35 21.37 26.74 -31.07
N PHE M 36 20.39 26.15 -30.39
CA PHE M 36 19.56 25.08 -31.01
C PHE M 36 18.45 25.70 -31.87
N TYR M 37 17.93 26.87 -31.46
CA TYR M 37 16.85 27.51 -32.17
C TYR M 37 17.38 28.44 -33.25
N GLY M 38 16.45 29.02 -34.00
CA GLY M 38 16.82 29.99 -35.02
C GLY M 38 15.95 31.22 -34.95
N LYS M 39 16.01 32.05 -35.99
CA LYS M 39 15.13 33.20 -36.06
C LYS M 39 13.68 32.77 -36.17
N ASN M 40 12.80 33.56 -35.58
CA ASN M 40 11.35 33.33 -35.53
C ASN M 40 11.03 31.87 -35.20
N SER M 41 11.42 31.48 -33.99
CA SER M 41 11.13 30.16 -33.46
C SER M 41 10.36 30.30 -32.16
N SER M 42 9.33 29.48 -31.98
CA SER M 42 8.52 29.53 -30.78
C SER M 42 9.10 28.63 -29.70
N TYR M 43 9.16 29.16 -28.47
CA TYR M 43 9.74 28.44 -27.35
C TYR M 43 8.92 28.82 -26.12
N VAL M 44 8.03 27.93 -25.67
CA VAL M 44 7.21 28.21 -24.44
C VAL M 44 8.03 27.82 -23.21
N HIS M 45 7.79 26.66 -22.62
CA HIS M 45 8.60 26.13 -21.48
C HIS M 45 8.24 26.90 -20.20
N GLY M 46 7.38 27.90 -20.30
CA GLY M 46 6.98 28.70 -19.12
C GLY M 46 6.20 27.89 -18.11
N GLY M 47 5.26 27.05 -18.57
CA GLY M 47 4.39 26.31 -17.65
C GLY M 47 3.35 27.22 -17.03
N LEU M 48 3.79 28.27 -16.31
CA LEU M 48 2.86 29.22 -15.69
C LEU M 48 3.48 30.61 -15.75
N ASP M 49 2.64 31.62 -15.55
CA ASP M 49 3.09 32.99 -15.53
C ASP M 49 2.64 33.70 -14.25
N SER M 50 2.81 35.02 -14.20
CA SER M 50 2.41 35.77 -13.01
C SER M 50 0.91 35.68 -12.78
N ASN M 51 0.13 35.52 -13.85
CA ASN M 51 -1.32 35.41 -13.75
C ASN M 51 -1.81 33.97 -13.74
N GLY M 52 -0.94 33.01 -13.45
CA GLY M 52 -1.33 31.61 -13.35
C GLY M 52 -1.84 31.02 -14.65
N LYS M 53 -1.15 31.32 -15.75
CA LYS M 53 -1.55 30.92 -17.08
C LYS M 53 -0.32 30.43 -17.84
N PRO M 54 -0.49 29.52 -18.80
CA PRO M 54 0.65 29.12 -19.64
C PRO M 54 1.35 30.33 -20.23
N ALA M 55 2.69 30.34 -20.10
CA ALA M 55 3.47 31.50 -20.50
C ALA M 55 3.37 31.72 -22.01
N ASP M 56 3.39 32.98 -22.40
CA ASP M 56 3.40 33.32 -23.82
C ASP M 56 4.71 32.90 -24.47
N ALA M 57 4.62 32.51 -25.74
CA ALA M 57 5.80 32.09 -26.47
C ALA M 57 6.77 33.26 -26.63
N VAL M 58 8.06 32.97 -26.54
CA VAL M 58 9.11 33.95 -26.80
C VAL M 58 9.77 33.60 -28.12
N TYR M 59 9.88 34.59 -28.99
CA TYR M 59 10.39 34.42 -30.34
C TYR M 59 11.72 35.13 -30.48
N GLY M 60 12.62 34.55 -31.26
CA GLY M 60 13.91 35.17 -31.47
C GLY M 60 14.95 34.64 -30.51
N GLN M 61 16.15 34.37 -31.04
CA GLN M 61 17.18 33.69 -30.27
C GLN M 61 17.52 34.45 -28.99
N LYS M 62 17.52 35.78 -29.07
CA LYS M 62 17.83 36.61 -27.87
C LYS M 62 16.78 36.34 -26.79
N GLU M 63 15.50 36.33 -27.16
CA GLU M 63 14.44 36.10 -26.19
C GLU M 63 14.49 34.68 -25.63
N ILE M 64 14.76 33.69 -26.49
CA ILE M 64 14.84 32.32 -26.01
C ILE M 64 15.98 32.18 -25.02
N HIS M 65 17.14 32.78 -25.32
CA HIS M 65 18.26 32.71 -24.40
C HIS M 65 17.95 33.38 -23.08
N ARG M 66 17.27 34.54 -23.14
CA ARG M 66 16.92 35.24 -21.90
C ARG M 66 16.00 34.39 -21.04
N LYS M 67 14.98 33.80 -21.65
CA LYS M 67 14.07 32.95 -20.88
C LYS M 67 14.77 31.72 -20.35
N VAL M 68 15.64 31.11 -21.17
CA VAL M 68 16.38 29.93 -20.73
C VAL M 68 17.23 30.26 -19.51
N MET M 69 17.91 31.42 -19.54
CA MET M 69 18.71 31.81 -18.39
C MET M 69 17.83 32.11 -17.18
N SER M 70 16.65 32.69 -17.41
CA SER M 70 15.75 32.95 -16.30
C SER M 70 15.26 31.67 -15.65
N GLN M 71 15.11 30.59 -16.42
CA GLN M 71 14.65 29.33 -15.85
C GLN M 71 15.61 28.78 -14.80
N ASN M 72 16.89 29.12 -14.87
CA ASN M 72 17.88 28.71 -13.89
C ASN M 72 18.00 27.18 -13.81
N PHE M 73 18.46 26.59 -14.90
CA PHE M 73 18.73 25.15 -14.95
C PHE M 73 20.07 24.87 -14.29
N THR M 74 20.05 24.19 -13.15
CA THR M 74 21.26 23.73 -12.48
C THR M 74 21.18 22.22 -12.36
N ASN M 75 22.07 21.52 -13.05
CA ASN M 75 22.12 20.06 -13.00
C ASN M 75 20.77 19.46 -13.35
N CYS M 76 20.14 20.01 -14.38
CA CYS M 76 18.78 19.63 -14.74
C CYS M 76 18.79 18.21 -15.29
N HIS M 77 18.44 17.25 -14.45
CA HIS M 77 18.43 15.85 -14.85
C HIS M 77 17.15 15.52 -15.59
N THR M 78 17.28 14.72 -16.64
CA THR M 78 16.17 14.33 -17.48
C THR M 78 16.08 12.80 -17.52
N LYS M 79 14.85 12.29 -17.41
CA LYS M 79 14.56 10.86 -17.32
C LYS M 79 13.59 10.55 -18.45
N ILE M 80 14.12 10.20 -19.63
CA ILE M 80 13.30 10.08 -20.83
C ILE M 80 12.53 8.77 -20.77
N ARG M 81 11.20 8.84 -20.68
CA ARG M 81 10.38 7.64 -20.72
C ARG M 81 10.04 7.25 -22.15
N HIS M 82 9.70 8.22 -23.00
CA HIS M 82 9.33 7.90 -24.37
C HIS M 82 9.69 9.03 -25.31
N VAL M 83 10.16 8.69 -26.50
CA VAL M 83 10.44 9.64 -27.56
C VAL M 83 9.84 9.10 -28.84
N ASP M 84 8.91 9.87 -29.42
CA ASP M 84 8.23 9.46 -30.69
C ASP M 84 8.50 10.53 -31.75
N ALA M 85 9.07 10.14 -32.89
CA ALA M 85 9.40 11.06 -33.96
C ALA M 85 8.63 10.67 -35.21
N HIS M 86 8.02 11.65 -35.85
CA HIS M 86 7.27 11.43 -37.09
C HIS M 86 7.65 12.52 -38.09
N ALA M 87 7.50 12.21 -39.37
CA ALA M 87 7.77 13.17 -40.42
C ALA M 87 6.59 14.11 -40.55
N THR M 88 6.87 15.40 -40.73
CA THR M 88 5.84 16.41 -40.90
C THR M 88 6.21 17.30 -42.08
N LEU M 89 5.29 18.24 -42.35
CA LEU M 89 5.39 19.14 -43.52
C LEU M 89 6.76 19.73 -43.77
N ASN M 90 7.07 19.98 -45.05
CA ASN M 90 8.32 20.62 -45.44
C ASN M 90 9.53 19.83 -44.92
N ASP M 91 9.44 18.51 -44.94
CA ASP M 91 10.51 17.63 -44.47
C ASP M 91 10.88 18.00 -43.04
N GLY M 92 9.86 18.35 -42.25
CA GLY M 92 10.09 18.61 -40.84
C GLY M 92 10.00 17.33 -40.05
N VAL M 93 10.35 17.42 -38.77
CA VAL M 93 10.21 16.31 -37.84
C VAL M 93 9.45 16.81 -36.63
N VAL M 94 8.47 16.02 -36.18
CA VAL M 94 7.69 16.31 -34.99
C VAL M 94 8.02 15.24 -33.95
N VAL M 95 8.46 15.69 -32.78
CA VAL M 95 8.96 14.81 -31.73
C VAL M 95 8.14 15.06 -30.48
N GLN M 96 7.55 14.00 -29.94
CA GLN M 96 6.89 14.06 -28.65
C GLN M 96 7.74 13.29 -27.66
N VAL M 97 8.24 14.04 -26.66
CA VAL M 97 9.13 13.48 -25.62
C VAL M 97 8.40 13.54 -24.29
N MET M 98 8.22 12.40 -23.63
CA MET M 98 7.60 12.37 -22.31
C MET M 98 8.57 11.75 -21.33
N GLY M 99 8.55 12.25 -20.10
CA GLY M 99 9.46 11.71 -19.10
C GLY M 99 9.41 12.49 -17.81
N LEU M 100 10.54 12.52 -17.12
CA LEU M 100 10.68 13.19 -15.84
C LEU M 100 11.79 14.23 -15.93
N LEU M 101 11.67 15.28 -15.13
CA LEU M 101 12.68 16.32 -15.10
C LEU M 101 12.88 16.77 -13.66
N SER M 102 14.14 17.01 -13.29
CA SER M 102 14.47 17.45 -11.93
C SER M 102 15.55 18.53 -12.00
N ASN M 103 15.20 19.74 -11.61
CA ASN M 103 16.13 20.85 -11.59
C ASN M 103 16.73 21.00 -10.19
N ASN M 104 18.04 21.19 -10.14
CA ASN M 104 18.76 21.35 -8.88
C ASN M 104 18.54 20.16 -7.94
N ASN M 105 18.53 18.96 -8.51
CA ASN M 105 18.42 17.73 -7.75
C ASN M 105 17.16 17.72 -6.87
N GLN M 106 16.09 18.32 -7.38
CA GLN M 106 14.82 18.33 -6.66
C GLN M 106 14.01 17.10 -7.05
N ALA M 107 12.74 17.08 -6.66
CA ALA M 107 11.88 15.94 -6.96
C ALA M 107 11.60 15.88 -8.46
N LEU M 108 11.67 14.68 -9.01
CA LEU M 108 11.42 14.49 -10.44
C LEU M 108 9.94 14.69 -10.72
N ARG M 109 9.63 15.54 -11.71
CA ARG M 109 8.27 15.83 -12.09
C ARG M 109 8.02 15.38 -13.51
N ARG M 110 6.84 14.81 -13.74
CA ARG M 110 6.47 14.36 -15.07
C ARG M 110 6.30 15.54 -16.01
N PHE M 111 6.80 15.38 -17.23
CA PHE M 111 6.79 16.46 -18.21
C PHE M 111 6.58 15.88 -19.60
N MET M 112 6.06 16.73 -20.47
CA MET M 112 5.96 16.45 -21.89
C MET M 112 6.52 17.63 -22.67
N GLN M 113 7.05 17.33 -23.85
CA GLN M 113 7.66 18.35 -24.69
C GLN M 113 7.43 17.99 -26.14
N THR M 114 7.01 18.97 -26.92
CA THR M 114 6.80 18.83 -28.35
C THR M 114 7.85 19.67 -29.07
N PHE M 115 8.61 19.02 -29.94
CA PHE M 115 9.62 19.65 -30.77
C PHE M 115 9.16 19.59 -32.21
N VAL M 116 9.19 20.72 -32.90
CA VAL M 116 9.05 20.75 -34.34
C VAL M 116 10.37 21.28 -34.89
N LEU M 117 11.11 20.41 -35.58
CA LEU M 117 12.44 20.81 -36.11
C LEU M 117 12.36 21.02 -37.61
N ALA M 118 12.59 22.25 -38.08
CA ALA M 118 12.57 22.54 -39.52
C ALA M 118 13.99 22.41 -40.07
N PRO M 119 14.18 21.92 -41.32
CA PRO M 119 15.52 21.83 -41.92
C PRO M 119 15.97 23.13 -42.59
N GLU M 120 17.10 23.08 -43.33
CA GLU M 120 17.60 24.28 -44.03
C GLU M 120 17.95 23.91 -45.48
N GLY M 121 17.36 24.59 -46.46
CA GLY M 121 17.64 24.29 -47.88
C GLY M 121 19.12 24.35 -48.17
N SER M 122 19.86 25.21 -47.45
CA SER M 122 21.32 25.35 -47.66
C SER M 122 22.05 24.10 -47.20
N VAL M 123 22.22 23.93 -45.89
CA VAL M 123 22.98 22.78 -45.38
C VAL M 123 22.02 21.61 -45.20
N ALA M 124 22.35 20.49 -45.83
CA ALA M 124 21.57 19.28 -45.65
C ALA M 124 21.85 18.65 -44.29
N ASN M 125 20.86 17.92 -43.78
CA ASN M 125 20.96 17.23 -42.49
C ASN M 125 21.27 18.20 -41.35
N LYS M 126 20.70 19.40 -41.43
CA LYS M 126 20.80 20.39 -40.36
C LYS M 126 19.40 20.85 -40.00
N PHE M 127 19.08 20.80 -38.71
CA PHE M 127 17.75 21.14 -38.24
C PHE M 127 17.83 22.19 -37.15
N TYR M 128 16.94 23.17 -37.23
CA TYR M 128 16.77 24.18 -36.19
C TYR M 128 15.37 24.05 -35.60
N VAL M 129 15.28 24.13 -34.28
CA VAL M 129 14.02 23.86 -33.60
C VAL M 129 13.04 24.99 -33.84
N HIS M 130 12.06 24.76 -34.70
CA HIS M 130 11.07 25.80 -34.99
C HIS M 130 10.07 25.95 -33.86
N ASN M 131 9.70 24.84 -33.22
CA ASN M 131 8.74 24.90 -32.12
C ASN M 131 9.24 24.08 -30.94
N ASP M 132 9.15 24.68 -29.75
CA ASP M 132 9.51 23.95 -28.51
C ASP M 132 8.44 24.25 -27.46
N ILE M 133 7.56 23.28 -27.20
CA ILE M 133 6.49 23.44 -26.23
C ILE M 133 6.74 22.47 -25.07
N PHE M 134 6.70 22.99 -23.85
CA PHE M 134 7.01 22.21 -22.67
C PHE M 134 5.92 22.37 -21.64
N ARG M 135 5.57 21.27 -20.97
CA ARG M 135 4.57 21.34 -19.92
C ARG M 135 4.84 20.29 -18.85
N TYR M 136 4.51 20.64 -17.61
CA TYR M 136 4.55 19.68 -16.53
C TYR M 136 3.18 19.06 -16.35
N GLN M 137 3.17 17.83 -15.82
CA GLN M 137 1.90 17.15 -15.57
C GLN M 137 1.17 17.74 -14.36
N ASP M 138 1.91 18.06 -13.30
CA ASP M 138 1.28 18.49 -12.06
C ASP M 138 0.66 19.88 -12.18
N GLU M 139 1.23 20.74 -13.03
CA GLU M 139 0.74 22.11 -13.14
C GLU M 139 -0.63 22.21 -13.78
N VAL M 140 -1.13 21.14 -14.39
CA VAL M 140 -2.45 21.14 -15.02
C VAL M 140 -3.39 20.13 -14.37
N PHE M 141 -2.90 18.94 -14.04
CA PHE M 141 -3.72 17.92 -13.41
C PHE M 141 -3.79 18.14 -11.90
N MET N 4 -15.86 23.67 -25.12
CA MET N 4 -17.19 23.12 -24.85
C MET N 4 -17.47 21.88 -25.70
N VAL N 5 -16.91 20.74 -25.28
CA VAL N 5 -17.12 19.49 -25.98
C VAL N 5 -18.58 19.08 -25.83
N MET N 6 -19.21 18.72 -26.95
CA MET N 6 -20.64 18.41 -26.90
C MET N 6 -20.90 17.09 -26.19
N GLU N 7 -20.26 16.00 -26.65
CA GLU N 7 -20.18 14.76 -25.87
C GLU N 7 -21.57 14.21 -25.55
N LYS N 8 -22.23 13.69 -26.60
CA LYS N 8 -23.57 13.08 -26.51
C LYS N 8 -23.73 12.30 -25.21
N PRO N 9 -24.89 12.40 -24.57
CA PRO N 9 -24.99 12.04 -23.15
C PRO N 9 -24.80 10.55 -22.91
N SER N 10 -24.25 10.24 -21.74
CA SER N 10 -24.00 8.87 -21.34
C SER N 10 -25.33 8.19 -21.00
N PRO N 11 -25.36 6.86 -21.04
CA PRO N 11 -26.62 6.15 -20.72
C PRO N 11 -27.13 6.45 -19.33
N LEU N 12 -26.24 6.62 -18.35
CA LEU N 12 -26.70 6.89 -16.99
C LEU N 12 -27.40 8.23 -16.90
N LEU N 13 -26.81 9.27 -17.50
CA LEU N 13 -27.44 10.58 -17.48
C LEU N 13 -28.75 10.57 -18.27
N VAL N 14 -28.77 9.85 -19.40
CA VAL N 14 -30.00 9.74 -20.17
C VAL N 14 -31.10 9.12 -19.33
N GLY N 15 -30.78 8.02 -18.64
CA GLY N 15 -31.78 7.34 -17.83
C GLY N 15 -32.27 8.19 -16.68
N ARG N 16 -31.35 8.90 -16.00
CA ARG N 16 -31.77 9.76 -14.90
C ARG N 16 -32.67 10.88 -15.40
N GLU N 17 -32.32 11.49 -16.54
CA GLU N 17 -33.17 12.53 -17.10
C GLU N 17 -34.54 11.98 -17.46
N PHE N 18 -34.59 10.77 -18.02
CA PHE N 18 -35.88 10.19 -18.37
C PHE N 18 -36.71 9.91 -17.13
N VAL N 19 -36.08 9.40 -16.08
CA VAL N 19 -36.81 9.13 -14.85
C VAL N 19 -37.40 10.41 -14.29
N ARG N 20 -36.57 11.46 -14.24
CA ARG N 20 -37.05 12.76 -13.73
C ARG N 20 -38.25 13.18 -14.57
N GLN N 21 -38.10 13.23 -15.90
CA GLN N 21 -39.16 13.71 -16.78
C GLN N 21 -40.43 12.87 -16.62
N TYR N 22 -40.24 11.55 -16.53
CA TYR N 22 -41.39 10.61 -16.42
C TYR N 22 -42.17 10.90 -15.13
N TYR N 23 -41.48 10.92 -13.99
CA TYR N 23 -42.18 11.06 -12.72
C TYR N 23 -42.51 12.50 -12.40
N THR N 24 -42.11 13.45 -13.24
CA THR N 24 -42.66 14.79 -13.11
C THR N 24 -43.89 14.99 -13.99
N LEU N 25 -43.83 14.51 -15.23
CA LEU N 25 -44.98 14.60 -16.13
C LEU N 25 -46.16 13.79 -15.59
N LEU N 26 -45.89 12.59 -15.08
CA LEU N 26 -46.94 11.79 -14.47
C LEU N 26 -47.52 12.47 -13.25
N ASN N 27 -46.66 13.17 -12.51
CA ASN N 27 -47.12 13.86 -11.27
C ASN N 27 -48.06 15.00 -11.67
N GLN N 28 -47.74 15.71 -12.76
CA GLN N 28 -48.56 16.89 -13.16
C GLN N 28 -49.65 16.48 -14.15
N ALA N 29 -49.28 16.17 -15.40
CA ALA N 29 -50.28 15.84 -16.43
C ALA N 29 -50.10 14.38 -16.88
N PRO N 30 -50.67 13.38 -16.16
CA PRO N 30 -50.46 11.98 -16.50
C PRO N 30 -51.11 11.62 -17.85
N ASP N 31 -51.94 12.53 -18.38
CA ASP N 31 -52.61 12.30 -19.68
C ASP N 31 -51.55 12.24 -20.77
N MET N 32 -50.61 13.19 -20.75
CA MET N 32 -49.56 13.27 -21.79
C MET N 32 -48.64 12.04 -21.69
N LEU N 33 -48.78 11.22 -20.65
CA LEU N 33 -47.86 10.09 -20.53
C LEU N 33 -47.78 9.29 -21.81
N HIS N 34 -48.91 9.16 -22.53
CA HIS N 34 -48.92 8.29 -23.74
C HIS N 34 -47.83 8.71 -24.73
N ARG N 35 -47.43 9.99 -24.73
CA ARG N 35 -46.45 10.46 -25.70
C ARG N 35 -45.05 9.88 -25.46
N PHE N 36 -44.82 9.23 -24.33
CA PHE N 36 -43.45 8.73 -24.05
C PHE N 36 -43.21 7.40 -24.76
N TYR N 37 -44.27 6.74 -25.25
CA TYR N 37 -44.13 5.41 -25.81
C TYR N 37 -44.17 5.45 -27.34
N GLY N 38 -44.15 4.27 -27.95
CA GLY N 38 -44.25 4.16 -29.39
C GLY N 38 -45.14 3.02 -29.82
N LYS N 39 -45.09 2.66 -31.11
CA LYS N 39 -46.00 1.60 -31.63
C LYS N 39 -45.72 0.26 -30.96
N ASN N 40 -44.44 -0.08 -30.76
CA ASN N 40 -44.09 -1.39 -30.19
C ASN N 40 -43.72 -1.26 -28.72
N SER N 41 -44.43 -0.44 -27.97
CA SER N 41 -44.13 -0.25 -26.56
C SER N 41 -45.01 -1.17 -25.74
N SER N 42 -44.38 -2.09 -25.01
CA SER N 42 -45.06 -2.94 -24.05
C SER N 42 -45.03 -2.26 -22.68
N TYR N 43 -46.16 -2.31 -21.99
CA TYR N 43 -46.34 -1.55 -20.76
C TYR N 43 -47.20 -2.36 -19.80
N VAL N 44 -46.70 -2.56 -18.59
CA VAL N 44 -47.48 -3.11 -17.50
C VAL N 44 -47.19 -2.28 -16.27
N HIS N 45 -48.24 -1.91 -15.53
CA HIS N 45 -48.10 -0.99 -14.40
C HIS N 45 -48.88 -1.54 -13.21
N GLY N 46 -48.23 -2.39 -12.42
CA GLY N 46 -48.75 -2.90 -11.17
C GLY N 46 -50.23 -3.22 -11.15
N GLY N 47 -50.69 -3.99 -12.13
CA GLY N 47 -52.10 -4.31 -12.26
C GLY N 47 -52.46 -5.62 -11.57
N LEU N 48 -53.72 -5.71 -11.15
CA LEU N 48 -54.27 -6.93 -10.56
C LEU N 48 -55.63 -7.19 -11.20
N ASP N 49 -55.72 -8.31 -11.92
CA ASP N 49 -56.99 -8.70 -12.59
C ASP N 49 -57.89 -9.36 -11.55
N SER N 50 -59.13 -9.68 -11.94
CA SER N 50 -60.08 -10.30 -11.03
C SER N 50 -59.80 -11.79 -10.92
N ASN N 51 -58.55 -12.14 -10.67
CA ASN N 51 -58.13 -13.53 -10.45
C ASN N 51 -57.19 -13.69 -9.26
N GLY N 52 -56.43 -12.66 -8.87
CA GLY N 52 -55.42 -12.77 -7.85
C GLY N 52 -54.00 -12.70 -8.37
N LYS N 53 -53.81 -12.95 -9.67
CA LYS N 53 -52.53 -12.88 -10.36
C LYS N 53 -52.30 -11.48 -10.92
N PRO N 54 -51.03 -11.09 -11.08
CA PRO N 54 -50.74 -9.77 -11.65
C PRO N 54 -51.28 -9.64 -13.07
N ALA N 55 -51.70 -8.43 -13.42
CA ALA N 55 -52.29 -8.19 -14.73
C ALA N 55 -51.25 -8.33 -15.82
N ASP N 56 -51.73 -8.54 -17.05
CA ASP N 56 -50.86 -8.68 -18.20
C ASP N 56 -50.44 -7.30 -18.70
N ALA N 57 -49.82 -7.25 -19.88
CA ALA N 57 -49.24 -6.03 -20.39
C ALA N 57 -49.91 -5.63 -21.70
N VAL N 58 -50.01 -4.33 -21.91
CA VAL N 58 -50.45 -3.76 -23.18
C VAL N 58 -49.26 -3.64 -24.11
N TYR N 59 -49.51 -3.60 -25.41
CA TYR N 59 -48.46 -3.70 -26.41
C TYR N 59 -48.64 -2.67 -27.52
N GLY N 60 -48.81 -1.40 -27.16
CA GLY N 60 -49.10 -0.41 -28.18
C GLY N 60 -49.29 0.98 -27.63
N GLN N 61 -50.04 1.79 -28.40
CA GLN N 61 -50.22 3.21 -28.12
C GLN N 61 -51.64 3.54 -27.68
N LYS N 62 -52.63 3.19 -28.50
CA LYS N 62 -54.01 3.52 -28.16
C LYS N 62 -54.44 2.81 -26.88
N GLU N 63 -54.12 1.53 -26.75
CA GLU N 63 -54.55 0.80 -25.57
C GLU N 63 -53.73 1.17 -24.34
N ILE N 64 -52.47 1.58 -24.50
CA ILE N 64 -51.72 2.09 -23.35
C ILE N 64 -52.30 3.42 -22.91
N HIS N 65 -52.75 4.23 -23.87
CA HIS N 65 -53.41 5.51 -23.49
C HIS N 65 -54.65 5.11 -22.68
N ARG N 66 -55.50 4.26 -23.25
CA ARG N 66 -56.72 3.79 -22.55
C ARG N 66 -56.35 3.34 -21.14
N LYS N 67 -55.31 2.51 -21.00
CA LYS N 67 -54.95 2.00 -19.67
C LYS N 67 -54.55 3.14 -18.74
N VAL N 68 -53.77 4.09 -19.25
CA VAL N 68 -53.31 5.21 -18.43
C VAL N 68 -54.50 6.00 -17.91
N MET N 69 -55.49 6.24 -18.76
CA MET N 69 -56.71 6.85 -18.24
C MET N 69 -57.46 5.90 -17.30
N SER N 70 -57.26 4.60 -17.49
CA SER N 70 -57.98 3.60 -16.64
C SER N 70 -57.51 3.69 -15.19
N GLN N 71 -56.19 3.82 -14.93
CA GLN N 71 -55.80 3.94 -13.52
C GLN N 71 -55.97 5.37 -13.00
N ASN N 72 -56.60 6.25 -13.77
CA ASN N 72 -57.02 7.60 -13.33
C ASN N 72 -55.97 8.32 -12.47
N PHE N 73 -54.73 8.28 -12.94
CA PHE N 73 -53.64 8.95 -12.24
C PHE N 73 -54.00 10.40 -11.96
N THR N 74 -53.85 10.82 -10.71
CA THR N 74 -54.11 12.20 -10.32
C THR N 74 -53.42 12.48 -8.99
N ASN N 75 -52.89 13.68 -8.87
CA ASN N 75 -52.11 14.15 -7.72
C ASN N 75 -51.18 13.04 -7.20
N CYS N 76 -50.48 12.40 -8.12
CA CYS N 76 -49.57 11.33 -7.77
C CYS N 76 -48.29 11.89 -7.16
N HIS N 77 -47.89 11.34 -6.03
CA HIS N 77 -46.65 11.72 -5.35
C HIS N 77 -45.69 10.54 -5.43
N THR N 78 -44.57 10.76 -6.12
CA THR N 78 -43.59 9.68 -6.32
C THR N 78 -42.21 10.11 -5.82
N LYS N 79 -41.48 9.20 -5.18
CA LYS N 79 -40.16 9.47 -4.61
C LYS N 79 -39.22 8.35 -5.05
N ILE N 80 -38.27 8.67 -5.91
CA ILE N 80 -37.36 7.67 -6.45
C ILE N 80 -36.26 7.42 -5.45
N ARG N 81 -36.07 6.16 -5.06
CA ARG N 81 -34.98 5.79 -4.17
C ARG N 81 -33.78 5.21 -4.90
N HIS N 82 -33.95 4.70 -6.11
CA HIS N 82 -32.80 4.12 -6.81
C HIS N 82 -33.05 4.12 -8.30
N VAL N 83 -32.07 4.61 -9.07
CA VAL N 83 -32.11 4.57 -10.52
C VAL N 83 -30.75 4.10 -11.02
N ASP N 84 -30.76 3.07 -11.87
CA ASP N 84 -29.54 2.50 -12.44
C ASP N 84 -29.74 2.33 -13.92
N ALA N 85 -28.92 3.00 -14.72
CA ALA N 85 -29.07 2.98 -16.17
C ALA N 85 -27.81 2.39 -16.80
N HIS N 86 -28.00 1.62 -17.87
CA HIS N 86 -26.89 1.04 -18.59
C HIS N 86 -27.22 1.00 -20.07
N ALA N 87 -26.17 0.89 -20.88
CA ALA N 87 -26.37 0.81 -22.32
C ALA N 87 -26.71 -0.62 -22.72
N THR N 88 -27.48 -0.74 -23.80
CA THR N 88 -27.92 -2.04 -24.28
C THR N 88 -27.87 -2.02 -25.81
N LEU N 89 -28.52 -3.01 -26.41
CA LEU N 89 -28.47 -3.19 -27.86
C LEU N 89 -29.02 -1.97 -28.59
N ASN N 90 -28.48 -1.70 -29.78
CA ASN N 90 -29.01 -0.60 -30.63
C ASN N 90 -29.01 0.74 -29.89
N ASP N 91 -27.93 1.07 -29.17
CA ASP N 91 -27.79 2.38 -28.54
C ASP N 91 -28.90 2.65 -27.53
N GLY N 92 -29.73 1.66 -27.26
CA GLY N 92 -30.77 1.82 -26.27
C GLY N 92 -30.20 1.84 -24.86
N VAL N 93 -31.06 2.21 -23.91
CA VAL N 93 -30.66 2.26 -22.51
C VAL N 93 -31.68 1.47 -21.69
N VAL N 94 -31.17 0.56 -20.87
CA VAL N 94 -31.99 -0.18 -19.91
C VAL N 94 -31.88 0.51 -18.56
N VAL N 95 -33.03 0.80 -17.97
CA VAL N 95 -33.12 1.60 -16.75
C VAL N 95 -33.85 0.79 -15.70
N GLN N 96 -33.38 0.84 -14.47
CA GLN N 96 -33.94 0.07 -13.38
C GLN N 96 -34.20 1.01 -12.21
N VAL N 97 -35.45 1.08 -11.76
CA VAL N 97 -35.91 2.10 -10.82
C VAL N 97 -36.61 1.42 -9.66
N MET N 98 -36.38 1.93 -8.46
CA MET N 98 -37.13 1.52 -7.28
C MET N 98 -37.48 2.75 -6.47
N GLY N 99 -38.62 2.70 -5.78
CA GLY N 99 -38.98 3.83 -4.93
C GLY N 99 -40.37 3.71 -4.34
N LEU N 100 -41.01 4.87 -4.17
CA LEU N 100 -42.35 4.98 -3.60
C LEU N 100 -43.27 5.69 -4.56
N LEU N 101 -44.52 5.24 -4.63
CA LEU N 101 -45.53 5.89 -5.45
C LEU N 101 -46.86 5.88 -4.73
N SER N 102 -47.53 7.05 -4.70
CA SER N 102 -48.88 7.18 -4.11
C SER N 102 -49.80 7.85 -5.14
N ASN N 103 -50.97 7.26 -5.41
CA ASN N 103 -51.93 7.76 -6.37
C ASN N 103 -53.17 8.26 -5.64
N ASN N 104 -53.73 9.38 -6.08
CA ASN N 104 -54.98 9.94 -5.45
C ASN N 104 -54.76 10.24 -3.97
N ASN N 105 -53.52 10.48 -3.54
CA ASN N 105 -53.22 10.84 -2.15
C ASN N 105 -53.53 9.70 -1.18
N GLN N 106 -53.18 8.49 -1.60
CA GLN N 106 -53.32 7.34 -0.68
C GLN N 106 -51.96 7.17 0.00
N ALA N 107 -51.73 6.04 0.65
CA ALA N 107 -50.46 5.75 1.30
C ALA N 107 -49.39 5.44 0.27
N LEU N 108 -48.15 5.77 0.60
CA LEU N 108 -47.02 5.50 -0.30
C LEU N 108 -46.83 3.99 -0.46
N ARG N 109 -46.61 3.57 -1.70
CA ARG N 109 -46.50 2.16 -2.04
C ARG N 109 -45.12 1.86 -2.58
N ARG N 110 -44.52 0.79 -2.06
CA ARG N 110 -43.22 0.32 -2.52
C ARG N 110 -43.33 -0.15 -3.95
N PHE N 111 -42.51 0.39 -4.86
CA PHE N 111 -42.61 0.04 -6.26
C PHE N 111 -41.25 -0.27 -6.87
N MET N 112 -41.26 -1.17 -7.85
CA MET N 112 -40.12 -1.48 -8.68
C MET N 112 -40.51 -1.30 -10.14
N GLN N 113 -39.50 -0.96 -10.94
CA GLN N 113 -39.79 -0.68 -12.36
C GLN N 113 -38.56 -0.88 -13.23
N THR N 114 -38.77 -1.30 -14.47
CA THR N 114 -37.72 -1.49 -15.45
C THR N 114 -38.17 -0.84 -16.75
N PHE N 115 -37.39 0.12 -17.22
CA PHE N 115 -37.59 0.77 -18.50
C PHE N 115 -36.58 0.26 -19.50
N VAL N 116 -36.99 0.23 -20.76
CA VAL N 116 -36.06 0.09 -21.86
C VAL N 116 -36.39 1.20 -22.84
N LEU N 117 -35.44 2.11 -23.07
CA LEU N 117 -35.59 3.22 -23.98
C LEU N 117 -34.79 2.94 -25.24
N ALA N 118 -35.36 3.27 -26.39
CA ALA N 118 -34.71 3.04 -27.66
C ALA N 118 -34.68 4.33 -28.47
N PRO N 119 -33.66 4.51 -29.31
CA PRO N 119 -33.61 5.71 -30.14
C PRO N 119 -34.69 5.69 -31.20
N GLU N 120 -35.23 6.87 -31.50
CA GLU N 120 -36.23 6.97 -32.56
C GLU N 120 -35.62 6.68 -33.91
N GLY N 121 -34.41 7.17 -34.17
CA GLY N 121 -33.73 6.87 -35.40
C GLY N 121 -33.46 8.08 -36.28
N SER N 122 -34.45 8.98 -36.38
CA SER N 122 -34.31 10.15 -37.24
C SER N 122 -33.64 11.31 -36.51
N VAL N 123 -34.22 11.70 -35.38
CA VAL N 123 -33.69 12.82 -34.58
C VAL N 123 -32.67 12.27 -33.60
N ALA N 124 -31.47 12.84 -33.60
CA ALA N 124 -30.45 12.41 -32.68
C ALA N 124 -30.81 12.78 -31.24
N ASN N 125 -30.33 11.97 -30.30
CA ASN N 125 -30.57 12.18 -28.88
C ASN N 125 -32.06 12.22 -28.55
N LYS N 126 -32.83 11.36 -29.21
CA LYS N 126 -34.25 11.21 -28.93
C LYS N 126 -34.55 9.75 -28.65
N PHE N 127 -35.24 9.48 -27.55
CA PHE N 127 -35.55 8.13 -27.11
C PHE N 127 -37.04 8.00 -26.84
N TYR N 128 -37.55 6.79 -27.00
CA TYR N 128 -38.92 6.48 -26.64
C TYR N 128 -38.94 5.20 -25.82
N VAL N 129 -39.96 5.07 -24.98
CA VAL N 129 -40.02 3.98 -24.02
C VAL N 129 -40.51 2.70 -24.70
N HIS N 130 -39.56 1.91 -25.20
CA HIS N 130 -39.91 0.62 -25.79
C HIS N 130 -40.51 -0.33 -24.77
N ASN N 131 -40.02 -0.33 -23.54
CA ASN N 131 -40.55 -1.26 -22.54
C ASN N 131 -40.73 -0.58 -21.19
N ASP N 132 -41.86 -0.90 -20.54
CA ASP N 132 -42.16 -0.36 -19.18
C ASP N 132 -42.74 -1.49 -18.35
N ILE N 133 -42.06 -1.90 -17.27
CA ILE N 133 -42.51 -2.96 -16.38
C ILE N 133 -42.51 -2.41 -14.96
N PHE N 134 -43.69 -2.13 -14.42
CA PHE N 134 -43.84 -1.51 -13.11
C PHE N 134 -44.71 -2.40 -12.23
N ARG N 135 -44.25 -2.68 -11.02
CA ARG N 135 -45.00 -3.51 -10.08
C ARG N 135 -44.86 -2.99 -8.66
N TYR N 136 -45.98 -2.97 -7.93
CA TYR N 136 -45.94 -2.71 -6.50
C TYR N 136 -45.52 -3.97 -5.77
N GLN N 137 -44.70 -3.81 -4.73
CA GLN N 137 -44.18 -4.96 -4.00
C GLN N 137 -45.30 -5.72 -3.30
N ASP N 138 -46.26 -5.01 -2.70
CA ASP N 138 -47.31 -5.67 -1.94
C ASP N 138 -48.17 -6.56 -2.82
N GLU N 139 -48.43 -6.16 -4.06
CA GLU N 139 -49.16 -7.00 -4.98
C GLU N 139 -48.36 -8.23 -5.42
N VAL N 140 -47.07 -8.29 -5.10
CA VAL N 140 -46.22 -9.43 -5.42
C VAL N 140 -45.72 -10.12 -4.16
N PHE N 141 -45.11 -9.37 -3.25
CA PHE N 141 -44.60 -9.93 -2.02
C PHE N 141 -45.70 -10.12 -0.99
N LYS O 8 -39.96 -19.89 -33.22
CA LYS O 8 -40.04 -18.62 -32.51
C LYS O 8 -40.54 -18.81 -31.08
N PRO O 9 -39.62 -18.90 -30.13
CA PRO O 9 -40.01 -19.12 -28.73
C PRO O 9 -40.73 -17.92 -28.16
N SER O 10 -41.63 -18.19 -27.22
CA SER O 10 -42.37 -17.12 -26.57
C SER O 10 -41.46 -16.35 -25.61
N PRO O 11 -41.58 -15.02 -25.54
CA PRO O 11 -40.76 -14.27 -24.58
C PRO O 11 -40.98 -14.70 -23.14
N LEU O 12 -42.23 -14.95 -22.74
CA LEU O 12 -42.49 -15.41 -21.39
C LEU O 12 -41.86 -16.78 -21.16
N LEU O 13 -41.97 -17.67 -22.15
CA LEU O 13 -41.41 -19.00 -22.00
C LEU O 13 -39.89 -18.94 -21.82
N VAL O 14 -39.21 -18.16 -22.67
CA VAL O 14 -37.77 -18.08 -22.56
C VAL O 14 -37.36 -17.40 -21.26
N GLY O 15 -38.13 -16.40 -20.82
CA GLY O 15 -37.84 -15.77 -19.55
C GLY O 15 -37.91 -16.75 -18.39
N ARG O 16 -38.98 -17.54 -18.32
CA ARG O 16 -39.11 -18.51 -17.25
C ARG O 16 -38.03 -19.57 -17.33
N GLU O 17 -37.73 -20.05 -18.53
CA GLU O 17 -36.70 -21.07 -18.69
C GLU O 17 -35.35 -20.54 -18.23
N PHE O 18 -35.00 -19.32 -18.63
CA PHE O 18 -33.73 -18.76 -18.19
C PHE O 18 -33.74 -18.56 -16.68
N VAL O 19 -34.86 -18.13 -16.11
CA VAL O 19 -34.89 -17.88 -14.67
C VAL O 19 -34.57 -19.17 -13.92
N ARG O 20 -35.31 -20.23 -14.24
CA ARG O 20 -35.10 -21.53 -13.56
C ARG O 20 -33.64 -21.95 -13.77
N GLN O 21 -33.17 -21.97 -15.02
CA GLN O 21 -31.81 -22.50 -15.30
C GLN O 21 -30.77 -21.66 -14.56
N TYR O 22 -30.84 -20.34 -14.67
CA TYR O 22 -29.85 -19.48 -14.05
C TYR O 22 -29.81 -19.66 -12.55
N TYR O 23 -30.97 -19.71 -11.90
CA TYR O 23 -30.95 -19.83 -10.45
C TYR O 23 -30.52 -21.24 -10.01
N THR O 24 -30.90 -22.27 -10.78
CA THR O 24 -30.42 -23.60 -10.46
C THR O 24 -28.90 -23.69 -10.59
N LEU O 25 -28.35 -23.10 -11.65
CA LEU O 25 -26.90 -23.11 -11.82
C LEU O 25 -26.22 -22.32 -10.70
N LEU O 26 -26.80 -21.18 -10.33
CA LEU O 26 -26.23 -20.36 -9.27
C LEU O 26 -26.20 -21.11 -7.94
N ASN O 27 -27.30 -21.78 -7.60
CA ASN O 27 -27.32 -22.57 -6.37
C ASN O 27 -26.34 -23.73 -6.45
N GLN O 28 -26.24 -24.37 -7.61
CA GLN O 28 -25.45 -25.59 -7.73
C GLN O 28 -23.97 -25.28 -7.92
N ALA O 29 -23.61 -24.58 -9.01
CA ALA O 29 -22.22 -24.32 -9.36
C ALA O 29 -22.03 -22.82 -9.54
N PRO O 30 -21.70 -22.09 -8.47
CA PRO O 30 -21.46 -20.64 -8.64
C PRO O 30 -20.32 -20.31 -9.57
N ASP O 31 -19.35 -21.22 -9.73
CA ASP O 31 -18.22 -20.94 -10.61
C ASP O 31 -18.65 -20.78 -12.06
N MET O 32 -19.58 -21.62 -12.51
CA MET O 32 -20.01 -21.64 -13.89
C MET O 32 -21.03 -20.56 -14.21
N LEU O 33 -21.11 -19.52 -13.37
CA LEU O 33 -22.01 -18.40 -13.65
C LEU O 33 -21.61 -17.69 -14.93
N HIS O 34 -20.30 -17.50 -15.14
CA HIS O 34 -19.82 -16.71 -16.27
C HIS O 34 -20.21 -17.29 -17.62
N ARG O 35 -20.55 -18.58 -17.65
CA ARG O 35 -20.89 -19.26 -18.94
C ARG O 35 -22.12 -18.58 -19.56
N PHE O 36 -22.93 -17.89 -18.76
CA PHE O 36 -24.16 -17.29 -19.25
C PHE O 36 -23.92 -16.02 -20.05
N TYR O 37 -22.73 -15.44 -19.88
CA TYR O 37 -22.50 -14.11 -20.49
C TYR O 37 -21.61 -14.23 -21.72
N GLY O 38 -21.35 -13.11 -22.37
CA GLY O 38 -20.46 -13.05 -23.52
C GLY O 38 -19.30 -12.09 -23.34
N LYS O 39 -19.02 -11.28 -24.35
CA LYS O 39 -17.92 -10.34 -24.30
C LYS O 39 -18.38 -8.90 -24.10
N ASN O 40 -19.61 -8.57 -24.44
CA ASN O 40 -20.17 -7.25 -24.24
C ASN O 40 -21.18 -7.21 -23.10
N SER O 41 -21.12 -8.19 -22.20
CA SER O 41 -22.11 -8.31 -21.14
C SER O 41 -21.78 -7.38 -19.98
N SER O 42 -22.73 -6.51 -19.66
CA SER O 42 -22.59 -5.65 -18.49
C SER O 42 -23.14 -6.38 -17.26
N TYR O 43 -22.36 -6.41 -16.20
CA TYR O 43 -22.73 -7.10 -14.96
C TYR O 43 -22.58 -6.13 -13.81
N VAL O 44 -23.72 -5.67 -13.29
CA VAL O 44 -23.72 -4.76 -12.10
C VAL O 44 -24.51 -5.51 -11.03
N HIS O 45 -23.88 -5.75 -9.87
CA HIS O 45 -24.53 -6.56 -8.82
C HIS O 45 -23.89 -6.27 -7.47
N GLY O 46 -24.71 -5.97 -6.47
CA GLY O 46 -24.21 -5.79 -5.11
C GLY O 46 -23.22 -4.64 -4.99
N GLY O 47 -21.96 -4.97 -4.80
CA GLY O 47 -20.91 -3.95 -4.76
C GLY O 47 -20.11 -4.00 -3.48
N LEU O 48 -18.78 -3.92 -3.63
CA LEU O 48 -17.89 -3.85 -2.48
C LEU O 48 -16.61 -3.15 -2.93
N ASP O 49 -16.50 -1.86 -2.62
CA ASP O 49 -15.29 -1.09 -2.90
C ASP O 49 -14.61 -0.64 -1.61
N SER O 50 -15.31 0.10 -0.76
CA SER O 50 -14.81 0.48 0.56
C SER O 50 -15.70 -0.02 1.68
N ASN O 51 -17.02 0.17 1.55
CA ASN O 51 -17.99 -0.32 2.53
C ASN O 51 -19.17 -0.99 1.85
N GLY O 52 -19.02 -1.42 0.59
CA GLY O 52 -20.07 -2.06 -0.14
C GLY O 52 -20.99 -1.13 -0.92
N LYS O 53 -20.84 0.18 -0.75
CA LYS O 53 -21.69 1.14 -1.45
C LYS O 53 -21.27 1.33 -2.91
N PRO O 54 -19.99 1.64 -3.22
CA PRO O 54 -19.65 1.86 -4.63
C PRO O 54 -19.66 0.58 -5.43
N ALA O 55 -20.70 0.39 -6.23
CA ALA O 55 -20.85 -0.80 -7.06
C ALA O 55 -20.47 -0.45 -8.49
N ASP O 56 -19.54 -1.21 -9.05
CA ASP O 56 -18.99 -0.96 -10.37
C ASP O 56 -19.39 -2.09 -11.32
N ALA O 57 -19.98 -1.72 -12.45
CA ALA O 57 -20.29 -2.71 -13.47
C ALA O 57 -19.01 -3.24 -14.10
N VAL O 58 -18.98 -4.54 -14.35
CA VAL O 58 -17.85 -5.20 -14.98
C VAL O 58 -18.32 -5.80 -16.29
N TYR O 59 -17.38 -5.98 -17.23
CA TYR O 59 -17.71 -6.41 -18.57
C TYR O 59 -16.84 -7.59 -18.97
N GLY O 60 -17.38 -8.45 -19.81
CA GLY O 60 -16.65 -9.60 -20.30
C GLY O 60 -16.72 -10.78 -19.34
N GLN O 61 -16.54 -11.98 -19.90
CA GLN O 61 -16.62 -13.19 -19.09
C GLN O 61 -15.52 -13.21 -18.03
N LYS O 62 -14.33 -12.75 -18.39
CA LYS O 62 -13.22 -12.64 -17.43
C LYS O 62 -13.63 -11.86 -16.19
N GLU O 63 -13.99 -10.59 -16.38
CA GLU O 63 -14.34 -9.72 -15.22
C GLU O 63 -15.58 -10.27 -14.51
N ILE O 64 -16.56 -10.77 -15.27
CA ILE O 64 -17.79 -11.24 -14.65
C ILE O 64 -17.51 -12.42 -13.73
N HIS O 65 -16.71 -13.38 -14.20
CA HIS O 65 -16.36 -14.51 -13.34
C HIS O 65 -15.54 -14.06 -12.14
N ARG O 66 -14.62 -13.13 -12.34
CA ARG O 66 -13.83 -12.63 -11.22
C ARG O 66 -14.73 -11.95 -10.18
N LYS O 67 -15.69 -11.16 -10.64
CA LYS O 67 -16.60 -10.49 -9.71
C LYS O 67 -17.48 -11.51 -8.98
N VAL O 68 -17.97 -12.51 -9.69
CA VAL O 68 -18.80 -13.52 -9.04
C VAL O 68 -17.99 -14.27 -7.98
N MET O 69 -16.75 -14.63 -8.32
CA MET O 69 -15.92 -15.34 -7.35
C MET O 69 -15.56 -14.44 -6.16
N SER O 70 -15.30 -13.17 -6.42
CA SER O 70 -15.07 -12.24 -5.31
C SER O 70 -16.29 -12.17 -4.40
N GLN O 71 -17.49 -12.19 -4.99
CA GLN O 71 -18.71 -12.20 -4.18
C GLN O 71 -18.76 -13.47 -3.33
N ASN O 72 -18.41 -14.61 -3.93
CA ASN O 72 -18.37 -15.90 -3.23
C ASN O 72 -19.77 -16.31 -2.75
N PHE O 73 -20.63 -16.58 -3.73
CA PHE O 73 -21.90 -17.22 -3.44
C PHE O 73 -21.67 -18.64 -2.93
N THR O 74 -22.14 -18.92 -1.71
CA THR O 74 -22.04 -20.25 -1.13
C THR O 74 -23.45 -20.73 -0.76
N ASN O 75 -23.94 -21.71 -1.50
CA ASN O 75 -25.26 -22.28 -1.28
C ASN O 75 -26.34 -21.20 -1.29
N CYS O 76 -26.46 -20.56 -2.45
CA CYS O 76 -27.52 -19.57 -2.66
C CYS O 76 -28.88 -20.26 -2.64
N HIS O 77 -29.76 -19.78 -1.75
CA HIS O 77 -31.15 -20.28 -1.70
C HIS O 77 -32.07 -19.18 -2.21
N THR O 78 -32.67 -19.36 -3.38
CA THR O 78 -33.50 -18.34 -4.02
C THR O 78 -34.93 -18.84 -4.07
N LYS O 79 -35.85 -18.04 -3.54
CA LYS O 79 -37.27 -18.30 -3.62
C LYS O 79 -37.86 -17.23 -4.52
N ILE O 80 -38.16 -17.60 -5.76
CA ILE O 80 -38.61 -16.63 -6.76
C ILE O 80 -40.10 -16.39 -6.56
N ARG O 81 -40.47 -15.13 -6.32
CA ARG O 81 -41.85 -14.75 -6.16
C ARG O 81 -42.48 -14.24 -7.45
N HIS O 82 -41.72 -13.56 -8.31
CA HIS O 82 -42.32 -13.05 -9.54
C HIS O 82 -41.29 -12.97 -10.65
N VAL O 83 -41.75 -13.24 -11.87
CA VAL O 83 -40.93 -13.15 -13.07
C VAL O 83 -41.73 -12.44 -14.15
N ASP O 84 -41.15 -11.43 -14.77
CA ASP O 84 -41.79 -10.70 -15.87
C ASP O 84 -40.83 -10.71 -17.05
N ALA O 85 -41.21 -11.40 -18.12
CA ALA O 85 -40.42 -11.47 -19.34
C ALA O 85 -41.17 -10.75 -20.46
N HIS O 86 -40.43 -10.07 -21.32
CA HIS O 86 -41.02 -9.29 -22.40
C HIS O 86 -40.05 -9.25 -23.57
N ALA O 87 -40.59 -8.93 -24.73
CA ALA O 87 -39.80 -8.78 -25.94
C ALA O 87 -39.25 -7.37 -26.04
N THR O 88 -38.08 -7.25 -26.68
CA THR O 88 -37.42 -5.97 -26.85
C THR O 88 -36.59 -6.01 -28.13
N LEU O 89 -35.71 -5.03 -28.28
CA LEU O 89 -35.09 -4.72 -29.56
C LEU O 89 -34.36 -5.92 -30.15
N ASN O 90 -34.26 -5.92 -31.48
CA ASN O 90 -33.71 -7.02 -32.29
C ASN O 90 -34.09 -8.38 -31.73
N ASP O 91 -35.38 -8.52 -31.42
CA ASP O 91 -35.94 -9.75 -30.87
C ASP O 91 -35.20 -10.18 -29.61
N GLY O 92 -34.83 -9.20 -28.78
CA GLY O 92 -34.24 -9.51 -27.49
C GLY O 92 -35.30 -9.82 -26.47
N VAL O 93 -34.86 -10.29 -25.31
CA VAL O 93 -35.75 -10.57 -24.18
C VAL O 93 -35.25 -9.79 -22.98
N VAL O 94 -36.17 -9.10 -22.31
CA VAL O 94 -35.88 -8.43 -21.04
C VAL O 94 -36.72 -9.08 -19.96
N VAL O 95 -36.05 -9.49 -18.88
CA VAL O 95 -36.74 -10.23 -17.79
C VAL O 95 -36.36 -9.66 -16.42
N GLN O 96 -37.38 -9.18 -15.69
CA GLN O 96 -37.18 -8.64 -14.31
C GLN O 96 -37.75 -9.66 -13.34
N VAL O 97 -36.99 -10.01 -12.29
CA VAL O 97 -37.41 -11.02 -11.34
C VAL O 97 -37.35 -10.46 -9.93
N MET O 98 -38.25 -10.95 -9.09
CA MET O 98 -38.32 -10.60 -7.69
C MET O 98 -38.37 -11.87 -6.86
N GLY O 99 -37.68 -11.88 -5.74
CA GLY O 99 -37.69 -13.05 -4.89
C GLY O 99 -36.90 -12.78 -3.63
N LEU O 100 -36.62 -13.86 -2.92
CA LEU O 100 -35.87 -13.83 -1.67
C LEU O 100 -34.57 -14.60 -1.87
N LEU O 101 -33.44 -13.96 -1.61
CA LEU O 101 -32.13 -14.56 -1.82
C LEU O 101 -31.40 -14.69 -0.49
N SER O 102 -30.88 -15.88 -0.21
CA SER O 102 -30.10 -16.14 1.00
C SER O 102 -28.73 -16.65 0.60
N ASN O 103 -27.69 -15.95 1.05
CA ASN O 103 -26.31 -16.33 0.83
C ASN O 103 -25.66 -16.74 2.14
N ASN O 104 -24.84 -17.78 2.09
CA ASN O 104 -24.13 -18.28 3.27
C ASN O 104 -25.09 -18.61 4.41
N ASN O 105 -26.30 -19.06 4.05
CA ASN O 105 -27.33 -19.39 5.02
C ASN O 105 -27.70 -18.19 5.90
N GLN O 106 -27.69 -17.00 5.29
CA GLN O 106 -28.15 -15.80 5.98
C GLN O 106 -29.69 -15.74 5.91
N ALA O 107 -30.24 -14.59 6.26
CA ALA O 107 -31.69 -14.41 6.25
C ALA O 107 -32.20 -14.25 4.84
N LEU O 108 -33.51 -14.52 4.68
CA LEU O 108 -34.18 -14.35 3.39
C LEU O 108 -34.31 -12.86 3.09
N ARG O 109 -33.47 -12.34 2.21
CA ARG O 109 -33.43 -10.92 1.90
C ARG O 109 -34.11 -10.67 0.56
N ARG O 110 -34.93 -9.62 0.51
CA ARG O 110 -35.62 -9.28 -0.72
C ARG O 110 -34.63 -8.74 -1.75
N PHE O 111 -34.82 -9.14 -3.00
CA PHE O 111 -33.96 -8.70 -4.09
C PHE O 111 -34.78 -8.50 -5.34
N MET O 112 -34.23 -7.75 -6.29
CA MET O 112 -34.81 -7.67 -7.62
C MET O 112 -33.69 -7.50 -8.63
N GLN O 113 -33.77 -8.25 -9.72
CA GLN O 113 -32.69 -8.34 -10.69
C GLN O 113 -33.28 -8.36 -12.09
N THR O 114 -32.74 -7.52 -12.96
CA THR O 114 -33.23 -7.36 -14.33
C THR O 114 -32.16 -7.83 -15.30
N PHE O 115 -32.54 -8.75 -16.18
CA PHE O 115 -31.69 -9.21 -17.26
C PHE O 115 -32.18 -8.63 -18.58
N VAL O 116 -31.24 -8.33 -19.46
CA VAL O 116 -31.51 -8.09 -20.87
C VAL O 116 -30.74 -9.16 -21.64
N LEU O 117 -31.47 -10.05 -22.30
CA LEU O 117 -30.89 -11.19 -23.00
C LEU O 117 -30.88 -10.92 -24.50
N ALA O 118 -29.77 -11.19 -25.13
CA ALA O 118 -29.69 -11.04 -26.57
C ALA O 118 -29.53 -12.41 -27.23
N PRO O 119 -30.13 -12.62 -28.40
CA PRO O 119 -29.91 -13.88 -29.11
C PRO O 119 -28.46 -14.03 -29.51
N GLU O 120 -27.97 -15.27 -29.47
CA GLU O 120 -26.59 -15.54 -29.85
C GLU O 120 -26.35 -15.21 -31.32
N GLY O 121 -27.31 -15.57 -32.18
CA GLY O 121 -27.20 -15.26 -33.59
C GLY O 121 -26.87 -16.45 -34.46
N SER O 122 -25.98 -17.33 -33.96
CA SER O 122 -25.58 -18.50 -34.72
C SER O 122 -26.61 -19.61 -34.59
N VAL O 123 -26.90 -20.03 -33.37
CA VAL O 123 -27.84 -21.11 -33.10
C VAL O 123 -29.18 -20.51 -32.73
N ALA O 124 -30.25 -21.04 -33.33
CA ALA O 124 -31.60 -20.57 -32.99
C ALA O 124 -31.97 -21.01 -31.58
N ASN O 125 -32.84 -20.20 -30.95
CA ASN O 125 -33.27 -20.43 -29.58
C ASN O 125 -32.09 -20.48 -28.61
N LYS O 126 -31.13 -19.59 -28.82
CA LYS O 126 -29.97 -19.46 -27.95
C LYS O 126 -29.86 -18.01 -27.49
N PHE O 127 -29.59 -17.83 -26.20
CA PHE O 127 -29.50 -16.50 -25.62
C PHE O 127 -28.34 -16.43 -24.65
N TYR O 128 -27.82 -15.22 -24.47
CA TYR O 128 -26.76 -14.95 -23.52
C TYR O 128 -27.10 -13.66 -22.78
N VAL O 129 -26.65 -13.58 -21.52
CA VAL O 129 -26.99 -12.44 -20.67
C VAL O 129 -26.20 -11.22 -21.10
N HIS O 130 -26.84 -10.33 -21.86
CA HIS O 130 -26.17 -9.11 -22.30
C HIS O 130 -26.09 -8.08 -21.18
N ASN O 131 -27.13 -7.95 -20.37
CA ASN O 131 -27.14 -6.99 -19.28
C ASN O 131 -27.72 -7.63 -18.03
N ASP O 132 -27.08 -7.39 -16.88
CA ASP O 132 -27.46 -8.06 -15.64
C ASP O 132 -27.36 -7.06 -14.49
N ILE O 133 -28.49 -6.49 -14.08
CA ILE O 133 -28.53 -5.47 -13.03
C ILE O 133 -29.22 -6.07 -11.82
N PHE O 134 -28.48 -6.26 -10.74
CA PHE O 134 -28.99 -6.82 -9.51
C PHE O 134 -29.06 -5.76 -8.44
N ARG O 135 -30.09 -5.82 -7.59
CA ARG O 135 -30.21 -4.86 -6.50
C ARG O 135 -30.94 -5.50 -5.34
N TYR O 136 -30.28 -5.58 -4.19
CA TYR O 136 -30.96 -5.96 -2.97
C TYR O 136 -31.93 -4.84 -2.58
N GLN O 137 -33.16 -5.22 -2.22
CA GLN O 137 -34.20 -4.19 -1.92
C GLN O 137 -33.91 -3.48 -0.60
N ASP O 138 -33.27 -4.15 0.36
CA ASP O 138 -33.13 -3.54 1.68
C ASP O 138 -32.10 -2.41 1.68
N GLU O 139 -30.99 -2.60 0.95
CA GLU O 139 -29.85 -1.63 1.03
C GLU O 139 -30.29 -0.26 0.50
N VAL O 140 -31.23 -0.24 -0.43
CA VAL O 140 -31.65 1.04 -1.01
C VAL O 140 -32.89 1.60 -0.33
N PHE O 141 -33.56 0.83 0.50
CA PHE O 141 -34.75 1.31 1.19
C PHE O 141 -34.47 1.52 2.66
N LYS P 8 -6.87 35.57 -41.69
CA LYS P 8 -6.01 34.61 -41.00
C LYS P 8 -6.32 34.58 -39.51
N PRO P 9 -7.08 33.57 -39.08
CA PRO P 9 -7.43 33.46 -37.66
C PRO P 9 -6.24 33.04 -36.82
N SER P 10 -6.36 33.30 -35.52
CA SER P 10 -5.25 33.02 -34.62
C SER P 10 -5.01 31.53 -34.47
N PRO P 11 -3.76 31.09 -34.42
CA PRO P 11 -3.48 29.66 -34.21
C PRO P 11 -4.06 29.13 -32.92
N LEU P 12 -4.14 29.95 -31.87
CA LEU P 12 -4.75 29.51 -30.63
C LEU P 12 -6.20 29.11 -30.85
N LEU P 13 -6.97 29.97 -31.52
CA LEU P 13 -8.36 29.64 -31.81
C LEU P 13 -8.45 28.44 -32.74
N VAL P 14 -7.55 28.35 -33.72
CA VAL P 14 -7.57 27.21 -34.65
C VAL P 14 -7.39 25.91 -33.88
N GLY P 15 -6.39 25.85 -33.01
CA GLY P 15 -6.15 24.65 -32.24
C GLY P 15 -7.27 24.33 -31.27
N ARG P 16 -7.84 25.36 -30.64
CA ARG P 16 -8.95 25.13 -29.72
C ARG P 16 -10.15 24.54 -30.45
N GLU P 17 -10.50 25.12 -31.61
CA GLU P 17 -11.63 24.61 -32.37
C GLU P 17 -11.39 23.20 -32.84
N PHE P 18 -10.17 22.91 -33.32
CA PHE P 18 -9.89 21.54 -33.76
C PHE P 18 -9.97 20.56 -32.60
N VAL P 19 -9.46 20.94 -31.43
CA VAL P 19 -9.52 20.06 -30.28
C VAL P 19 -10.96 19.74 -29.92
N ARG P 20 -11.80 20.78 -29.90
CA ARG P 20 -13.20 20.59 -29.60
C ARG P 20 -13.86 19.64 -30.60
N GLN P 21 -13.62 19.87 -31.90
CA GLN P 21 -14.27 19.04 -32.90
C GLN P 21 -13.75 17.60 -32.85
N TYR P 22 -12.45 17.42 -32.67
CA TYR P 22 -11.88 16.07 -32.63
C TYR P 22 -12.41 15.28 -31.46
N TYR P 23 -12.46 15.89 -30.27
CA TYR P 23 -12.95 15.13 -29.14
C TYR P 23 -14.47 15.04 -29.11
N THR P 24 -15.17 15.85 -29.90
CA THR P 24 -16.58 15.59 -30.12
C THR P 24 -16.79 14.38 -31.02
N LEU P 25 -16.02 14.29 -32.11
CA LEU P 25 -16.18 13.15 -33.02
C LEU P 25 -15.55 11.89 -32.47
N LEU P 26 -14.75 11.98 -31.42
CA LEU P 26 -14.21 10.76 -30.82
C LEU P 26 -15.31 9.88 -30.26
N ASN P 27 -16.43 10.47 -29.82
CA ASN P 27 -17.52 9.69 -29.28
C ASN P 27 -18.84 9.85 -30.03
N GLN P 28 -19.14 11.04 -30.56
CA GLN P 28 -20.39 11.22 -31.28
C GLN P 28 -20.44 10.36 -32.53
N ALA P 29 -19.34 10.28 -33.26
CA ALA P 29 -19.31 9.51 -34.49
C ALA P 29 -17.88 9.10 -34.83
N PRO P 30 -17.33 8.10 -34.13
CA PRO P 30 -15.96 7.67 -34.44
C PRO P 30 -15.81 7.05 -35.82
N ASP P 31 -16.93 6.76 -36.51
CA ASP P 31 -16.83 6.18 -37.84
C ASP P 31 -16.11 7.12 -38.79
N MET P 32 -16.41 8.42 -38.69
CA MET P 32 -15.84 9.41 -39.64
C MET P 32 -14.66 10.16 -39.04
N LEU P 33 -13.95 9.56 -38.08
CA LEU P 33 -12.76 10.20 -37.55
C LEU P 33 -11.66 10.29 -38.59
N HIS P 34 -11.62 9.34 -39.53
CA HIS P 34 -10.56 9.33 -40.53
C HIS P 34 -10.64 10.51 -41.48
N ARG P 35 -11.80 11.14 -41.61
CA ARG P 35 -11.93 12.28 -42.50
C ARG P 35 -11.07 13.46 -42.06
N PHE P 36 -10.63 13.44 -40.80
CA PHE P 36 -9.76 14.53 -40.27
C PHE P 36 -8.35 14.37 -40.84
N TYR P 37 -7.93 13.13 -41.10
CA TYR P 37 -6.54 12.85 -41.55
C TYR P 37 -6.41 12.96 -43.08
N GLY P 38 -5.22 13.37 -43.56
CA GLY P 38 -4.95 13.44 -45.01
C GLY P 38 -4.29 12.17 -45.51
N LYS P 39 -3.97 12.12 -46.81
CA LYS P 39 -3.33 10.93 -47.41
C LYS P 39 -2.00 10.68 -46.70
N ASN P 40 -1.17 11.71 -46.58
CA ASN P 40 0.14 11.57 -45.91
C ASN P 40 -0.05 12.01 -44.46
N SER P 41 -0.30 11.07 -43.54
CA SER P 41 -0.61 11.45 -42.17
C SER P 41 -0.19 10.34 -41.23
N SER P 42 0.44 10.76 -40.12
CA SER P 42 0.90 9.79 -39.11
C SER P 42 -0.13 9.71 -37.99
N TYR P 43 -0.32 8.53 -37.43
CA TYR P 43 -1.30 8.31 -36.36
C TYR P 43 -0.78 7.28 -35.39
N VAL P 44 -0.77 7.63 -34.10
CA VAL P 44 -0.56 6.65 -33.04
C VAL P 44 -1.45 7.04 -31.87
N HIS P 45 -2.11 6.04 -31.28
CA HIS P 45 -3.08 6.26 -30.20
C HIS P 45 -2.81 5.33 -29.03
N GLY P 46 -1.56 5.27 -28.59
CA GLY P 46 -1.22 4.65 -27.33
C GLY P 46 -1.49 3.16 -27.26
N GLY P 47 -0.77 2.37 -28.05
CA GLY P 47 -0.91 0.94 -27.99
C GLY P 47 0.33 0.25 -27.47
N LEU P 48 0.17 -0.94 -26.92
CA LEU P 48 1.29 -1.75 -26.45
C LEU P 48 1.35 -3.04 -27.25
N ASP P 49 2.56 -3.56 -27.41
CA ASP P 49 2.77 -4.84 -28.06
C ASP P 49 3.19 -5.88 -27.03
N SER P 50 3.49 -7.09 -27.51
CA SER P 50 3.88 -8.17 -26.61
C SER P 50 5.16 -7.84 -25.86
N ASN P 51 6.13 -7.22 -26.53
CA ASN P 51 7.41 -6.94 -25.91
C ASN P 51 7.34 -5.77 -24.93
N GLY P 52 6.28 -4.96 -24.99
CA GLY P 52 6.09 -3.85 -24.07
C GLY P 52 6.40 -2.49 -24.65
N LYS P 53 7.09 -2.43 -25.77
CA LYS P 53 7.32 -1.14 -26.40
C LYS P 53 5.99 -0.56 -26.89
N PRO P 54 5.84 0.76 -26.82
CA PRO P 54 4.61 1.38 -27.32
C PRO P 54 4.43 1.12 -28.81
N ALA P 55 3.16 0.97 -29.21
CA ALA P 55 2.86 0.64 -30.58
C ALA P 55 3.32 1.73 -31.53
N ASP P 56 3.86 1.29 -32.68
CA ASP P 56 4.39 2.26 -33.68
C ASP P 56 3.23 2.94 -34.38
N ALA P 57 3.48 4.13 -34.94
CA ALA P 57 2.46 4.88 -35.64
C ALA P 57 2.16 4.24 -36.99
N VAL P 58 0.94 4.46 -37.47
CA VAL P 58 0.52 4.01 -38.79
C VAL P 58 0.41 5.23 -39.69
N TYR P 59 0.48 4.97 -41.00
CA TYR P 59 0.49 6.03 -41.99
C TYR P 59 -0.57 5.73 -43.04
N GLY P 60 -1.09 6.80 -43.65
CA GLY P 60 -2.12 6.65 -44.66
C GLY P 60 -3.51 6.74 -44.08
N GLN P 61 -4.41 7.41 -44.79
CA GLN P 61 -5.76 7.63 -44.26
C GLN P 61 -6.50 6.31 -44.04
N LYS P 62 -6.39 5.37 -44.98
CA LYS P 62 -7.11 4.11 -44.83
C LYS P 62 -6.57 3.31 -43.64
N GLU P 63 -5.25 3.29 -43.48
CA GLU P 63 -4.66 2.57 -42.32
C GLU P 63 -5.09 3.26 -41.02
N ILE P 64 -5.18 4.60 -41.05
CA ILE P 64 -5.64 5.34 -39.88
C ILE P 64 -7.06 4.94 -39.52
N HIS P 65 -7.93 4.85 -40.53
CA HIS P 65 -9.31 4.43 -40.31
C HIS P 65 -9.38 3.02 -39.75
N ARG P 66 -8.57 2.11 -40.28
CA ARG P 66 -8.55 0.75 -39.79
C ARG P 66 -8.08 0.70 -38.34
N LYS P 67 -7.05 1.48 -38.00
CA LYS P 67 -6.57 1.51 -36.62
C LYS P 67 -7.62 2.09 -35.68
N VAL P 68 -8.35 3.12 -36.14
CA VAL P 68 -9.42 3.68 -35.34
C VAL P 68 -10.48 2.62 -35.06
N MET P 69 -10.87 1.88 -36.10
CA MET P 69 -11.87 0.83 -35.91
C MET P 69 -11.38 -0.24 -34.97
N SER P 70 -10.10 -0.62 -35.07
CA SER P 70 -9.55 -1.58 -34.12
C SER P 70 -9.59 -1.05 -32.71
N GLN P 71 -9.35 0.25 -32.52
CA GLN P 71 -9.45 0.84 -31.19
C GLN P 71 -10.88 0.85 -30.69
N ASN P 72 -11.84 0.91 -31.61
CA ASN P 72 -13.29 0.81 -31.31
C ASN P 72 -13.70 1.69 -30.12
N PHE P 73 -13.59 2.99 -30.36
CA PHE P 73 -14.04 3.96 -29.36
C PHE P 73 -15.55 3.86 -29.19
N THR P 74 -16.00 3.67 -27.96
CA THR P 74 -17.42 3.58 -27.64
C THR P 74 -17.75 4.64 -26.59
N ASN P 75 -18.35 5.75 -27.04
CA ASN P 75 -18.81 6.81 -26.15
C ASN P 75 -17.68 7.31 -25.25
N CYS P 76 -16.56 7.66 -25.87
CA CYS P 76 -15.40 8.13 -25.12
C CYS P 76 -15.68 9.49 -24.51
N HIS P 77 -15.40 9.62 -23.22
CA HIS P 77 -15.63 10.86 -22.49
C HIS P 77 -14.30 11.58 -22.29
N THR P 78 -14.30 12.88 -22.54
CA THR P 78 -13.08 13.69 -22.58
C THR P 78 -13.17 14.81 -21.56
N LYS P 79 -12.04 15.08 -20.91
CA LYS P 79 -11.87 16.25 -20.07
C LYS P 79 -10.53 16.87 -20.44
N ILE P 80 -10.56 17.98 -21.17
CA ILE P 80 -9.37 18.61 -21.71
C ILE P 80 -8.82 19.54 -20.65
N ARG P 81 -7.79 19.08 -19.92
CA ARG P 81 -7.23 19.92 -18.86
C ARG P 81 -6.47 21.10 -19.45
N HIS P 82 -5.73 20.88 -20.53
CA HIS P 82 -4.96 21.97 -21.12
C HIS P 82 -4.81 21.75 -22.62
N VAL P 83 -4.88 22.84 -23.37
CA VAL P 83 -4.63 22.82 -24.81
C VAL P 83 -3.81 24.06 -25.17
N ASP P 84 -2.76 23.88 -25.97
CA ASP P 84 -1.89 24.98 -26.36
C ASP P 84 -1.53 24.81 -27.83
N ALA P 85 -1.93 25.76 -28.65
CA ALA P 85 -1.66 25.72 -30.08
C ALA P 85 -0.75 26.88 -30.48
N HIS P 86 0.12 26.63 -31.45
CA HIS P 86 1.07 27.65 -31.89
C HIS P 86 1.37 27.48 -33.36
N ALA P 87 1.90 28.56 -33.95
CA ALA P 87 2.21 28.60 -35.37
C ALA P 87 3.41 27.73 -35.69
N THR P 88 3.48 27.29 -36.94
CA THR P 88 4.49 26.35 -37.40
C THR P 88 4.59 26.50 -38.92
N LEU P 89 5.48 25.71 -39.53
CA LEU P 89 5.81 25.82 -40.95
C LEU P 89 4.55 25.90 -41.82
N ASN P 90 4.68 26.63 -42.93
CA ASN P 90 3.54 26.80 -43.88
C ASN P 90 2.29 27.17 -43.08
N ASP P 91 2.41 28.15 -42.17
CA ASP P 91 1.25 28.59 -41.35
C ASP P 91 0.56 27.38 -40.72
N GLY P 92 1.30 26.29 -40.51
CA GLY P 92 0.72 25.14 -39.86
C GLY P 92 0.50 25.42 -38.39
N VAL P 93 -0.18 24.50 -37.72
CA VAL P 93 -0.44 24.66 -36.29
C VAL P 93 -0.02 23.39 -35.57
N VAL P 94 0.72 23.55 -34.47
CA VAL P 94 1.03 22.46 -33.58
C VAL P 94 0.23 22.64 -32.30
N VAL P 95 -0.48 21.59 -31.89
CA VAL P 95 -1.35 21.63 -30.74
C VAL P 95 -0.86 20.59 -29.75
N GLN P 96 -0.62 21.00 -28.51
CA GLN P 96 -0.28 20.08 -27.44
C GLN P 96 -1.40 20.10 -26.42
N VAL P 97 -2.01 18.92 -26.24
CA VAL P 97 -3.19 18.79 -25.34
C VAL P 97 -2.91 17.78 -24.23
N MET P 98 -3.41 18.03 -23.03
CA MET P 98 -3.25 17.21 -21.84
C MET P 98 -4.63 17.03 -21.23
N GLY P 99 -4.99 15.81 -20.89
CA GLY P 99 -6.33 15.62 -20.37
C GLY P 99 -6.61 14.23 -19.87
N LEU P 100 -7.90 13.93 -19.76
CA LEU P 100 -8.38 12.63 -19.29
C LEU P 100 -9.37 12.07 -20.30
N LEU P 101 -9.17 10.82 -20.68
CA LEU P 101 -10.03 10.13 -21.63
C LEU P 101 -10.52 8.83 -21.01
N SER P 102 -11.83 8.61 -21.07
CA SER P 102 -12.44 7.39 -20.54
C SER P 102 -13.14 6.66 -21.68
N ASN P 103 -12.82 5.38 -21.84
CA ASN P 103 -13.34 4.57 -22.93
C ASN P 103 -14.39 3.61 -22.38
N ASN P 104 -15.53 3.52 -23.06
CA ASN P 104 -16.62 2.62 -22.69
C ASN P 104 -17.10 2.90 -21.27
N ASN P 105 -17.22 4.19 -20.93
CA ASN P 105 -17.69 4.65 -19.63
C ASN P 105 -16.88 4.12 -18.46
N GLN P 106 -15.66 3.65 -18.73
CA GLN P 106 -14.80 3.12 -17.69
C GLN P 106 -14.08 4.28 -16.99
N ALA P 107 -13.07 3.95 -16.18
CA ALA P 107 -12.35 4.98 -15.44
C ALA P 107 -11.56 5.87 -16.38
N LEU P 108 -11.46 7.15 -16.03
CA LEU P 108 -10.70 8.09 -16.82
C LEU P 108 -9.21 7.77 -16.76
N ARG P 109 -8.51 8.07 -17.85
CA ARG P 109 -7.07 7.82 -17.95
C ARG P 109 -6.38 9.08 -18.42
N ARG P 110 -5.28 9.44 -17.76
CA ARG P 110 -4.51 10.61 -18.14
C ARG P 110 -3.82 10.39 -19.47
N PHE P 111 -3.79 11.43 -20.30
CA PHE P 111 -3.21 11.31 -21.63
C PHE P 111 -2.55 12.62 -22.04
N MET P 112 -1.52 12.47 -22.87
CA MET P 112 -0.77 13.57 -23.46
C MET P 112 -0.83 13.40 -24.98
N GLN P 113 -1.09 14.49 -25.71
CA GLN P 113 -1.29 14.40 -27.14
C GLN P 113 -0.67 15.58 -27.86
N THR P 114 -0.27 15.34 -29.10
CA THR P 114 0.23 16.36 -30.00
C THR P 114 -0.39 16.17 -31.38
N PHE P 115 -1.08 17.20 -31.85
CA PHE P 115 -1.60 17.27 -33.20
C PHE P 115 -0.72 18.22 -34.02
N VAL P 116 -0.56 17.91 -35.29
CA VAL P 116 0.08 18.82 -36.23
C VAL P 116 -0.84 18.93 -37.44
N LEU P 117 -1.34 20.14 -37.69
CA LEU P 117 -2.32 20.43 -38.71
C LEU P 117 -1.69 21.28 -39.79
N ALA P 118 -1.78 20.82 -41.03
CA ALA P 118 -1.24 21.52 -42.17
C ALA P 118 -2.36 22.01 -43.08
N PRO P 119 -2.30 23.26 -43.53
CA PRO P 119 -3.36 23.79 -44.38
C PRO P 119 -3.46 23.04 -45.71
N GLU P 120 -4.68 22.96 -46.24
CA GLU P 120 -4.87 22.31 -47.53
C GLU P 120 -4.15 23.04 -48.65
N GLY P 121 -4.21 24.36 -48.63
CA GLY P 121 -3.74 25.15 -49.76
C GLY P 121 -4.75 25.30 -50.87
N SER P 122 -5.92 24.67 -50.75
CA SER P 122 -6.98 24.79 -51.74
C SER P 122 -8.00 25.85 -51.34
N VAL P 123 -8.54 25.74 -50.12
CA VAL P 123 -9.50 26.71 -49.61
C VAL P 123 -8.97 27.24 -48.27
N ALA P 124 -9.41 28.44 -47.93
CA ALA P 124 -8.90 29.11 -46.75
C ALA P 124 -9.43 28.46 -45.47
N ASN P 125 -8.61 28.52 -44.43
CA ASN P 125 -9.00 28.09 -43.08
C ASN P 125 -9.45 26.64 -43.06
N LYS P 126 -8.79 25.80 -43.85
CA LYS P 126 -9.03 24.36 -43.85
C LYS P 126 -7.76 23.65 -43.47
N PHE P 127 -7.86 22.69 -42.56
CA PHE P 127 -6.70 21.98 -42.05
C PHE P 127 -6.97 20.49 -42.05
N TYR P 128 -5.89 19.72 -42.11
CA TYR P 128 -5.95 18.27 -42.02
C TYR P 128 -4.91 17.82 -41.00
N VAL P 129 -5.20 16.72 -40.32
CA VAL P 129 -4.32 16.24 -39.26
C VAL P 129 -3.13 15.56 -39.92
N HIS P 130 -2.05 16.31 -40.11
CA HIS P 130 -0.82 15.71 -40.60
C HIS P 130 -0.26 14.72 -39.60
N ASN P 131 -0.26 15.08 -38.32
CA ASN P 131 0.33 14.21 -37.32
C ASN P 131 -0.56 14.11 -36.10
N ASP P 132 -0.66 12.91 -35.54
CA ASP P 132 -1.47 12.63 -34.36
C ASP P 132 -0.67 11.70 -33.46
N ILE P 133 -0.23 12.21 -32.31
CA ILE P 133 0.54 11.43 -31.35
C ILE P 133 -0.23 11.45 -30.04
N PHE P 134 -0.79 10.30 -29.66
CA PHE P 134 -1.56 10.17 -28.43
C PHE P 134 -0.84 9.18 -27.54
N ARG P 135 -0.79 9.46 -26.24
CA ARG P 135 -0.13 8.53 -25.33
C ARG P 135 -0.77 8.61 -23.95
N TYR P 136 -1.27 7.47 -23.48
CA TYR P 136 -1.73 7.38 -22.10
C TYR P 136 -0.53 7.43 -21.16
N GLN P 137 -0.69 8.09 -20.02
CA GLN P 137 0.42 8.29 -19.11
C GLN P 137 0.87 6.96 -18.49
N ASP P 138 -0.08 6.20 -17.96
CA ASP P 138 0.26 4.97 -17.21
C ASP P 138 0.97 3.93 -18.10
N GLU P 139 0.78 3.98 -19.41
CA GLU P 139 1.33 2.95 -20.27
C GLU P 139 2.84 3.10 -20.43
N VAL P 140 3.36 4.32 -20.38
CA VAL P 140 4.77 4.57 -20.64
C VAL P 140 5.51 5.03 -19.38
N PHE P 141 4.82 5.68 -18.45
CA PHE P 141 5.48 6.17 -17.24
C PHE P 141 5.65 5.05 -16.23
N PRO Q 9 28.36 -10.77 -42.48
CA PRO Q 9 26.98 -10.50 -42.05
C PRO Q 9 26.69 -11.05 -40.66
N ILE Q 10 27.52 -10.68 -39.68
CA ILE Q 10 27.39 -11.22 -38.32
C ILE Q 10 26.55 -10.21 -37.54
N THR Q 11 25.27 -10.53 -37.40
CA THR Q 11 24.33 -9.72 -36.65
C THR Q 11 23.80 -10.51 -35.46
N PHE Q 12 23.17 -9.80 -34.53
CA PHE Q 12 22.69 -10.37 -33.28
C PHE Q 12 21.20 -10.12 -33.11
N GLY Q 13 20.49 -11.12 -32.58
CA GLY Q 13 19.08 -10.95 -32.32
C GLY Q 13 18.29 -10.71 -33.59
N ASP Q 14 17.20 -9.96 -33.47
CA ASP Q 14 16.40 -9.60 -34.63
C ASP Q 14 17.01 -8.40 -35.36
N PHE Q 15 18.28 -8.50 -35.71
CA PHE Q 15 18.97 -7.46 -36.46
C PHE Q 15 19.53 -8.03 -37.75
N ASN Q 16 19.49 -7.22 -38.81
CA ASN Q 16 20.28 -7.49 -40.00
C ASN Q 16 21.31 -6.38 -40.15
N ASP Q 17 22.21 -6.54 -41.12
CA ASP Q 17 23.29 -5.58 -41.32
C ASP Q 17 22.72 -4.29 -41.88
N GLY Q 18 22.97 -3.17 -41.20
CA GLY Q 18 22.51 -1.88 -41.67
C GLY Q 18 21.83 -1.02 -40.62
N GLU Q 19 21.02 -1.63 -39.76
CA GLU Q 19 20.12 -0.86 -38.91
C GLU Q 19 20.83 0.08 -37.94
N ILE Q 20 21.59 -0.46 -36.98
CA ILE Q 20 22.09 0.42 -35.93
C ILE Q 20 23.25 1.29 -36.43
N GLU Q 21 23.89 0.82 -37.52
CA GLU Q 21 25.04 1.57 -38.10
C GLU Q 21 24.44 2.81 -38.77
N SER Q 22 23.22 2.68 -39.29
CA SER Q 22 22.57 3.87 -39.90
C SER Q 22 21.93 4.64 -38.74
N LEU Q 23 21.57 3.95 -37.66
CA LEU Q 23 20.95 4.60 -36.46
C LEU Q 23 21.99 5.43 -35.70
N SER Q 24 23.26 5.27 -36.03
CA SER Q 24 24.32 6.10 -35.46
C SER Q 24 24.82 7.00 -36.58
N SER Q 25 24.16 8.14 -36.77
CA SER Q 25 24.52 9.10 -37.82
C SER Q 25 25.36 10.20 -37.18
N GLU Q 26 26.67 10.11 -37.36
CA GLU Q 26 27.58 11.12 -36.82
C GLU Q 26 27.53 12.42 -37.61
N LEU Q 27 26.99 12.40 -38.83
CA LEU Q 27 26.97 13.59 -39.66
C LEU Q 27 25.82 14.53 -39.30
N LEU Q 28 24.86 14.08 -38.50
CA LEU Q 28 23.70 14.90 -38.18
C LEU Q 28 24.08 16.00 -37.21
N THR Q 29 23.66 17.23 -37.51
CA THR Q 29 23.93 18.39 -36.67
C THR Q 29 22.65 19.16 -36.43
N PHE Q 30 22.61 19.90 -35.33
CA PHE Q 30 21.47 20.73 -34.95
C PHE Q 30 21.94 22.12 -34.61
N GLY Q 31 21.18 23.12 -35.06
CA GLY Q 31 21.58 24.49 -34.83
C GLY Q 31 22.85 24.84 -35.60
N ASP Q 32 23.68 25.68 -34.98
CA ASP Q 32 24.95 26.09 -35.64
C ASP Q 32 26.11 25.22 -35.13
N PHE Q 33 25.81 24.26 -34.24
CA PHE Q 33 26.87 23.42 -33.68
C PHE Q 33 27.63 22.70 -34.79
N LEU Q 34 28.95 22.72 -34.69
CA LEU Q 34 29.77 21.92 -35.59
C LEU Q 34 29.66 20.44 -35.21
N PRO Q 35 29.81 19.54 -36.18
CA PRO Q 35 29.64 18.10 -35.90
C PRO Q 35 30.50 17.60 -34.75
N GLY Q 36 29.87 17.12 -33.70
CA GLY Q 36 30.57 16.60 -32.54
C GLY Q 36 30.98 17.63 -31.52
N GLU Q 37 30.75 18.91 -31.82
CA GLU Q 37 31.12 20.01 -30.88
C GLU Q 37 30.32 19.86 -29.58
N VAL Q 38 29.04 19.50 -29.68
CA VAL Q 38 28.23 19.31 -28.49
C VAL Q 38 28.72 18.11 -27.70
N ASP Q 39 29.06 17.04 -28.42
CA ASP Q 39 29.50 15.80 -27.73
C ASP Q 39 30.73 16.16 -26.91
N ASP Q 40 31.79 16.62 -27.58
CA ASP Q 40 33.06 16.99 -26.90
C ASP Q 40 32.75 17.92 -25.73
N LEU Q 41 31.85 18.89 -25.93
CA LEU Q 41 31.51 19.81 -24.85
C LEU Q 41 31.02 19.07 -23.62
N THR Q 42 30.20 18.04 -23.82
CA THR Q 42 29.76 17.24 -22.68
C THR Q 42 30.89 16.38 -22.11
N ASP Q 43 31.67 15.73 -22.97
CA ASP Q 43 32.72 14.84 -22.45
C ASP Q 43 33.83 15.64 -21.79
N SER Q 44 34.40 15.04 -20.73
CA SER Q 44 35.55 15.60 -20.03
C SER Q 44 35.26 17.01 -19.50
N ASP Q 45 34.04 17.22 -19.01
CA ASP Q 45 33.65 18.51 -18.47
C ASP Q 45 32.53 18.36 -17.45
N PRO R 9 -15.03 31.10 -40.94
CA PRO R 9 -15.27 29.84 -41.65
C PRO R 9 -14.12 28.86 -41.50
N ILE R 10 -13.81 28.49 -40.27
CA ILE R 10 -12.72 27.56 -40.00
C ILE R 10 -13.25 26.14 -40.11
N THR R 11 -12.61 25.37 -40.99
CA THR R 11 -13.05 23.98 -41.23
C THR R 11 -11.88 23.02 -41.06
N PHE R 12 -12.17 21.76 -40.81
CA PHE R 12 -11.16 20.70 -40.67
C PHE R 12 -11.58 19.50 -41.49
N GLY R 13 -10.62 18.92 -42.23
CA GLY R 13 -10.90 17.74 -43.02
C GLY R 13 -11.89 18.04 -44.13
N ASP R 14 -12.73 17.06 -44.48
CA ASP R 14 -13.75 17.30 -45.52
C ASP R 14 -15.09 17.66 -44.87
N PHE R 15 -15.06 18.11 -43.61
CA PHE R 15 -16.29 18.54 -42.96
C PHE R 15 -16.66 19.97 -43.37
N ASN R 16 -17.91 20.16 -43.80
CA ASN R 16 -18.37 21.52 -44.15
C ASN R 16 -18.39 22.37 -42.87
N ASP R 17 -18.36 23.69 -43.00
CA ASP R 17 -18.46 24.53 -41.77
C ASP R 17 -19.83 24.28 -41.13
N GLY R 18 -19.85 23.99 -39.82
CA GLY R 18 -21.11 23.78 -39.10
C GLY R 18 -21.66 22.37 -39.29
N GLU R 19 -20.99 21.53 -40.09
CA GLU R 19 -21.43 20.12 -40.24
C GLU R 19 -21.32 19.44 -38.88
N ILE R 20 -20.21 19.65 -38.18
CA ILE R 20 -19.99 19.01 -36.84
C ILE R 20 -21.07 19.51 -35.89
N GLU R 21 -21.39 20.81 -35.94
CA GLU R 21 -22.42 21.39 -35.04
C GLU R 21 -23.76 20.71 -35.31
N SER R 22 -24.33 20.89 -36.50
CA SER R 22 -25.61 20.29 -36.85
C SER R 22 -25.69 18.84 -36.38
N LEU R 23 -24.60 18.09 -36.56
CA LEU R 23 -24.58 16.69 -36.18
C LEU R 23 -24.58 16.52 -34.68
N SER R 24 -23.74 17.29 -33.97
CA SER R 24 -23.57 17.04 -32.50
C SER R 24 -24.36 18.02 -31.63
N SER R 25 -25.31 18.77 -32.20
CA SER R 25 -26.02 19.78 -31.43
C SER R 25 -27.37 19.34 -30.92
N GLU R 26 -27.83 18.16 -31.35
CA GLU R 26 -29.18 17.71 -30.93
C GLU R 26 -29.17 17.54 -29.40
N LEU R 27 -30.26 17.94 -28.73
CA LEU R 27 -30.33 17.84 -27.25
C LEU R 27 -31.11 16.57 -26.87
N LEU R 28 -30.83 16.01 -25.69
CA LEU R 28 -31.50 14.77 -25.24
C LEU R 28 -33.01 15.03 -25.06
N THR R 29 -33.82 14.21 -25.74
CA THR R 29 -35.29 14.38 -25.76
C THR R 29 -35.90 13.02 -25.39
N PHE R 30 -37.17 12.97 -24.96
CA PHE R 30 -37.80 11.66 -24.66
C PHE R 30 -39.15 11.57 -25.36
N GLY R 31 -39.62 10.35 -25.65
CA GLY R 31 -40.86 10.18 -26.42
C GLY R 31 -40.81 11.10 -27.62
N ASP R 32 -41.74 12.05 -27.72
CA ASP R 32 -41.68 13.05 -28.82
C ASP R 32 -41.62 14.43 -28.15
N PHE R 33 -41.85 14.47 -26.84
CA PHE R 33 -41.76 15.74 -26.09
C PHE R 33 -40.55 16.53 -26.58
N LEU R 34 -40.78 17.63 -27.31
CA LEU R 34 -39.65 18.48 -27.76
C LEU R 34 -38.83 18.89 -26.53
N PRO R 35 -37.48 18.91 -26.60
CA PRO R 35 -36.67 19.22 -25.43
C PRO R 35 -37.15 20.53 -24.79
N GLY R 36 -37.76 20.44 -23.61
CA GLY R 36 -38.22 21.65 -22.89
C GLY R 36 -39.72 21.64 -22.62
N GLU R 37 -40.51 21.05 -23.52
CA GLU R 37 -41.99 21.09 -23.35
C GLU R 37 -42.37 20.35 -22.06
N VAL R 38 -41.58 19.37 -21.64
CA VAL R 38 -41.87 18.62 -20.38
C VAL R 38 -41.60 19.54 -19.18
N ASP R 39 -40.60 20.41 -19.29
CA ASP R 39 -40.21 21.31 -18.17
C ASP R 39 -41.40 22.16 -17.70
N ASP R 40 -42.13 22.78 -18.65
CA ASP R 40 -43.28 23.65 -18.28
C ASP R 40 -44.32 22.81 -17.53
N LEU R 41 -44.85 21.79 -18.20
CA LEU R 41 -45.83 20.87 -17.56
C LEU R 41 -45.27 20.45 -16.20
N THR R 42 -43.96 20.18 -16.13
CA THR R 42 -43.36 19.70 -14.89
C THR R 42 -43.40 20.76 -13.79
N ASP R 43 -43.06 22.00 -14.13
CA ASP R 43 -43.00 23.08 -13.15
C ASP R 43 -44.34 23.77 -12.93
N SER R 44 -45.43 23.07 -13.22
CA SER R 44 -46.78 23.61 -13.09
C SER R 44 -47.19 23.83 -11.64
N ASP R 45 -46.29 23.68 -10.68
CA ASP R 45 -46.60 23.99 -9.28
C ASP R 45 -46.64 25.50 -9.12
N TRP R 46 -46.61 25.95 -7.86
CA TRP R 46 -46.62 27.41 -7.56
C TRP R 46 -45.48 28.11 -8.30
N LYS S 8 -32.83 31.53 24.83
CA LYS S 8 -31.77 31.65 23.79
C LYS S 8 -31.04 30.30 23.66
N PRO S 9 -30.96 29.63 22.48
CA PRO S 9 -30.19 28.38 22.35
C PRO S 9 -28.77 28.64 21.88
N SER S 10 -27.91 27.68 22.17
CA SER S 10 -26.51 27.82 21.81
C SER S 10 -26.35 27.79 20.30
N PRO S 11 -25.41 28.57 19.75
CA PRO S 11 -25.13 28.47 18.31
C PRO S 11 -24.77 27.05 17.90
N LEU S 12 -24.01 26.35 18.74
CA LEU S 12 -23.67 24.95 18.46
C LEU S 12 -24.94 24.12 18.38
N LEU S 13 -25.88 24.33 19.31
CA LEU S 13 -27.13 23.57 19.30
C LEU S 13 -27.92 23.81 18.03
N VAL S 14 -28.11 25.08 17.67
CA VAL S 14 -28.90 25.38 16.48
C VAL S 14 -28.23 24.82 15.24
N GLY S 15 -26.90 24.96 15.15
CA GLY S 15 -26.20 24.42 14.01
C GLY S 15 -26.33 22.91 13.90
N ARG S 16 -26.18 22.19 15.02
CA ARG S 16 -26.27 20.73 14.97
C ARG S 16 -27.67 20.28 14.62
N GLU S 17 -28.69 20.90 15.23
CA GLU S 17 -30.07 20.51 14.90
C GLU S 17 -30.37 20.77 13.44
N PHE S 18 -29.95 21.93 12.92
CA PHE S 18 -30.22 22.21 11.51
C PHE S 18 -29.46 21.26 10.60
N VAL S 19 -28.23 20.89 10.96
CA VAL S 19 -27.49 19.95 10.16
C VAL S 19 -28.23 18.62 10.09
N ARG S 20 -28.69 18.13 11.24
CA ARG S 20 -29.41 16.87 11.27
C ARG S 20 -30.68 16.95 10.43
N GLN S 21 -31.46 18.00 10.63
CA GLN S 21 -32.76 18.13 9.89
C GLN S 21 -32.48 18.26 8.39
N TYR S 22 -31.48 19.05 7.99
CA TYR S 22 -31.21 19.26 6.57
C TYR S 22 -30.75 17.97 5.92
N TYR S 23 -29.81 17.26 6.54
CA TYR S 23 -29.29 16.07 5.89
C TYR S 23 -30.15 14.84 6.13
N THR S 24 -31.24 14.97 6.88
CA THR S 24 -32.26 13.93 6.82
C THR S 24 -33.32 14.25 5.77
N LEU S 25 -33.81 15.49 5.73
CA LEU S 25 -34.80 15.87 4.73
C LEU S 25 -34.23 15.80 3.33
N LEU S 26 -32.93 16.00 3.17
CA LEU S 26 -32.31 15.85 1.85
C LEU S 26 -32.43 14.42 1.36
N ASN S 27 -32.23 13.45 2.25
CA ASN S 27 -32.37 12.05 1.87
C ASN S 27 -33.83 11.70 1.62
N GLN S 28 -34.72 12.10 2.52
CA GLN S 28 -36.10 11.61 2.46
C GLN S 28 -36.91 12.37 1.41
N ALA S 29 -37.08 13.67 1.58
CA ALA S 29 -37.95 14.47 0.72
C ALA S 29 -37.17 15.68 0.21
N PRO S 30 -36.32 15.48 -0.80
CA PRO S 30 -35.54 16.61 -1.32
C PRO S 30 -36.39 17.73 -1.89
N ASP S 31 -37.58 17.42 -2.40
CA ASP S 31 -38.44 18.47 -2.93
C ASP S 31 -38.95 19.41 -1.84
N MET S 32 -38.88 19.00 -0.58
CA MET S 32 -39.33 19.81 0.54
C MET S 32 -38.24 20.69 1.11
N LEU S 33 -37.05 20.69 0.53
CA LEU S 33 -35.97 21.54 1.00
C LEU S 33 -36.24 23.01 0.74
N HIS S 34 -37.10 23.32 -0.23
CA HIS S 34 -37.32 24.71 -0.62
C HIS S 34 -37.84 25.57 0.52
N ARG S 35 -38.47 24.91 1.50
CA ARG S 35 -39.10 25.63 2.64
C ARG S 35 -38.04 26.03 3.66
N PHE S 36 -36.91 25.31 3.72
CA PHE S 36 -35.86 25.71 4.64
C PHE S 36 -35.51 27.19 4.47
N TYR S 37 -35.43 27.64 3.23
CA TYR S 37 -34.95 28.98 2.91
C TYR S 37 -36.09 29.99 2.98
N GLY S 38 -35.82 31.24 2.61
CA GLY S 38 -36.82 32.27 2.61
C GLY S 38 -36.63 33.25 1.47
N LYS S 39 -37.18 34.45 1.65
CA LYS S 39 -36.99 35.50 0.64
C LYS S 39 -35.52 35.91 0.60
N ASN S 40 -35.03 36.30 -0.57
CA ASN S 40 -33.66 36.80 -0.76
C ASN S 40 -32.64 35.96 0.02
N SER S 41 -32.59 34.68 -0.32
CA SER S 41 -31.64 33.75 0.25
C SER S 41 -30.78 33.15 -0.85
N SER S 42 -29.49 33.06 -0.59
CA SER S 42 -28.54 32.55 -1.59
C SER S 42 -28.38 31.04 -1.44
N TYR S 43 -28.38 30.35 -2.58
CA TYR S 43 -28.22 28.90 -2.62
C TYR S 43 -27.28 28.60 -3.79
N VAL S 44 -25.99 28.45 -3.52
CA VAL S 44 -25.01 28.34 -4.59
C VAL S 44 -24.56 26.90 -4.80
N HIS S 45 -25.24 25.93 -4.21
CA HIS S 45 -24.99 24.53 -4.53
C HIS S 45 -25.03 24.31 -6.03
N GLY S 46 -23.94 23.76 -6.56
CA GLY S 46 -23.86 23.53 -8.00
C GLY S 46 -22.58 22.79 -8.33
N GLY S 47 -22.48 22.44 -9.60
CA GLY S 47 -21.31 21.73 -10.10
C GLY S 47 -20.48 22.56 -11.07
N LEU S 48 -20.63 22.28 -12.36
CA LEU S 48 -19.85 22.94 -13.40
C LEU S 48 -20.78 23.67 -14.36
N ASP S 49 -20.23 24.69 -15.01
CA ASP S 49 -20.96 25.50 -15.98
C ASP S 49 -20.07 25.70 -17.20
N SER S 50 -20.44 26.64 -18.06
CA SER S 50 -19.64 26.92 -19.26
C SER S 50 -18.21 27.30 -18.88
N ASN S 51 -18.06 28.16 -17.87
CA ASN S 51 -16.73 28.43 -17.33
C ASN S 51 -16.23 27.25 -16.51
N GLY S 52 -17.12 26.58 -15.79
CA GLY S 52 -16.79 25.36 -15.07
C GLY S 52 -16.56 25.57 -13.58
N LYS S 53 -15.82 26.62 -13.22
CA LYS S 53 -15.51 26.89 -11.83
C LYS S 53 -16.66 27.56 -11.09
N PRO S 54 -17.19 28.69 -11.55
CA PRO S 54 -18.19 29.40 -10.74
C PRO S 54 -19.63 29.01 -11.07
N ALA S 55 -20.44 28.91 -10.03
CA ALA S 55 -21.87 28.66 -10.15
C ALA S 55 -22.63 29.88 -9.69
N ASP S 56 -23.55 30.35 -10.55
CA ASP S 56 -24.35 31.57 -10.23
C ASP S 56 -25.31 31.25 -9.09
N ALA S 57 -25.40 32.13 -8.10
CA ALA S 57 -26.33 31.94 -6.99
C ALA S 57 -27.77 32.05 -7.48
N VAL S 58 -28.66 31.33 -6.81
CA VAL S 58 -30.09 31.42 -7.05
C VAL S 58 -30.75 31.98 -5.80
N TYR S 59 -31.60 32.99 -5.98
CA TYR S 59 -32.20 33.71 -4.88
C TYR S 59 -33.71 33.48 -4.88
N GLY S 60 -34.27 33.32 -3.70
CA GLY S 60 -35.71 33.13 -3.57
C GLY S 60 -36.10 31.67 -3.63
N GLN S 61 -37.19 31.34 -2.92
CA GLN S 61 -37.63 29.95 -2.85
C GLN S 61 -37.95 29.38 -4.22
N LYS S 62 -38.45 30.23 -5.13
CA LYS S 62 -38.77 29.76 -6.50
C LYS S 62 -37.51 29.17 -7.15
N GLU S 63 -36.44 29.96 -7.26
CA GLU S 63 -35.21 29.51 -7.89
C GLU S 63 -34.55 28.39 -7.09
N ILE S 64 -34.66 28.45 -5.76
CA ILE S 64 -34.05 27.40 -4.94
C ILE S 64 -34.68 26.05 -5.24
N HIS S 65 -36.01 26.00 -5.26
CA HIS S 65 -36.68 24.73 -5.54
C HIS S 65 -36.37 24.26 -6.96
N ARG S 66 -36.35 25.19 -7.92
CA ARG S 66 -36.01 24.81 -9.28
C ARG S 66 -34.62 24.21 -9.37
N LYS S 67 -33.64 24.84 -8.70
CA LYS S 67 -32.29 24.34 -8.71
C LYS S 67 -32.18 22.99 -8.02
N VAL S 68 -32.89 22.80 -6.91
CA VAL S 68 -32.87 21.53 -6.21
C VAL S 68 -33.40 20.42 -7.11
N MET S 69 -34.53 20.69 -7.78
CA MET S 69 -35.06 19.70 -8.70
C MET S 69 -34.10 19.43 -9.85
N SER S 70 -33.36 20.44 -10.29
CA SER S 70 -32.35 20.23 -11.31
C SER S 70 -31.26 19.30 -10.80
N GLN S 71 -30.83 19.48 -9.54
CA GLN S 71 -29.82 18.58 -8.97
C GLN S 71 -30.34 17.15 -8.92
N ASN S 72 -31.61 16.96 -8.57
CA ASN S 72 -32.25 15.65 -8.64
C ASN S 72 -31.52 14.67 -7.70
N PHE S 73 -31.74 14.91 -6.41
CA PHE S 73 -31.25 13.99 -5.39
C PHE S 73 -32.13 12.75 -5.33
N THR S 74 -31.52 11.57 -5.39
CA THR S 74 -32.21 10.32 -5.13
C THR S 74 -31.41 9.54 -4.12
N ASN S 75 -31.99 9.29 -2.95
CA ASN S 75 -31.34 8.54 -1.89
C ASN S 75 -29.96 9.13 -1.59
N CYS S 76 -29.93 10.46 -1.49
N CYS S 76 -29.93 10.46 -1.49
CA CYS S 76 -28.67 11.17 -1.33
CA CYS S 76 -28.67 11.17 -1.33
C CYS S 76 -28.11 10.96 0.07
C CYS S 76 -28.11 10.96 0.07
N HIS S 77 -27.25 9.96 0.24
CA HIS S 77 -26.69 9.64 1.54
C HIS S 77 -25.62 10.66 1.94
N THR S 78 -25.62 11.01 3.22
CA THR S 78 -24.73 12.03 3.74
C THR S 78 -23.89 11.45 4.87
N LYS S 79 -22.61 11.81 4.91
CA LYS S 79 -21.63 11.20 5.79
C LYS S 79 -20.96 12.37 6.52
N ILE S 80 -21.53 12.81 7.64
CA ILE S 80 -21.12 14.06 8.28
C ILE S 80 -19.82 13.80 9.03
N ARG S 81 -18.69 14.25 8.47
CA ARG S 81 -17.43 14.10 9.19
C ARG S 81 -17.32 15.10 10.32
N HIS S 82 -17.70 16.36 10.09
CA HIS S 82 -17.51 17.37 11.12
C HIS S 82 -18.51 18.50 10.93
N VAL S 83 -18.90 19.11 12.05
CA VAL S 83 -19.79 20.26 12.05
C VAL S 83 -19.23 21.31 13.02
N ASP S 84 -19.10 22.55 12.55
CA ASP S 84 -18.70 23.67 13.38
C ASP S 84 -19.82 24.70 13.36
N ALA S 85 -20.20 25.22 14.53
CA ALA S 85 -21.23 26.22 14.61
C ALA S 85 -20.79 27.34 15.53
N HIS S 86 -20.86 28.58 15.05
CA HIS S 86 -20.49 29.74 15.83
C HIS S 86 -21.56 30.83 15.67
N ALA S 87 -21.60 31.74 16.62
CA ALA S 87 -22.53 32.85 16.54
C ALA S 87 -22.08 33.85 15.49
N THR S 88 -23.03 34.65 15.01
CA THR S 88 -22.73 35.67 14.02
C THR S 88 -23.84 36.73 14.08
N LEU S 89 -23.88 37.57 13.05
CA LEU S 89 -24.60 38.84 13.10
C LEU S 89 -26.08 38.65 13.44
N ASN S 90 -26.63 39.64 14.14
CA ASN S 90 -28.06 39.68 14.46
C ASN S 90 -28.51 38.40 15.14
N ASP S 91 -27.63 37.86 15.99
CA ASP S 91 -27.81 36.57 16.62
C ASP S 91 -28.16 35.54 15.53
N GLY S 92 -27.22 35.41 14.59
CA GLY S 92 -27.27 34.38 13.59
C GLY S 92 -26.35 33.25 13.97
N VAL S 93 -26.40 32.17 13.19
CA VAL S 93 -25.49 31.05 13.38
C VAL S 93 -24.82 30.74 12.06
N VAL S 94 -23.49 30.66 12.08
CA VAL S 94 -22.72 30.25 10.92
C VAL S 94 -22.22 28.84 11.20
N VAL S 95 -22.60 27.89 10.35
CA VAL S 95 -22.22 26.50 10.52
C VAL S 95 -21.51 26.02 9.27
N GLN S 96 -20.33 25.46 9.46
CA GLN S 96 -19.54 24.86 8.39
C GLN S 96 -19.51 23.36 8.62
N VAL S 97 -20.02 22.60 7.66
CA VAL S 97 -20.13 21.15 7.79
C VAL S 97 -19.32 20.51 6.67
N MET S 98 -18.44 19.59 7.04
CA MET S 98 -17.61 18.88 6.10
C MET S 98 -17.92 17.39 6.18
N GLY S 99 -17.86 16.71 5.03
CA GLY S 99 -18.17 15.29 5.04
C GLY S 99 -18.17 14.71 3.64
N LEU S 100 -19.01 13.69 3.46
CA LEU S 100 -19.11 12.97 2.21
C LEU S 100 -20.55 12.98 1.73
N LEU S 101 -20.72 12.93 0.41
CA LEU S 101 -22.04 12.92 -0.19
C LEU S 101 -22.10 11.79 -1.22
N SER S 102 -23.27 11.17 -1.36
CA SER S 102 -23.45 10.08 -2.31
C SER S 102 -24.85 10.17 -2.89
N ASN S 103 -24.98 10.70 -4.10
CA ASN S 103 -26.27 10.79 -4.76
C ASN S 103 -26.51 9.55 -5.62
N ASN S 104 -27.73 9.02 -5.56
CA ASN S 104 -28.12 7.83 -6.31
C ASN S 104 -27.24 6.63 -5.97
N ASN S 105 -26.75 6.57 -4.73
CA ASN S 105 -25.91 5.46 -4.27
C ASN S 105 -24.71 5.28 -5.19
N GLN S 106 -23.92 6.34 -5.26
CA GLN S 106 -22.69 6.38 -6.06
C GLN S 106 -21.50 6.57 -5.13
N ALA S 107 -20.34 6.81 -5.74
CA ALA S 107 -19.12 6.99 -4.97
C ALA S 107 -19.23 8.21 -4.07
N LEU S 108 -18.84 8.04 -2.80
CA LEU S 108 -18.89 9.13 -1.85
C LEU S 108 -17.82 10.16 -2.18
N ARG S 109 -18.22 11.43 -2.25
CA ARG S 109 -17.32 12.52 -2.60
C ARG S 109 -17.25 13.51 -1.46
N ARG S 110 -16.04 13.98 -1.18
CA ARG S 110 -15.82 14.93 -0.10
C ARG S 110 -16.43 16.28 -0.44
N PHE S 111 -17.04 16.91 0.55
CA PHE S 111 -17.77 18.14 0.34
C PHE S 111 -17.70 19.01 1.58
N MET S 112 -17.86 20.32 1.35
CA MET S 112 -18.11 21.31 2.38
C MET S 112 -19.40 22.05 2.08
N GLN S 113 -20.13 22.40 3.14
CA GLN S 113 -21.29 23.27 3.02
C GLN S 113 -21.28 24.28 4.15
N THR S 114 -21.53 25.53 3.82
CA THR S 114 -21.61 26.62 4.78
C THR S 114 -23.03 27.13 4.80
N PHE S 115 -23.65 27.12 5.98
CA PHE S 115 -24.97 27.70 6.17
C PHE S 115 -24.85 28.92 7.08
N VAL S 116 -25.67 29.93 6.81
CA VAL S 116 -25.72 31.10 7.73
C VAL S 116 -27.15 31.17 8.28
N LEU S 117 -27.44 30.38 9.30
CA LEU S 117 -28.81 30.32 9.88
C LEU S 117 -29.22 31.71 10.37
N ALA S 118 -30.00 32.44 9.57
CA ALA S 118 -30.49 33.77 10.00
C ALA S 118 -31.78 33.58 10.80
N PRO S 119 -31.97 34.31 11.93
CA PRO S 119 -33.17 34.16 12.75
C PRO S 119 -34.38 34.91 12.18
N GLU S 120 -35.53 34.80 12.83
CA GLU S 120 -36.74 35.53 12.37
C GLU S 120 -37.20 36.47 13.50
N GLY S 121 -37.53 37.73 13.16
CA GLY S 121 -37.92 38.69 14.17
C GLY S 121 -39.33 38.51 14.66
N SER S 122 -40.19 37.93 13.83
CA SER S 122 -41.58 37.73 14.23
C SER S 122 -41.70 36.74 15.38
N VAL S 123 -41.07 35.57 15.24
CA VAL S 123 -41.14 34.52 16.24
C VAL S 123 -39.72 34.14 16.64
N ALA S 124 -39.47 34.11 17.94
CA ALA S 124 -38.15 33.75 18.43
C ALA S 124 -37.89 32.26 18.19
N ASN S 125 -36.60 31.91 18.19
CA ASN S 125 -36.13 30.53 18.12
C ASN S 125 -36.35 29.95 16.72
N LYS S 126 -36.94 30.72 15.83
CA LYS S 126 -37.08 30.32 14.44
C LYS S 126 -35.81 30.67 13.66
N PHE S 127 -35.54 29.89 12.61
CA PHE S 127 -34.37 30.14 11.77
C PHE S 127 -34.66 29.79 10.32
N TYR S 128 -34.15 30.61 9.42
CA TYR S 128 -34.22 30.38 7.98
C TYR S 128 -32.84 30.58 7.38
N VAL S 129 -32.49 29.74 6.42
CA VAL S 129 -31.13 29.71 5.88
C VAL S 129 -30.97 30.88 4.91
N HIS S 130 -30.24 31.91 5.34
CA HIS S 130 -30.01 33.06 4.47
C HIS S 130 -28.96 32.77 3.40
N ASN S 131 -27.94 31.99 3.74
CA ASN S 131 -26.88 31.67 2.81
C ASN S 131 -26.58 30.18 2.90
N ASP S 132 -26.51 29.51 1.75
CA ASP S 132 -26.17 28.10 1.68
C ASP S 132 -25.19 27.90 0.54
N ILE S 133 -23.95 27.56 0.88
CA ILE S 133 -22.86 27.45 -0.09
C ILE S 133 -22.33 26.02 -0.05
N PHE S 134 -22.31 25.37 -1.21
CA PHE S 134 -21.89 23.97 -1.31
C PHE S 134 -20.74 23.83 -2.29
N ARG S 135 -19.73 23.05 -1.93
CA ARG S 135 -18.61 22.82 -2.89
C ARG S 135 -17.94 21.47 -2.66
N TYR S 136 -17.89 20.62 -3.69
CA TYR S 136 -17.16 19.36 -3.62
C TYR S 136 -15.66 19.63 -3.56
N GLN S 137 -14.90 18.58 -3.26
CA GLN S 137 -13.45 18.67 -3.22
C GLN S 137 -12.82 18.32 -4.56
N ASP S 138 -13.34 17.28 -5.23
CA ASP S 138 -12.74 16.83 -6.47
C ASP S 138 -12.90 17.85 -7.59
N GLU S 139 -14.03 18.57 -7.62
CA GLU S 139 -14.24 19.56 -8.67
C GLU S 139 -13.24 20.70 -8.60
N VAL S 140 -12.57 20.88 -7.47
CA VAL S 140 -11.67 22.01 -7.24
C VAL S 140 -10.21 21.58 -7.29
N PHE S 141 -9.86 20.54 -6.53
CA PHE S 141 -8.48 20.06 -6.51
C PHE S 141 -8.23 19.06 -7.65
N MET T 4 -2.15 35.64 -6.96
CA MET T 4 -2.09 37.10 -6.82
C MET T 4 -1.63 37.42 -5.40
N VAL T 5 -1.86 36.49 -4.47
CA VAL T 5 -1.34 36.63 -3.12
C VAL T 5 0.16 36.82 -3.20
N MET T 6 0.65 37.94 -2.66
CA MET T 6 2.05 38.33 -2.88
C MET T 6 3.01 37.40 -2.14
N GLU T 7 2.73 37.13 -0.87
CA GLU T 7 3.59 36.30 -0.04
C GLU T 7 5.00 36.88 0.05
N LYS T 8 5.93 36.12 0.60
CA LYS T 8 7.33 36.51 0.65
C LYS T 8 8.19 35.37 0.15
N PRO T 9 9.35 35.66 -0.44
CA PRO T 9 10.16 34.60 -1.04
C PRO T 9 10.62 33.57 -0.03
N SER T 10 10.61 32.31 -0.45
CA SER T 10 11.09 31.23 0.37
C SER T 10 12.61 31.26 0.43
N PRO T 11 13.21 30.67 1.47
CA PRO T 11 14.68 30.62 1.52
C PRO T 11 15.32 29.97 0.31
N LEU T 12 14.70 28.91 -0.23
CA LEU T 12 15.28 28.26 -1.42
C LEU T 12 15.32 29.21 -2.59
N LEU T 13 14.20 29.90 -2.85
CA LEU T 13 14.14 30.83 -3.97
C LEU T 13 15.10 32.00 -3.77
N VAL T 14 15.17 32.50 -2.53
CA VAL T 14 16.11 33.58 -2.23
C VAL T 14 17.54 33.15 -2.52
N GLY T 15 17.92 31.96 -2.04
CA GLY T 15 19.28 31.49 -2.27
C GLY T 15 19.59 31.28 -3.74
N ARG T 16 18.66 30.68 -4.48
CA ARG T 16 18.88 30.48 -5.92
C ARG T 16 19.01 31.80 -6.65
N GLU T 17 18.16 32.77 -6.31
CA GLU T 17 18.25 34.07 -6.95
C GLU T 17 19.57 34.74 -6.62
N PHE T 18 20.05 34.60 -5.38
CA PHE T 18 21.32 35.20 -5.02
C PHE T 18 22.47 34.56 -5.77
N VAL T 19 22.44 33.24 -5.91
CA VAL T 19 23.50 32.56 -6.65
C VAL T 19 23.53 33.04 -8.09
N ARG T 20 22.35 33.08 -8.72
CA ARG T 20 22.28 33.52 -10.10
C ARG T 20 22.79 34.96 -10.23
N GLN T 21 22.33 35.84 -9.35
CA GLN T 21 22.74 37.24 -9.42
C GLN T 21 24.23 37.40 -9.19
N TYR T 22 24.73 36.71 -8.16
CA TYR T 22 26.17 36.79 -7.79
C TYR T 22 27.04 36.36 -8.96
N TYR T 23 26.74 35.20 -9.57
CA TYR T 23 27.63 34.69 -10.60
C TYR T 23 27.45 35.42 -11.92
N THR T 24 26.24 35.89 -12.24
CA THR T 24 26.08 36.72 -13.42
C THR T 24 26.85 38.03 -13.29
N LEU T 25 26.74 38.69 -12.13
CA LEU T 25 27.46 39.94 -11.92
C LEU T 25 28.97 39.71 -11.94
N LEU T 26 29.43 38.62 -11.34
CA LEU T 26 30.85 38.29 -11.37
C LEU T 26 31.33 38.05 -12.79
N ASN T 27 30.52 37.36 -13.60
CA ASN T 27 30.92 37.10 -14.96
C ASN T 27 30.94 38.38 -15.79
N GLN T 28 30.03 39.31 -15.51
CA GLN T 28 29.96 40.53 -16.33
C GLN T 28 30.76 41.69 -15.73
N ALA T 29 30.42 42.10 -14.51
CA ALA T 29 31.04 43.27 -13.88
C ALA T 29 31.61 42.90 -12.51
N PRO T 30 32.75 42.22 -12.47
CA PRO T 30 33.33 41.82 -11.19
C PRO T 30 33.60 42.99 -10.25
N ASP T 31 33.92 44.16 -10.79
CA ASP T 31 34.28 45.30 -9.94
C ASP T 31 33.13 45.73 -9.04
N MET T 32 31.89 45.37 -9.42
CA MET T 32 30.71 45.78 -8.62
C MET T 32 30.40 44.73 -7.55
N LEU T 33 31.15 43.62 -7.53
CA LEU T 33 30.88 42.57 -6.55
C LEU T 33 30.91 43.10 -5.13
N HIS T 34 31.74 44.10 -4.85
CA HIS T 34 31.89 44.59 -3.49
C HIS T 34 30.58 45.09 -2.91
N ARG T 35 29.60 45.39 -3.77
CA ARG T 35 28.30 45.93 -3.32
C ARG T 35 27.49 44.84 -2.61
N PHE T 36 27.83 43.57 -2.81
CA PHE T 36 27.05 42.49 -2.23
C PHE T 36 27.28 42.34 -0.73
N TYR T 37 28.44 42.73 -0.24
CA TYR T 37 28.84 42.42 1.13
C TYR T 37 28.50 43.59 2.06
N GLY T 38 28.89 43.44 3.32
CA GLY T 38 28.56 44.43 4.33
C GLY T 38 29.71 44.81 5.25
N LYS T 39 29.39 45.55 6.32
CA LYS T 39 30.45 46.09 7.16
C LYS T 39 31.23 44.99 7.88
N ASN T 40 30.53 43.95 8.31
CA ASN T 40 31.13 42.88 9.11
C ASN T 40 30.93 41.62 8.27
N SER T 41 31.39 41.71 7.02
CA SER T 41 31.24 40.57 6.09
C SER T 41 32.58 39.87 5.91
N SER T 42 32.64 38.60 6.29
CA SER T 42 33.85 37.80 6.15
C SER T 42 33.82 37.10 4.81
N TYR T 43 34.98 37.07 4.15
CA TYR T 43 35.07 36.61 2.78
C TYR T 43 36.40 35.90 2.57
N VAL T 44 36.35 34.70 2.04
CA VAL T 44 37.53 33.97 1.61
C VAL T 44 37.20 33.32 0.28
N HIS T 45 38.11 33.44 -0.70
CA HIS T 45 37.84 33.04 -2.07
C HIS T 45 39.06 32.30 -2.62
N GLY T 46 39.09 30.98 -2.42
CA GLY T 46 40.10 30.10 -2.97
C GLY T 46 41.52 30.65 -2.95
N GLY T 47 41.98 31.08 -1.79
CA GLY T 47 43.30 31.67 -1.67
C GLY T 47 44.35 30.64 -1.31
N LEU T 48 45.60 30.97 -1.62
CA LEU T 48 46.75 30.12 -1.29
C LEU T 48 47.93 31.03 -1.00
N ASP T 49 48.38 31.01 0.26
CA ASP T 49 49.53 31.83 0.68
C ASP T 49 50.83 31.11 0.29
N SER T 50 51.96 31.79 0.47
CA SER T 50 53.26 31.23 0.13
C SER T 50 53.77 30.30 1.23
N ASN T 51 52.92 29.32 1.59
CA ASN T 51 53.29 28.31 2.62
C ASN T 51 52.70 26.94 2.27
N GLY T 52 51.63 26.90 1.45
CA GLY T 52 51.00 25.65 1.08
C GLY T 52 49.61 25.48 1.66
N LYS T 53 49.31 26.19 2.73
CA LYS T 53 47.99 26.17 3.36
C LYS T 53 47.08 27.18 2.70
N PRO T 54 45.76 26.97 2.77
CA PRO T 54 44.83 27.93 2.18
C PRO T 54 44.93 29.29 2.86
N ALA T 55 44.67 30.34 2.10
CA ALA T 55 44.77 31.70 2.61
C ALA T 55 43.66 31.97 3.63
N ASP T 56 43.89 32.99 4.45
CA ASP T 56 42.93 33.37 5.48
C ASP T 56 41.82 34.20 4.86
N ALA T 57 40.96 34.78 5.69
CA ALA T 57 39.77 35.49 5.23
C ALA T 57 39.86 36.96 5.58
N VAL T 58 39.22 37.78 4.75
CA VAL T 58 39.08 39.19 4.99
C VAL T 58 37.77 39.42 5.75
N TYR T 59 37.70 40.53 6.49
CA TYR T 59 36.62 40.73 7.45
C TYR T 59 36.04 42.15 7.36
N GLY T 60 35.65 42.56 6.15
CA GLY T 60 35.17 43.93 6.02
C GLY T 60 34.67 44.32 4.64
N GLN T 61 34.87 45.58 4.27
CA GLN T 61 34.44 46.12 2.98
C GLN T 61 35.60 46.61 2.13
N LYS T 62 36.42 47.51 2.66
CA LYS T 62 37.52 48.05 1.87
C LYS T 62 38.52 46.96 1.51
N GLU T 63 38.84 46.09 2.47
CA GLU T 63 39.85 45.08 2.21
C GLU T 63 39.32 43.93 1.36
N ILE T 64 38.02 43.61 1.43
CA ILE T 64 37.48 42.62 0.51
C ILE T 64 37.42 43.20 -0.90
N HIS T 65 37.07 44.48 -1.04
CA HIS T 65 37.19 45.12 -2.34
C HIS T 65 38.62 45.06 -2.85
N ARG T 66 39.60 45.30 -1.96
CA ARG T 66 41.00 45.21 -2.37
C ARG T 66 41.37 43.79 -2.79
N LYS T 67 40.92 42.80 -2.05
CA LYS T 67 41.18 41.43 -2.45
C LYS T 67 40.55 41.17 -3.83
N VAL T 68 39.28 41.57 -4.00
CA VAL T 68 38.56 41.30 -5.24
C VAL T 68 39.28 41.94 -6.43
N MET T 69 39.86 43.12 -6.24
CA MET T 69 40.73 43.65 -7.28
C MET T 69 42.03 42.88 -7.40
N SER T 70 42.53 42.32 -6.29
CA SER T 70 43.77 41.56 -6.34
C SER T 70 43.64 40.36 -7.27
N GLN T 71 42.48 39.71 -7.24
CA GLN T 71 42.19 38.62 -8.22
C GLN T 71 41.72 39.35 -9.48
N ASN T 72 42.34 39.12 -10.63
CA ASN T 72 42.02 39.92 -11.81
C ASN T 72 40.56 39.76 -12.22
N PHE T 73 40.05 38.53 -12.22
CA PHE T 73 38.63 38.24 -12.40
C PHE T 73 38.13 38.84 -13.72
N THR T 74 38.65 38.30 -14.82
CA THR T 74 38.23 38.73 -16.14
C THR T 74 37.71 37.54 -16.93
N ASN T 75 36.64 37.78 -17.70
CA ASN T 75 35.91 36.77 -18.47
C ASN T 75 35.77 35.46 -17.71
N CYS T 76 35.29 35.56 -16.48
CA CYS T 76 35.07 34.38 -15.65
C CYS T 76 33.83 33.64 -16.12
N HIS T 77 33.97 32.33 -16.31
CA HIS T 77 32.87 31.46 -16.69
C HIS T 77 32.57 30.52 -15.53
N THR T 78 31.32 30.57 -15.08
CA THR T 78 30.90 29.74 -13.94
C THR T 78 29.81 28.77 -14.41
N LYS T 79 29.76 27.58 -13.81
CA LYS T 79 28.78 26.56 -14.16
C LYS T 79 28.33 25.90 -12.87
N ILE T 80 27.13 26.23 -12.40
CA ILE T 80 26.69 25.80 -11.09
C ILE T 80 26.07 24.42 -11.18
N ARG T 81 26.55 23.48 -10.36
CA ARG T 81 26.00 22.14 -10.32
C ARG T 81 25.11 21.90 -9.11
N HIS T 82 25.21 22.74 -8.07
CA HIS T 82 24.41 22.45 -6.85
C HIS T 82 24.18 23.68 -5.96
N VAL T 83 22.95 24.17 -5.87
CA VAL T 83 22.62 25.25 -4.94
C VAL T 83 21.55 24.72 -3.99
N ASP T 84 21.83 24.82 -2.69
CA ASP T 84 20.92 24.30 -1.67
C ASP T 84 20.88 25.34 -0.56
N ALA T 85 19.70 25.90 -0.31
CA ALA T 85 19.55 26.98 0.65
C ALA T 85 18.63 26.56 1.78
N HIS T 86 18.79 27.19 2.93
CA HIS T 86 17.95 26.94 4.08
C HIS T 86 17.89 28.20 4.93
N ALA T 87 16.87 28.26 5.79
CA ALA T 87 16.72 29.40 6.68
C ALA T 87 17.54 29.20 7.95
N THR T 88 17.99 30.30 8.53
CA THR T 88 18.83 30.27 9.71
C THR T 88 18.43 31.42 10.62
N LEU T 89 19.29 31.73 11.58
CA LEU T 89 18.99 32.72 12.60
C LEU T 89 18.67 34.09 12.00
N ASN T 90 17.72 34.80 12.60
CA ASN T 90 17.42 36.18 12.14
C ASN T 90 17.01 36.24 10.67
N ASP T 91 16.19 35.31 10.20
CA ASP T 91 15.64 35.37 8.84
C ASP T 91 16.76 35.27 7.81
N GLY T 92 17.99 35.00 8.26
CA GLY T 92 19.08 34.80 7.34
C GLY T 92 18.90 33.52 6.55
N VAL T 93 19.68 33.40 5.48
CA VAL T 93 19.65 32.21 4.64
C VAL T 93 21.08 31.69 4.48
N VAL T 94 21.28 30.42 4.79
CA VAL T 94 22.55 29.74 4.58
C VAL T 94 22.46 28.95 3.28
N VAL T 95 23.44 29.15 2.41
CA VAL T 95 23.42 28.62 1.05
C VAL T 95 24.68 27.81 0.82
N GLN T 96 24.53 26.65 0.20
CA GLN T 96 25.64 25.77 -0.15
C GLN T 96 25.67 25.62 -1.66
N VAL T 97 26.82 25.90 -2.27
CA VAL T 97 26.96 25.92 -3.72
C VAL T 97 28.15 25.05 -4.10
N MET T 98 27.98 24.29 -5.18
CA MET T 98 29.06 23.52 -5.77
C MET T 98 29.01 23.70 -7.28
N GLY T 99 30.17 23.65 -7.92
CA GLY T 99 30.17 23.72 -9.38
C GLY T 99 31.56 23.86 -9.95
N LEU T 100 31.63 24.56 -11.10
CA LEU T 100 32.86 24.78 -11.83
C LEU T 100 33.08 26.27 -12.00
N LEU T 101 34.33 26.70 -11.89
CA LEU T 101 34.69 28.08 -12.13
C LEU T 101 35.94 28.14 -12.98
N SER T 102 36.00 29.11 -13.90
CA SER T 102 37.20 29.31 -14.77
C SER T 102 37.47 30.80 -14.94
N ASN T 103 38.66 31.27 -14.59
CA ASN T 103 39.04 32.66 -14.72
C ASN T 103 40.05 32.80 -15.85
N ASN T 104 39.96 33.92 -16.57
CA ASN T 104 40.86 34.23 -17.69
C ASN T 104 40.81 33.18 -18.78
N ASN T 105 39.68 32.46 -18.87
CA ASN T 105 39.49 31.39 -19.86
C ASN T 105 40.49 30.25 -19.66
N GLN T 106 40.77 29.92 -18.41
CA GLN T 106 41.57 28.74 -18.09
C GLN T 106 40.67 27.51 -18.01
N ALA T 107 41.24 26.38 -17.61
CA ALA T 107 40.45 25.16 -17.47
C ALA T 107 39.49 25.28 -16.29
N LEU T 108 38.28 24.77 -16.47
CA LEU T 108 37.29 24.82 -15.41
C LEU T 108 37.74 23.97 -14.22
N ARG T 109 37.71 24.55 -13.03
CA ARG T 109 38.14 23.89 -11.81
C ARG T 109 36.98 23.80 -10.84
N ARG T 110 36.90 22.67 -10.13
CA ARG T 110 35.80 22.41 -9.23
C ARG T 110 35.88 23.33 -8.01
N PHE T 111 34.78 24.03 -7.72
CA PHE T 111 34.69 24.95 -6.61
C PHE T 111 33.55 24.55 -5.69
N MET T 112 33.74 24.83 -4.40
CA MET T 112 32.74 24.55 -3.37
C MET T 112 32.66 25.75 -2.45
N GLN T 113 31.45 26.20 -2.16
CA GLN T 113 31.24 27.50 -1.55
C GLN T 113 30.07 27.45 -0.58
N THR T 114 30.11 28.34 0.40
CA THR T 114 29.05 28.50 1.39
C THR T 114 28.80 29.99 1.59
N PHE T 115 27.56 30.40 1.38
CA PHE T 115 27.12 31.78 1.61
C PHE T 115 26.27 31.82 2.87
N VAL T 116 26.33 32.95 3.56
CA VAL T 116 25.35 33.29 4.58
C VAL T 116 24.87 34.68 4.28
N LEU T 117 23.59 34.83 3.95
CA LEU T 117 22.96 36.10 3.65
C LEU T 117 22.14 36.52 4.87
N ALA T 118 22.20 37.80 5.18
CA ALA T 118 21.46 38.32 6.33
C ALA T 118 20.62 39.51 5.89
N PRO T 119 19.49 39.75 6.56
CA PRO T 119 18.66 40.89 6.18
C PRO T 119 19.28 42.20 6.62
N GLU T 120 19.07 43.23 5.80
CA GLU T 120 19.55 44.56 6.17
C GLU T 120 18.68 45.18 7.25
N GLY T 121 17.43 44.73 7.37
CA GLY T 121 16.55 45.19 8.43
C GLY T 121 15.63 46.32 8.04
N SER T 122 16.18 47.49 7.72
CA SER T 122 15.35 48.65 7.43
C SER T 122 14.49 48.44 6.20
N VAL T 123 15.05 47.84 5.16
CA VAL T 123 14.35 47.59 3.91
C VAL T 123 13.93 46.13 3.88
N ALA T 124 12.63 45.90 3.65
CA ALA T 124 12.13 44.53 3.57
C ALA T 124 12.63 43.85 2.31
N ASN T 125 12.82 42.53 2.41
CA ASN T 125 13.27 41.70 1.29
C ASN T 125 14.59 42.19 0.72
N LYS T 126 15.49 42.62 1.59
CA LYS T 126 16.84 43.01 1.20
C LYS T 126 17.84 42.18 2.00
N PHE T 127 18.79 41.57 1.31
CA PHE T 127 19.79 40.72 1.93
C PHE T 127 21.18 41.13 1.49
N TYR T 128 22.13 41.01 2.42
CA TYR T 128 23.55 41.29 2.10
C TYR T 128 24.33 40.03 2.46
N VAL T 129 25.51 39.84 1.86
CA VAL T 129 26.31 38.65 2.07
C VAL T 129 27.12 38.79 3.35
N HIS T 130 26.58 38.31 4.46
CA HIS T 130 27.33 38.34 5.71
C HIS T 130 28.57 37.47 5.63
N ASN T 131 28.47 36.28 5.03
CA ASN T 131 29.61 35.38 5.01
C ASN T 131 29.77 34.73 3.63
N ASP T 132 31.03 34.58 3.21
CA ASP T 132 31.36 33.95 1.94
C ASP T 132 32.60 33.08 2.12
N ILE T 133 32.46 31.77 1.90
CA ILE T 133 33.55 30.82 2.06
C ILE T 133 33.64 30.02 0.77
N PHE T 134 34.64 30.30 -0.06
CA PHE T 134 34.81 29.71 -1.37
C PHE T 134 36.17 29.02 -1.43
N ARG T 135 36.20 27.78 -1.92
CA ARG T 135 37.46 27.07 -2.07
C ARG T 135 37.41 26.21 -3.32
N TYR T 136 38.45 26.31 -4.15
CA TYR T 136 38.65 25.34 -5.20
C TYR T 136 39.11 24.03 -4.58
N GLN T 137 38.42 22.95 -4.88
CA GLN T 137 38.81 21.66 -4.32
C GLN T 137 39.90 21.01 -5.17
N ASP T 138 40.92 21.81 -5.48
CA ASP T 138 42.08 21.36 -6.24
C ASP T 138 43.34 21.82 -5.53
N GLU T 139 43.23 22.93 -4.81
CA GLU T 139 44.29 23.40 -3.94
C GLU T 139 44.11 22.95 -2.50
N VAL T 140 43.11 22.12 -2.22
CA VAL T 140 42.91 21.53 -0.91
C VAL T 140 42.89 20.01 -0.97
N PHE T 141 42.23 19.42 -1.96
CA PHE T 141 42.13 17.97 -2.08
C PHE T 141 43.40 17.40 -2.70
N LYS U 8 35.20 35.39 25.15
CA LYS U 8 34.71 35.12 23.80
C LYS U 8 35.65 34.18 23.05
N PRO U 9 35.22 32.94 22.83
CA PRO U 9 36.06 31.98 22.12
C PRO U 9 36.23 32.35 20.66
N SER U 10 37.36 31.98 20.10
CA SER U 10 37.65 32.28 18.70
C SER U 10 36.73 31.48 17.79
N PRO U 11 36.20 32.09 16.72
CA PRO U 11 35.38 31.32 15.78
C PRO U 11 36.12 30.15 15.16
N LEU U 12 37.39 30.33 14.82
CA LEU U 12 38.16 29.22 14.27
C LEU U 12 38.34 28.13 15.32
N LEU U 13 38.61 28.51 16.56
CA LEU U 13 38.81 27.52 17.61
C LEU U 13 37.54 26.71 17.84
N VAL U 14 36.39 27.38 17.91
CA VAL U 14 35.15 26.66 18.13
C VAL U 14 34.81 25.79 16.91
N GLY U 15 35.12 26.28 15.71
CA GLY U 15 34.90 25.46 14.53
C GLY U 15 35.70 24.17 14.55
N ARG U 16 37.00 24.27 14.87
CA ARG U 16 37.83 23.08 14.96
C ARG U 16 37.34 22.14 16.06
N GLU U 17 37.00 22.69 17.22
CA GLU U 17 36.54 21.85 18.31
C GLU U 17 35.25 21.12 17.91
N PHE U 18 34.30 21.84 17.31
CA PHE U 18 33.07 21.21 16.93
C PHE U 18 33.29 20.14 15.86
N VAL U 19 34.14 20.42 14.87
CA VAL U 19 34.31 19.44 13.80
C VAL U 19 34.92 18.17 14.35
N ARG U 20 35.93 18.30 15.21
CA ARG U 20 36.59 17.10 15.76
C ARG U 20 35.58 16.33 16.64
N GLN U 21 34.79 17.05 17.45
CA GLN U 21 33.85 16.38 18.34
C GLN U 21 32.74 15.71 17.57
N TYR U 22 32.17 16.41 16.59
CA TYR U 22 31.07 15.88 15.81
C TYR U 22 31.48 14.65 15.04
N TYR U 23 32.64 14.68 14.39
CA TYR U 23 33.02 13.51 13.61
C TYR U 23 33.46 12.35 14.50
N THR U 24 34.09 12.63 15.65
CA THR U 24 34.41 11.56 16.59
C THR U 24 33.13 10.88 17.08
N LEU U 25 32.12 11.66 17.45
CA LEU U 25 30.87 11.08 17.90
C LEU U 25 30.18 10.32 16.77
N LEU U 26 30.23 10.87 15.56
CA LEU U 26 29.57 10.22 14.43
C LEU U 26 30.20 8.88 14.12
N ASN U 27 31.53 8.80 14.18
CA ASN U 27 32.20 7.52 14.01
C ASN U 27 31.95 6.58 15.17
N GLN U 28 31.84 7.11 16.39
CA GLN U 28 31.78 6.28 17.58
C GLN U 28 30.35 5.84 17.92
N ALA U 29 29.47 6.80 18.17
CA ALA U 29 28.10 6.51 18.63
C ALA U 29 27.12 7.28 17.76
N PRO U 30 26.76 6.73 16.60
CA PRO U 30 25.81 7.42 15.73
C PRO U 30 24.43 7.61 16.35
N ASP U 31 24.06 6.81 17.34
CA ASP U 31 22.74 6.93 17.94
C ASP U 31 22.58 8.28 18.64
N MET U 32 23.59 8.73 19.37
CA MET U 32 23.54 9.99 20.10
C MET U 32 23.97 11.17 19.25
N LEU U 33 23.82 11.07 17.92
CA LEU U 33 24.15 12.19 17.05
C LEU U 33 23.14 13.33 17.20
N HIS U 34 21.87 13.00 17.45
CA HIS U 34 20.83 14.01 17.57
C HIS U 34 21.08 14.96 18.73
N ARG U 35 21.87 14.56 19.72
CA ARG U 35 22.11 15.41 20.88
C ARG U 35 22.80 16.70 20.50
N PHE U 36 23.40 16.73 19.31
CA PHE U 36 24.10 17.96 18.86
C PHE U 36 23.08 19.02 18.42
N TYR U 37 21.82 18.64 18.22
CA TYR U 37 20.84 19.60 17.69
C TYR U 37 19.81 19.95 18.74
N GLY U 38 18.77 20.67 18.35
CA GLY U 38 17.67 21.01 19.23
C GLY U 38 16.37 21.29 18.51
N LYS U 39 15.73 22.40 18.90
CA LYS U 39 14.48 22.80 18.23
C LYS U 39 14.85 23.80 17.13
N ASN U 40 14.04 23.87 16.09
CA ASN U 40 14.24 24.77 14.95
C ASN U 40 15.60 24.52 14.29
N SER U 41 16.07 23.28 14.31
CA SER U 41 17.33 22.91 13.68
C SER U 41 17.04 22.17 12.39
N SER U 42 17.57 22.68 11.28
CA SER U 42 17.37 22.08 9.97
C SER U 42 18.48 21.07 9.70
N TYR U 43 18.09 19.89 9.22
CA TYR U 43 19.02 18.81 8.91
C TYR U 43 18.71 18.30 7.52
N VAL U 44 19.60 18.60 6.57
CA VAL U 44 19.51 18.08 5.21
C VAL U 44 20.79 17.30 4.95
N HIS U 45 20.66 16.07 4.48
CA HIS U 45 21.83 15.21 4.35
C HIS U 45 21.58 14.19 3.25
N GLY U 46 22.36 14.28 2.17
CA GLY U 46 22.37 13.27 1.13
C GLY U 46 21.02 13.14 0.43
N GLY U 47 20.73 11.90 0.01
CA GLY U 47 19.48 11.61 -0.65
C GLY U 47 18.89 10.28 -0.22
N LEU U 48 17.64 10.30 0.26
CA LEU U 48 16.97 9.11 0.75
C LEU U 48 15.54 9.11 0.22
N ASP U 49 15.31 8.34 -0.84
CA ASP U 49 13.99 8.23 -1.45
C ASP U 49 13.94 6.93 -2.25
N SER U 50 12.84 6.73 -2.97
CA SER U 50 12.75 5.60 -3.88
C SER U 50 13.81 5.70 -4.96
N ASN U 51 14.01 6.89 -5.51
CA ASN U 51 15.08 7.13 -6.47
C ASN U 51 16.38 7.59 -5.80
N GLY U 52 16.30 8.09 -4.57
CA GLY U 52 17.46 8.53 -3.84
C GLY U 52 17.90 9.96 -4.13
N LYS U 53 17.26 10.63 -5.08
CA LYS U 53 17.62 12.00 -5.41
C LYS U 53 17.06 13.00 -4.39
N PRO U 54 15.74 13.05 -4.14
CA PRO U 54 15.22 14.09 -3.24
C PRO U 54 15.23 13.66 -1.79
N ALA U 55 15.79 14.51 -0.91
CA ALA U 55 15.81 14.25 0.53
C ALA U 55 15.44 15.55 1.22
N ASP U 56 14.18 15.66 1.62
CA ASP U 56 13.72 16.86 2.31
C ASP U 56 14.40 16.99 3.66
N ALA U 57 14.72 18.22 4.04
CA ALA U 57 15.30 18.46 5.35
C ALA U 57 14.27 18.22 6.44
N VAL U 58 14.75 17.71 7.58
CA VAL U 58 13.90 17.45 8.73
C VAL U 58 14.30 18.36 9.86
N TYR U 59 13.34 18.67 10.72
CA TYR U 59 13.53 19.65 11.79
C TYR U 59 13.17 19.03 13.12
N GLY U 60 13.95 19.33 14.14
CA GLY U 60 13.70 18.80 15.47
C GLY U 60 14.55 17.58 15.79
N GLN U 61 14.82 17.42 17.08
CA GLN U 61 15.71 16.33 17.51
C GLN U 61 15.14 14.96 17.17
N LYS U 62 13.83 14.78 17.35
CA LYS U 62 13.18 13.53 17.02
C LYS U 62 13.41 13.14 15.57
N GLU U 63 13.09 14.05 14.65
CA GLU U 63 13.20 13.76 13.23
C GLU U 63 14.65 13.64 12.81
N ILE U 64 15.54 14.42 13.42
CA ILE U 64 16.96 14.31 13.10
C ILE U 64 17.49 12.95 13.51
N HIS U 65 17.14 12.48 14.70
CA HIS U 65 17.57 11.15 15.12
C HIS U 65 16.99 10.08 14.22
N ARG U 66 15.71 10.22 13.85
CA ARG U 66 15.11 9.24 12.95
C ARG U 66 15.82 9.20 11.60
N LYS U 67 16.15 10.37 11.06
CA LYS U 67 16.85 10.44 9.78
C LYS U 67 18.24 9.82 9.89
N VAL U 68 18.95 10.12 10.98
CA VAL U 68 20.29 9.54 11.14
C VAL U 68 20.20 8.03 11.26
N MET U 69 19.23 7.52 12.02
CA MET U 69 19.10 6.08 12.16
C MET U 69 18.69 5.43 10.85
N SER U 70 17.84 6.09 10.08
CA SER U 70 17.51 5.58 8.75
C SER U 70 18.74 5.53 7.87
N GLN U 71 19.62 6.53 7.99
CA GLN U 71 20.86 6.51 7.24
C GLN U 71 21.72 5.32 7.65
N ASN U 72 21.80 5.05 8.96
CA ASN U 72 22.54 3.91 9.50
C ASN U 72 24.03 3.99 9.16
N PHE U 73 24.67 4.99 9.75
CA PHE U 73 26.13 5.08 9.72
C PHE U 73 26.71 3.93 10.54
N THR U 74 27.52 3.09 9.90
CA THR U 74 28.20 1.99 10.58
C THR U 74 29.70 2.13 10.34
N ASN U 75 30.43 2.52 11.39
CA ASN U 75 31.87 2.75 11.29
C ASN U 75 32.20 3.68 10.13
N CYS U 76 31.59 4.85 10.14
CA CYS U 76 31.78 5.84 9.09
C CYS U 76 33.10 6.55 9.33
N HIS U 77 34.16 6.08 8.68
CA HIS U 77 35.46 6.71 8.83
C HIS U 77 35.50 8.01 8.04
N THR U 78 35.97 9.07 8.70
CA THR U 78 36.05 10.40 8.12
C THR U 78 37.47 10.90 8.21
N LYS U 79 37.98 11.38 7.07
CA LYS U 79 39.34 11.99 7.01
C LYS U 79 39.14 13.45 6.62
N ILE U 80 39.22 14.38 7.58
CA ILE U 80 38.92 15.78 7.34
C ILE U 80 40.12 16.43 6.65
N ARG U 81 39.86 17.02 5.47
CA ARG U 81 40.95 17.66 4.69
C ARG U 81 40.97 19.16 5.00
N HIS U 82 39.82 19.79 5.20
CA HIS U 82 39.81 21.27 5.41
C HIS U 82 38.63 21.70 6.29
N VAL U 83 38.88 22.56 7.27
CA VAL U 83 37.78 23.12 8.11
C VAL U 83 37.86 24.64 8.03
N ASP U 84 36.77 25.31 7.66
CA ASP U 84 36.78 26.80 7.68
C ASP U 84 35.65 27.26 8.61
N ALA U 85 35.98 28.02 9.65
CA ALA U 85 34.96 28.45 10.64
C ALA U 85 34.95 29.98 10.72
N HIS U 86 33.77 30.59 10.63
CA HIS U 86 33.69 32.07 10.62
C HIS U 86 32.54 32.57 11.50
N ALA U 87 32.46 33.88 11.71
CA ALA U 87 31.43 34.49 12.53
C ALA U 87 30.19 34.82 11.70
N THR U 88 29.03 34.74 12.34
CA THR U 88 27.75 35.00 11.70
C THR U 88 26.82 35.67 12.72
N LEU U 89 25.58 35.88 12.30
CA LEU U 89 24.63 36.64 13.09
C LEU U 89 24.44 36.03 14.48
N ASN U 90 23.99 36.87 15.41
CA ASN U 90 23.78 36.48 16.81
C ASN U 90 25.04 35.88 17.41
N ASP U 91 26.20 36.39 16.98
CA ASP U 91 27.50 35.84 17.44
C ASP U 91 27.51 34.34 17.13
N GLY U 92 26.93 33.95 15.99
CA GLY U 92 26.93 32.55 15.61
C GLY U 92 28.22 32.16 14.93
N VAL U 93 28.40 30.86 14.73
CA VAL U 93 29.55 30.32 14.03
C VAL U 93 29.05 29.49 12.87
N VAL U 94 29.59 29.73 11.68
CA VAL U 94 29.34 28.89 10.52
C VAL U 94 30.63 28.16 10.19
N VAL U 95 30.49 26.84 10.00
CA VAL U 95 31.67 25.96 9.75
C VAL U 95 31.41 25.12 8.49
N GLN U 96 32.26 25.25 7.48
CA GLN U 96 32.18 24.45 6.26
C GLN U 96 33.41 23.56 6.18
N VAL U 97 33.20 22.27 6.01
CA VAL U 97 34.28 21.29 6.09
C VAL U 97 34.36 20.52 4.78
N MET U 98 35.57 20.26 4.34
CA MET U 98 35.87 19.34 3.26
C MET U 98 36.51 18.09 3.83
N GLY U 99 36.11 16.93 3.34
CA GLY U 99 36.67 15.70 3.85
C GLY U 99 36.31 14.52 2.98
N LEU U 100 36.79 13.35 3.41
CA LEU U 100 36.51 12.08 2.76
C LEU U 100 35.73 11.22 3.76
N LEU U 101 34.53 10.81 3.37
CA LEU U 101 33.66 10.03 4.23
C LEU U 101 33.42 8.66 3.62
N SER U 102 33.61 7.61 4.41
CA SER U 102 33.35 6.24 3.97
C SER U 102 32.60 5.51 5.08
N ASN U 103 31.33 5.26 4.85
CA ASN U 103 30.50 4.52 5.80
C ASN U 103 30.33 3.08 5.33
N ASN U 104 30.07 2.19 6.30
CA ASN U 104 29.91 0.77 6.04
C ASN U 104 31.15 0.19 5.36
N ASN U 105 32.31 0.78 5.63
CA ASN U 105 33.59 0.34 5.06
C ASN U 105 33.53 0.31 3.53
N GLN U 106 32.88 1.32 2.96
CA GLN U 106 32.78 1.47 1.52
C GLN U 106 33.92 2.34 1.02
N ALA U 107 33.82 2.80 -0.23
CA ALA U 107 34.86 3.60 -0.83
C ALA U 107 34.92 4.99 -0.19
N LEU U 108 36.09 5.61 -0.27
CA LEU U 108 36.29 6.95 0.24
C LEU U 108 35.73 7.96 -0.75
N ARG U 109 34.80 8.80 -0.29
CA ARG U 109 34.07 9.72 -1.15
C ARG U 109 34.21 11.14 -0.63
N ARG U 110 34.33 12.09 -1.56
CA ARG U 110 34.45 13.50 -1.19
C ARG U 110 33.08 14.06 -0.80
N PHE U 111 33.10 15.04 0.11
CA PHE U 111 31.86 15.63 0.57
C PHE U 111 32.11 17.04 1.08
N MET U 112 31.02 17.80 1.20
CA MET U 112 31.00 19.04 1.95
C MET U 112 29.87 19.04 2.96
N GLN U 113 30.20 19.41 4.19
CA GLN U 113 29.23 19.61 5.25
C GLN U 113 29.35 21.04 5.74
N THR U 114 28.21 21.72 5.80
CA THR U 114 28.16 23.11 6.25
C THR U 114 27.24 23.19 7.44
N PHE U 115 27.79 23.58 8.59
CA PHE U 115 27.01 23.79 9.80
C PHE U 115 26.90 25.27 10.09
N VAL U 116 25.72 25.69 10.50
CA VAL U 116 25.51 26.99 11.13
C VAL U 116 25.16 26.71 12.57
N LEU U 117 26.04 27.13 13.47
CA LEU U 117 25.91 26.85 14.90
C LEU U 117 25.40 28.09 15.61
N ALA U 118 24.44 27.91 16.49
CA ALA U 118 23.94 29.02 17.27
C ALA U 118 24.28 28.84 18.74
N PRO U 119 24.66 29.91 19.44
CA PRO U 119 24.90 29.79 20.88
C PRO U 119 23.62 29.41 21.61
N GLU U 120 23.78 28.61 22.66
CA GLU U 120 22.62 28.19 23.45
C GLU U 120 21.98 29.39 24.16
N GLY U 121 22.81 30.30 24.69
CA GLY U 121 22.29 31.47 25.36
C GLY U 121 22.35 31.36 26.87
N SER U 122 22.16 30.15 27.39
CA SER U 122 22.19 29.94 28.82
C SER U 122 23.62 29.81 29.34
N VAL U 123 24.34 28.82 28.87
CA VAL U 123 25.71 28.56 29.30
C VAL U 123 26.67 29.19 28.29
N ALA U 124 27.72 29.81 28.80
CA ALA U 124 28.75 30.36 27.93
C ALA U 124 29.54 29.25 27.26
N ASN U 125 30.04 29.55 26.05
CA ASN U 125 30.80 28.58 25.25
C ASN U 125 29.98 27.32 24.99
N LYS U 126 28.69 27.49 24.76
CA LYS U 126 27.79 26.40 24.43
C LYS U 126 27.17 26.65 23.07
N PHE U 127 27.17 25.63 22.22
CA PHE U 127 26.62 25.77 20.88
C PHE U 127 25.85 24.51 20.51
N TYR U 128 24.87 24.69 19.63
CA TYR U 128 24.08 23.59 19.10
C TYR U 128 23.93 23.79 17.60
N VAL U 129 23.79 22.67 16.88
CA VAL U 129 23.75 22.71 15.42
C VAL U 129 22.39 23.22 14.97
N HIS U 130 22.33 24.49 14.60
CA HIS U 130 21.08 25.06 14.10
C HIS U 130 20.79 24.66 12.66
N ASN U 131 21.82 24.60 11.82
CA ASN U 131 21.63 24.21 10.43
C ASN U 131 22.73 23.26 10.01
N ASP U 132 22.36 22.17 9.35
CA ASP U 132 23.33 21.13 8.98
C ASP U 132 23.02 20.68 7.55
N ILE U 133 23.83 21.15 6.59
CA ILE U 133 23.63 20.85 5.19
C ILE U 133 24.78 19.97 4.71
N PHE U 134 24.48 18.74 4.35
CA PHE U 134 25.48 17.79 3.90
C PHE U 134 25.26 17.48 2.43
N ARG U 135 26.36 17.35 1.69
CA ARG U 135 26.28 16.99 0.28
C ARG U 135 27.51 16.18 -0.09
N TYR U 136 27.32 15.19 -0.95
CA TYR U 136 28.41 14.39 -1.43
C TYR U 136 29.01 15.02 -2.68
N GLN U 137 30.01 14.37 -3.25
CA GLN U 137 30.58 14.80 -4.52
C GLN U 137 30.02 14.05 -5.71
N ASP U 138 29.70 12.77 -5.55
CA ASP U 138 29.16 12.00 -6.65
C ASP U 138 27.71 12.36 -6.95
N GLU U 139 26.98 12.85 -5.95
CA GLU U 139 25.58 13.19 -6.16
C GLU U 139 25.40 14.34 -7.14
N VAL U 140 26.36 15.25 -7.23
CA VAL U 140 26.36 16.30 -8.23
C VAL U 140 27.56 16.08 -9.15
N PHE U 141 27.67 16.91 -10.20
CA PHE U 141 28.75 16.75 -11.21
C PHE U 141 28.55 15.42 -11.94
N LYS V 8 -21.05 51.03 -3.22
CA LYS V 8 -21.25 49.67 -2.75
C LYS V 8 -20.64 48.66 -3.72
N PRO V 9 -19.45 48.16 -3.39
CA PRO V 9 -18.77 47.21 -4.27
C PRO V 9 -19.38 45.82 -4.16
N SER V 10 -19.05 44.99 -5.14
CA SER V 10 -19.63 43.66 -5.20
C SER V 10 -19.07 42.78 -4.08
N PRO V 11 -19.92 41.96 -3.45
CA PRO V 11 -19.42 41.04 -2.41
C PRO V 11 -18.37 40.08 -2.92
N LEU V 12 -18.44 39.68 -4.19
CA LEU V 12 -17.41 38.81 -4.74
C LEU V 12 -16.04 39.50 -4.69
N LEU V 13 -15.98 40.76 -5.14
CA LEU V 13 -14.72 41.49 -5.08
C LEU V 13 -14.28 41.70 -3.64
N VAL V 14 -15.23 42.00 -2.75
CA VAL V 14 -14.89 42.20 -1.34
C VAL V 14 -14.23 40.96 -0.77
N GLY V 15 -14.86 39.80 -1.01
CA GLY V 15 -14.30 38.56 -0.48
C GLY V 15 -12.96 38.22 -1.09
N ARG V 16 -12.81 38.43 -2.41
CA ARG V 16 -11.54 38.12 -3.05
C ARG V 16 -10.41 38.99 -2.50
N GLU V 17 -10.67 40.29 -2.38
CA GLU V 17 -9.66 41.19 -1.84
C GLU V 17 -9.31 40.84 -0.41
N PHE V 18 -10.31 40.53 0.42
CA PHE V 18 -10.01 40.14 1.79
C PHE V 18 -9.21 38.85 1.83
N VAL V 19 -9.52 37.89 0.97
CA VAL V 19 -8.80 36.63 0.99
C VAL V 19 -7.33 36.86 0.67
N ARG V 20 -7.05 37.62 -0.39
CA ARG V 20 -5.65 37.85 -0.75
C ARG V 20 -4.93 38.62 0.35
N GLN V 21 -5.58 39.64 0.94
CA GLN V 21 -4.93 40.38 2.02
C GLN V 21 -4.69 39.51 3.24
N TYR V 22 -5.67 38.67 3.59
CA TYR V 22 -5.54 37.84 4.78
C TYR V 22 -4.41 36.85 4.64
N TYR V 23 -4.29 36.20 3.48
CA TYR V 23 -3.20 35.24 3.35
C TYR V 23 -1.86 35.93 3.16
N THR V 24 -1.84 37.11 2.54
CA THR V 24 -0.60 37.88 2.47
C THR V 24 -0.09 38.22 3.85
N LEU V 25 -0.98 38.66 4.74
CA LEU V 25 -0.53 38.97 6.10
C LEU V 25 -0.30 37.72 6.93
N LEU V 26 -1.00 36.64 6.64
CA LEU V 26 -0.77 35.39 7.36
C LEU V 26 0.60 34.82 7.03
N ASN V 27 1.12 35.13 5.84
CA ASN V 27 2.48 34.73 5.50
C ASN V 27 3.51 35.76 5.95
N GLN V 28 3.38 37.00 5.49
CA GLN V 28 4.42 38.01 5.67
C GLN V 28 4.57 38.39 7.14
N ALA V 29 3.52 38.96 7.73
CA ALA V 29 3.58 39.54 9.07
C ALA V 29 2.45 38.96 9.91
N PRO V 30 2.59 37.72 10.38
CA PRO V 30 1.52 37.11 11.18
C PRO V 30 1.29 37.80 12.51
N ASP V 31 2.20 38.68 12.94
CA ASP V 31 2.03 39.35 14.22
C ASP V 31 0.75 40.19 14.22
N MET V 32 0.49 40.88 13.12
CA MET V 32 -0.67 41.81 13.04
C MET V 32 -1.91 41.12 12.45
N LEU V 33 -1.96 39.79 12.43
CA LEU V 33 -3.15 39.13 11.94
C LEU V 33 -4.35 39.40 12.84
N HIS V 34 -4.11 39.58 14.14
CA HIS V 34 -5.20 39.86 15.07
C HIS V 34 -5.92 41.16 14.76
N ARG V 35 -5.25 42.10 14.09
CA ARG V 35 -5.87 43.37 13.77
C ARG V 35 -7.07 43.21 12.84
N PHE V 36 -7.19 42.05 12.20
CA PHE V 36 -8.36 41.79 11.36
C PHE V 36 -9.63 41.70 12.19
N TYR V 37 -9.55 41.08 13.36
CA TYR V 37 -10.75 40.63 14.05
C TYR V 37 -11.25 41.69 15.02
N GLY V 38 -12.39 41.42 15.64
CA GLY V 38 -13.04 42.39 16.49
C GLY V 38 -13.30 41.90 17.91
N LYS V 39 -14.21 42.57 18.61
CA LYS V 39 -14.43 42.23 20.05
C LYS V 39 -15.09 40.87 20.21
N ASN V 40 -16.15 40.60 19.44
CA ASN V 40 -16.92 39.33 19.62
C ASN V 40 -16.60 38.36 18.49
N SER V 41 -15.44 38.50 17.85
CA SER V 41 -15.07 37.60 16.76
C SER V 41 -14.71 36.21 17.30
N SER V 42 -15.02 35.22 16.46
CA SER V 42 -14.68 33.82 16.80
C SER V 42 -13.54 33.38 15.89
N TYR V 43 -12.71 32.46 16.35
CA TYR V 43 -11.56 31.99 15.60
C TYR V 43 -11.31 30.52 15.90
N VAL V 44 -11.08 29.74 14.85
CA VAL V 44 -10.60 28.36 15.01
C VAL V 44 -9.76 28.01 13.80
N HIS V 45 -8.58 27.44 14.04
CA HIS V 45 -7.61 27.13 12.99
C HIS V 45 -7.09 25.71 13.12
N GLY V 46 -8.00 24.76 13.28
CA GLY V 46 -7.66 23.36 13.12
C GLY V 46 -6.73 22.76 14.15
N GLY V 47 -7.19 22.64 15.39
CA GLY V 47 -6.47 21.97 16.44
C GLY V 47 -7.21 20.71 16.89
N LEU V 48 -6.49 19.88 17.65
CA LEU V 48 -7.05 18.63 18.15
C LEU V 48 -6.79 18.53 19.65
N ASP V 49 -7.78 18.03 20.39
CA ASP V 49 -7.64 17.87 21.83
C ASP V 49 -7.06 16.49 22.10
N SER V 50 -7.12 16.06 23.36
CA SER V 50 -6.63 14.73 23.70
C SER V 50 -7.42 13.63 23.00
N ASN V 51 -8.74 13.79 22.93
CA ASN V 51 -9.62 12.75 22.40
C ASN V 51 -9.81 12.82 20.89
N GLY V 52 -9.20 13.81 20.22
CA GLY V 52 -9.25 13.91 18.78
C GLY V 52 -10.31 14.83 18.22
N LYS V 53 -11.18 15.35 19.06
CA LYS V 53 -12.18 16.29 18.59
C LYS V 53 -11.49 17.56 18.10
N PRO V 54 -11.92 18.13 16.97
CA PRO V 54 -11.30 19.37 16.51
C PRO V 54 -11.44 20.47 17.56
N ALA V 55 -10.39 21.26 17.71
CA ALA V 55 -10.32 22.23 18.79
C ALA V 55 -11.45 23.24 18.70
N ASP V 56 -12.00 23.61 19.85
CA ASP V 56 -13.08 24.58 19.88
C ASP V 56 -12.54 25.98 19.54
N ALA V 57 -13.45 26.83 19.08
CA ALA V 57 -13.07 28.18 18.71
C ALA V 57 -12.82 29.03 19.95
N VAL V 58 -12.04 30.09 19.75
CA VAL V 58 -11.77 31.07 20.80
C VAL V 58 -12.44 32.37 20.41
N TYR V 59 -12.78 33.15 21.44
CA TYR V 59 -13.52 34.42 21.19
C TYR V 59 -12.72 35.59 21.78
N GLY V 60 -12.85 36.76 21.17
CA GLY V 60 -12.16 37.95 21.61
C GLY V 60 -10.88 38.22 20.83
N GLN V 61 -10.61 39.50 20.55
CA GLN V 61 -9.45 39.86 19.74
C GLN V 61 -8.15 39.41 20.42
N LYS V 62 -8.04 39.60 21.73
CA LYS V 62 -6.81 39.25 22.42
C LYS V 62 -6.61 37.74 22.42
N GLU V 63 -7.68 36.98 22.62
CA GLU V 63 -7.56 35.50 22.62
C GLU V 63 -7.21 35.02 21.21
N ILE V 64 -7.73 35.71 20.18
CA ILE V 64 -7.39 35.37 18.80
C ILE V 64 -5.91 35.61 18.55
N HIS V 65 -5.40 36.73 19.05
CA HIS V 65 -3.98 37.04 18.93
C HIS V 65 -3.13 35.98 19.64
N ARG V 66 -3.58 35.57 20.83
CA ARG V 66 -2.85 34.53 21.60
C ARG V 66 -2.83 33.24 20.77
N LYS V 67 -3.98 32.84 20.22
CA LYS V 67 -4.05 31.60 19.45
C LYS V 67 -3.19 31.66 18.21
N VAL V 68 -3.15 32.82 17.55
CA VAL V 68 -2.29 32.99 16.39
C VAL V 68 -0.83 32.80 16.79
N MET V 69 -0.42 33.43 17.90
CA MET V 69 0.97 33.27 18.36
C MET V 69 1.28 31.82 18.69
N SER V 70 0.32 31.12 19.32
CA SER V 70 0.54 29.71 19.62
C SER V 70 0.68 28.89 18.34
N GLN V 71 -0.08 29.24 17.31
CA GLN V 71 0.05 28.55 16.03
C GLN V 71 1.38 28.85 15.36
N ASN V 72 1.96 30.02 15.64
CA ASN V 72 3.29 30.42 15.19
C ASN V 72 3.50 30.13 13.69
N PHE V 73 2.73 30.84 12.88
CA PHE V 73 2.86 30.73 11.43
C PHE V 73 4.19 31.32 10.99
N THR V 74 5.06 30.49 10.42
CA THR V 74 6.35 30.92 9.92
C THR V 74 6.41 30.66 8.42
N ASN V 75 6.39 31.73 7.63
CA ASN V 75 6.54 31.65 6.18
C ASN V 75 5.50 30.68 5.58
N CYS V 76 4.24 31.03 5.75
CA CYS V 76 3.14 30.18 5.31
C CYS V 76 2.91 30.36 3.81
N HIS V 77 3.21 29.32 3.04
CA HIS V 77 2.94 29.34 1.61
C HIS V 77 1.55 28.79 1.36
N THR V 78 0.75 29.53 0.61
CA THR V 78 -0.65 29.19 0.39
C THR V 78 -0.99 29.27 -1.09
N LYS V 79 -1.84 28.34 -1.52
CA LYS V 79 -2.40 28.34 -2.86
C LYS V 79 -3.91 28.26 -2.73
N ILE V 80 -4.60 29.31 -3.16
CA ILE V 80 -6.04 29.43 -2.99
C ILE V 80 -6.70 28.80 -4.21
N ARG V 81 -7.24 27.60 -4.04
CA ARG V 81 -7.85 26.91 -5.16
C ARG V 81 -9.20 27.51 -5.53
N HIS V 82 -10.01 27.87 -4.53
CA HIS V 82 -11.32 28.42 -4.84
C HIS V 82 -11.78 29.38 -3.76
N VAL V 83 -12.44 30.47 -4.18
CA VAL V 83 -13.06 31.44 -3.28
C VAL V 83 -14.46 31.74 -3.78
N ASP V 84 -15.42 31.76 -2.87
CA ASP V 84 -16.80 32.12 -3.20
C ASP V 84 -17.33 33.02 -2.10
N ALA V 85 -17.58 34.29 -2.43
CA ALA V 85 -18.08 35.27 -1.46
C ALA V 85 -19.48 35.69 -1.84
N HIS V 86 -20.33 35.88 -0.84
CA HIS V 86 -21.72 36.23 -1.11
C HIS V 86 -22.27 37.10 0.01
N ALA V 87 -23.36 37.79 -0.30
CA ALA V 87 -23.98 38.71 0.63
C ALA V 87 -24.68 37.97 1.75
N THR V 88 -24.86 38.66 2.88
CA THR V 88 -25.40 38.06 4.09
C THR V 88 -26.12 39.18 4.86
N LEU V 89 -26.36 38.95 6.15
CA LEU V 89 -27.06 39.91 6.98
C LEU V 89 -26.28 41.22 7.12
N ASN V 90 -27.02 42.32 7.27
CA ASN V 90 -26.36 43.64 7.46
C ASN V 90 -25.27 43.84 6.41
N ASP V 91 -25.57 43.53 5.15
CA ASP V 91 -24.60 43.76 4.05
C ASP V 91 -23.26 43.05 4.34
N GLY V 92 -23.23 42.16 5.33
CA GLY V 92 -22.02 41.41 5.59
C GLY V 92 -21.74 40.44 4.45
N VAL V 93 -20.56 39.84 4.48
CA VAL V 93 -20.15 38.94 3.43
C VAL V 93 -19.65 37.64 4.05
N VAL V 94 -20.11 36.52 3.50
CA VAL V 94 -19.61 35.20 3.87
C VAL V 94 -18.71 34.71 2.75
N VAL V 95 -17.53 34.23 3.11
CA VAL V 95 -16.53 33.79 2.15
C VAL V 95 -16.23 32.32 2.42
N GLN V 96 -16.31 31.50 1.39
CA GLN V 96 -16.00 30.09 1.47
C GLN V 96 -14.77 29.84 0.61
N VAL V 97 -13.68 29.46 1.30
CA VAL V 97 -12.37 29.29 0.62
C VAL V 97 -11.91 27.83 0.71
N MET V 98 -11.24 27.34 -0.33
CA MET V 98 -10.67 26.01 -0.38
C MET V 98 -9.28 26.13 -0.97
N GLY V 99 -8.33 25.41 -0.40
CA GLY V 99 -6.98 25.51 -0.95
C GLY V 99 -5.97 24.65 -0.23
N LEU V 100 -4.70 25.06 -0.35
CA LEU V 100 -3.59 24.37 0.27
C LEU V 100 -2.73 25.36 1.04
N LEU V 101 -2.28 24.96 2.23
CA LEU V 101 -1.50 25.82 3.09
C LEU V 101 -0.38 25.01 3.73
N SER V 102 0.81 25.60 3.84
CA SER V 102 1.92 24.92 4.48
C SER V 102 2.78 25.93 5.21
N ASN V 103 2.97 25.72 6.50
CA ASN V 103 3.82 26.58 7.32
C ASN V 103 5.21 25.98 7.45
N ASN V 104 6.20 26.87 7.56
CA ASN V 104 7.60 26.49 7.77
C ASN V 104 8.10 25.59 6.63
N ASN V 105 7.55 25.80 5.44
CA ASN V 105 8.04 25.18 4.20
C ASN V 105 8.09 23.67 4.27
N GLN V 106 7.09 23.04 4.88
CA GLN V 106 6.85 21.63 4.64
C GLN V 106 5.80 21.48 3.54
N ALA V 107 5.31 20.27 3.33
CA ALA V 107 4.41 20.01 2.22
C ALA V 107 3.06 20.69 2.44
N LEU V 108 2.40 21.04 1.34
CA LEU V 108 1.10 21.68 1.40
C LEU V 108 0.05 20.75 2.00
N ARG V 109 -0.86 21.31 2.78
CA ARG V 109 -1.97 20.57 3.37
C ARG V 109 -3.27 21.16 2.87
N ARG V 110 -4.18 20.28 2.45
CA ARG V 110 -5.49 20.73 1.98
C ARG V 110 -6.29 21.32 3.14
N PHE V 111 -6.95 22.45 2.88
CA PHE V 111 -7.68 23.14 3.92
C PHE V 111 -8.99 23.70 3.38
N MET V 112 -9.96 23.77 4.30
CA MET V 112 -11.31 24.25 4.08
C MET V 112 -11.58 25.40 5.04
N GLN V 113 -12.18 26.49 4.56
CA GLN V 113 -12.28 27.68 5.40
C GLN V 113 -13.56 28.45 5.12
N THR V 114 -14.08 29.09 6.18
CA THR V 114 -15.22 29.98 6.10
C THR V 114 -14.93 31.25 6.88
N PHE V 115 -15.04 32.39 6.21
CA PHE V 115 -14.93 33.71 6.82
C PHE V 115 -16.31 34.36 6.86
N VAL V 116 -16.56 35.14 7.90
CA VAL V 116 -17.74 35.99 7.97
C VAL V 116 -17.29 37.38 8.36
N LEU V 117 -17.50 38.34 7.47
CA LEU V 117 -17.04 39.71 7.63
C LEU V 117 -18.24 40.63 7.79
N ALA V 118 -18.21 41.48 8.80
CA ALA V 118 -19.29 42.41 9.08
C ALA V 118 -18.83 43.85 8.88
N PRO V 119 -19.68 44.69 8.31
CA PRO V 119 -19.32 46.11 8.17
C PRO V 119 -19.12 46.76 9.52
N GLU V 120 -18.25 47.77 9.57
CA GLU V 120 -17.95 48.46 10.85
C GLU V 120 -19.07 49.44 11.23
N GLY V 121 -19.87 49.89 10.26
CA GLY V 121 -20.97 50.78 10.56
C GLY V 121 -20.57 52.19 10.87
N SER V 122 -19.27 52.49 10.90
CA SER V 122 -18.75 53.83 11.13
C SER V 122 -17.96 54.35 9.95
N VAL V 123 -17.11 53.51 9.36
CA VAL V 123 -16.31 53.87 8.19
C VAL V 123 -16.82 53.07 7.00
N ALA V 124 -17.10 53.75 5.90
CA ALA V 124 -17.64 53.10 4.72
C ALA V 124 -16.63 52.12 4.14
N ASN V 125 -17.15 51.03 3.58
CA ASN V 125 -16.34 50.01 2.91
C ASN V 125 -15.29 49.40 3.85
N LYS V 126 -15.63 49.30 5.13
CA LYS V 126 -14.73 48.73 6.13
C LYS V 126 -15.34 47.44 6.68
N PHE V 127 -14.52 46.41 6.79
CA PHE V 127 -14.96 45.10 7.24
C PHE V 127 -13.99 44.56 8.27
N TYR V 128 -14.49 43.66 9.11
CA TYR V 128 -13.67 42.96 10.07
C TYR V 128 -14.14 41.51 10.15
N VAL V 129 -13.22 40.62 10.50
CA VAL V 129 -13.50 39.19 10.53
C VAL V 129 -14.33 38.91 11.78
N HIS V 130 -15.65 38.77 11.60
CA HIS V 130 -16.47 38.33 12.72
C HIS V 130 -16.27 36.86 12.99
N ASN V 131 -16.15 36.05 11.94
CA ASN V 131 -16.00 34.61 12.14
C ASN V 131 -14.88 34.06 11.25
N ASP V 132 -14.09 33.15 11.81
CA ASP V 132 -13.01 32.50 11.09
C ASP V 132 -13.02 31.02 11.46
N ILE V 133 -13.35 30.17 10.49
CA ILE V 133 -13.36 28.73 10.68
C ILE V 133 -12.38 28.13 9.69
N PHE V 134 -11.41 27.38 10.19
CA PHE V 134 -10.37 26.79 9.38
C PHE V 134 -10.21 25.33 9.77
N ARG V 135 -10.18 24.44 8.79
CA ARG V 135 -10.02 23.03 9.08
C ARG V 135 -9.14 22.38 8.03
N TYR V 136 -8.07 21.73 8.48
CA TYR V 136 -7.29 20.90 7.59
C TYR V 136 -8.05 19.62 7.27
N GLN V 137 -8.04 19.23 6.00
CA GLN V 137 -8.87 18.11 5.56
C GLN V 137 -8.47 16.82 6.25
N ASP V 138 -7.17 16.51 6.22
CA ASP V 138 -6.68 15.22 6.77
C ASP V 138 -6.96 15.11 8.27
N GLU V 139 -7.16 16.23 8.96
CA GLU V 139 -7.32 16.19 10.40
C GLU V 139 -8.69 15.66 10.81
N VAL V 140 -9.73 15.97 10.04
CA VAL V 140 -11.10 15.63 10.43
C VAL V 140 -11.75 14.63 9.48
N PHE V 141 -11.18 14.37 8.31
CA PHE V 141 -11.79 13.44 7.38
C PHE V 141 -11.30 12.01 7.63
N PRO W 9 -28.54 13.82 42.07
CA PRO W 9 -28.08 14.28 40.75
C PRO W 9 -27.21 13.24 40.05
N ILE W 10 -27.85 12.24 39.46
CA ILE W 10 -27.12 11.15 38.82
C ILE W 10 -26.76 11.53 37.40
N THR W 11 -25.47 11.56 37.10
CA THR W 11 -24.98 11.78 35.75
C THR W 11 -23.91 10.75 35.45
N PHE W 12 -23.47 10.74 34.19
CA PHE W 12 -22.46 9.75 33.75
C PHE W 12 -21.28 10.49 33.10
N GLY W 13 -20.09 9.91 33.16
CA GLY W 13 -18.91 10.51 32.55
C GLY W 13 -18.59 11.84 33.19
N ASP W 14 -18.25 12.82 32.35
CA ASP W 14 -17.98 14.17 32.80
C ASP W 14 -19.19 15.09 32.71
N PHE W 15 -20.35 14.54 32.33
CA PHE W 15 -21.56 15.35 32.15
C PHE W 15 -22.04 15.91 33.49
N ASN W 16 -22.44 17.17 33.50
CA ASN W 16 -23.06 17.75 34.68
C ASN W 16 -24.57 17.57 34.55
N ASP W 17 -25.34 18.25 35.40
CA ASP W 17 -26.79 18.07 35.42
C ASP W 17 -27.43 18.70 34.19
N GLY W 18 -27.91 17.85 33.28
CA GLY W 18 -28.84 18.29 32.27
C GLY W 18 -28.26 19.02 31.08
N GLU W 19 -26.95 18.95 30.85
CA GLU W 19 -26.41 19.54 29.63
C GLU W 19 -26.99 18.84 28.40
N ILE W 20 -27.09 17.51 28.45
CA ILE W 20 -27.72 16.78 27.37
C ILE W 20 -29.21 17.09 27.29
N GLU W 21 -29.86 17.35 28.43
CA GLU W 21 -31.27 17.71 28.39
C GLU W 21 -31.48 19.04 27.67
N SER W 22 -30.61 20.02 27.91
CA SER W 22 -30.64 21.23 27.11
C SER W 22 -30.29 20.95 25.66
N LEU W 23 -29.33 20.05 25.45
CA LEU W 23 -28.96 19.70 24.06
C LEU W 23 -30.22 19.24 23.31
N SER W 24 -31.10 18.46 23.95
CA SER W 24 -32.23 17.90 23.24
C SER W 24 -32.98 18.98 22.46
N SER W 25 -33.54 19.95 23.20
CA SER W 25 -34.24 21.11 22.57
C SER W 25 -35.28 20.63 21.55
N GLU W 26 -36.32 19.92 22.01
CA GLU W 26 -37.38 19.48 21.11
C GLU W 26 -38.13 20.67 20.51
N LEU W 27 -38.10 21.83 21.16
CA LEU W 27 -38.87 22.97 20.70
C LEU W 27 -38.20 23.72 19.56
N LEU W 28 -36.97 23.36 19.20
CA LEU W 28 -36.30 23.96 18.05
C LEU W 28 -37.03 23.62 16.75
N THR W 29 -37.26 24.64 15.92
CA THR W 29 -37.88 24.44 14.61
C THR W 29 -37.14 25.27 13.58
N PHE W 30 -37.26 24.84 12.31
CA PHE W 30 -36.67 25.54 11.18
C PHE W 30 -37.68 25.64 10.06
N GLY W 31 -37.52 26.67 9.23
CA GLY W 31 -38.40 26.84 8.08
C GLY W 31 -39.84 27.06 8.48
N ASP W 32 -40.72 26.27 7.89
CA ASP W 32 -42.16 26.38 8.12
C ASP W 32 -42.73 25.18 8.85
N PHE W 33 -41.91 24.21 9.20
CA PHE W 33 -42.41 23.00 9.83
C PHE W 33 -42.97 23.23 11.23
N LEU W 34 -44.03 22.51 11.55
CA LEU W 34 -44.47 22.43 12.92
C LEU W 34 -43.48 21.59 13.72
N PRO W 35 -43.37 21.82 15.02
CA PRO W 35 -42.38 21.09 15.82
C PRO W 35 -42.51 19.57 15.71
N GLY W 36 -41.46 18.92 15.22
CA GLY W 36 -41.38 17.47 15.18
C GLY W 36 -42.00 16.82 13.95
N GLU W 37 -42.63 17.59 13.06
CA GLU W 37 -43.29 16.96 11.91
C GLU W 37 -42.26 16.37 10.97
N VAL W 38 -41.07 16.96 10.87
CA VAL W 38 -40.03 16.35 10.05
C VAL W 38 -39.60 15.02 10.64
N ASP W 39 -39.43 14.98 11.96
CA ASP W 39 -39.08 13.69 12.61
C ASP W 39 -40.15 12.68 12.22
N ASP W 40 -41.43 13.02 12.45
CA ASP W 40 -42.51 12.08 12.18
C ASP W 40 -42.54 11.68 10.71
N LEU W 41 -42.20 12.60 9.82
CA LEU W 41 -42.15 12.31 8.39
C LEU W 41 -41.11 11.25 8.09
N THR W 42 -39.94 11.34 8.73
CA THR W 42 -38.86 10.46 8.33
C THR W 42 -38.84 9.12 9.09
N ASP W 43 -39.05 9.11 10.41
CA ASP W 43 -38.89 7.86 11.18
C ASP W 43 -39.85 6.75 10.70
N SER W 44 -41.12 7.10 10.46
CA SER W 44 -42.14 6.15 10.05
C SER W 44 -42.61 6.50 8.65
N ASP W 45 -42.56 5.52 7.74
CA ASP W 45 -42.96 5.77 6.32
C ASP W 45 -44.24 4.98 6.02
N PRO X 9 -11.99 53.27 -1.88
CA PRO X 9 -11.27 53.20 -0.60
C PRO X 9 -11.78 52.06 0.28
N ILE X 10 -11.58 50.82 -0.15
CA ILE X 10 -12.05 49.66 0.59
C ILE X 10 -10.96 49.21 1.55
N THR X 11 -11.32 49.06 2.82
CA THR X 11 -10.38 48.66 3.85
C THR X 11 -10.95 47.48 4.64
N PHE X 12 -10.06 46.67 5.21
CA PHE X 12 -10.44 45.53 6.03
C PHE X 12 -9.75 45.63 7.38
N GLY X 13 -10.45 45.20 8.43
CA GLY X 13 -9.92 45.37 9.77
C GLY X 13 -9.82 46.84 10.11
N ASP X 14 -8.82 47.19 10.90
CA ASP X 14 -8.51 48.57 11.23
C ASP X 14 -7.33 49.11 10.45
N PHE X 15 -6.87 48.38 9.44
CA PHE X 15 -5.71 48.80 8.65
C PHE X 15 -6.03 50.05 7.85
N ASN X 16 -5.05 50.94 7.75
CA ASN X 16 -5.20 52.13 6.94
C ASN X 16 -5.25 51.75 5.46
N ASP X 17 -5.83 52.65 4.66
CA ASP X 17 -5.94 52.41 3.23
C ASP X 17 -4.55 52.34 2.62
N GLY X 18 -4.32 51.30 1.82
CA GLY X 18 -3.07 51.13 1.11
C GLY X 18 -1.93 50.61 1.94
N GLU X 19 -2.12 50.48 3.26
CA GLU X 19 -1.07 49.97 4.17
C GLU X 19 -0.72 48.52 3.79
N ILE X 20 -1.71 47.76 3.36
CA ILE X 20 -1.49 46.35 3.02
C ILE X 20 -0.53 46.24 1.85
N GLU X 21 -0.80 46.98 0.77
CA GLU X 21 0.09 46.96 -0.38
C GLU X 21 1.43 47.61 -0.05
N SER X 22 1.42 48.60 0.84
CA SER X 22 2.70 49.24 1.27
C SER X 22 3.61 48.18 1.89
N LEU X 23 3.07 47.38 2.80
CA LEU X 23 3.88 46.36 3.48
C LEU X 23 4.24 45.22 2.54
N SER X 24 3.28 44.75 1.72
CA SER X 24 3.54 43.52 0.91
C SER X 24 4.21 43.81 -0.44
N SER X 25 4.35 45.07 -0.83
CA SER X 25 4.88 45.39 -2.15
C SER X 25 6.37 45.73 -2.08
N GLU X 26 7.14 44.76 -1.56
CA GLU X 26 8.59 44.87 -1.51
C GLU X 26 9.19 43.76 -2.37
N LEU X 27 9.82 44.14 -3.48
CA LEU X 27 10.42 43.16 -4.37
C LEU X 27 11.65 42.54 -3.72
N LEU X 28 11.97 41.31 -4.13
CA LEU X 28 13.11 40.59 -3.59
C LEU X 28 14.39 41.29 -4.02
N THR X 29 15.22 41.66 -3.05
CA THR X 29 16.39 42.49 -3.28
C THR X 29 17.62 41.83 -2.64
N PHE X 30 18.78 42.06 -3.25
CA PHE X 30 20.02 41.45 -2.81
C PHE X 30 21.13 42.47 -2.74
N GLY X 31 21.90 42.42 -1.65
CA GLY X 31 23.02 43.33 -1.48
C GLY X 31 22.56 44.77 -1.43
N ASP X 32 23.33 45.65 -2.07
CA ASP X 32 23.02 47.09 -2.06
C ASP X 32 22.38 47.46 -3.40
N PHE X 33 22.32 46.48 -4.31
CA PHE X 33 21.72 46.72 -5.66
C PHE X 33 20.23 47.02 -5.49
N LEU X 34 19.70 47.97 -6.28
CA LEU X 34 18.24 48.26 -6.25
C LEU X 34 17.52 47.10 -6.93
N PRO X 35 16.21 46.87 -6.70
CA PRO X 35 15.51 45.79 -7.42
C PRO X 35 15.55 46.07 -8.92
N GLY X 36 15.92 45.07 -9.73
CA GLY X 36 16.00 45.23 -11.19
C GLY X 36 17.27 45.96 -11.60
N GLU X 37 18.15 46.25 -10.64
CA GLU X 37 19.38 47.02 -10.93
C GLU X 37 20.58 46.05 -10.97
N VAL X 38 20.33 44.75 -10.96
CA VAL X 38 21.43 43.75 -11.07
C VAL X 38 21.32 43.02 -12.43
N ASP X 39 20.13 43.04 -13.03
CA ASP X 39 19.91 42.31 -14.32
C ASP X 39 20.33 43.22 -15.48
N ASP X 40 20.37 44.53 -15.24
CA ASP X 40 20.78 45.49 -16.27
C ASP X 40 22.29 45.42 -16.54
N LEU X 41 23.10 45.02 -15.56
CA LEU X 41 24.52 44.92 -15.86
C LEU X 41 24.83 43.74 -16.79
N THR X 42 23.86 42.86 -17.06
CA THR X 42 24.11 41.69 -17.87
C THR X 42 23.18 41.57 -19.08
N ASP X 43 22.96 42.71 -19.72
CA ASP X 43 22.22 42.68 -21.00
C ASP X 43 23.29 42.71 -22.09
N SER X 44 22.92 42.94 -23.34
CA SER X 44 23.80 42.99 -24.49
C SER X 44 24.52 41.67 -24.72
N ASP X 45 24.09 40.59 -24.07
CA ASP X 45 24.70 39.29 -24.24
C ASP X 45 24.05 38.54 -25.40
N TRP X 46 24.52 37.31 -25.64
CA TRP X 46 23.96 36.48 -26.75
C TRP X 46 22.43 36.55 -26.73
#